data_6Q2O
#
_entry.id   6Q2O
#
_cell.length_a   1.00
_cell.length_b   1.00
_cell.length_c   1.00
_cell.angle_alpha   90.00
_cell.angle_beta   90.00
_cell.angle_gamma   90.00
#
_symmetry.space_group_name_H-M   'P 1'
#
loop_
_entity.id
_entity.type
_entity.pdbx_description
1 polymer Neurturin
2 polymer 'GDNF family receptor alpha-2'
3 polymer 'Proto-oncogene tyrosine-protein kinase receptor Ret'
4 non-polymer 'CALCIUM ION'
5 non-polymer 2-acetamido-2-deoxy-beta-D-glucopyranose
#
loop_
_entity_poly.entity_id
_entity_poly.type
_entity_poly.pdbx_seq_one_letter_code
_entity_poly.pdbx_strand_id
1 'polypeptide(L)'
;ARLGARPCGLRELEVRVSELGLGYASDETVLFRYCAGACEAAARVYDLGLRRLRQRRRLRRERVRAQPCCRPTAYEDEVS
FLDAHSRYHTVHELSARECACV
;
A,B
2 'polypeptide(L)'
;SSLQGPELHGWRPPVDCVRANELCAAESNCSSRYRTLRQCLAGRDRNTMLANKECQAALEVLQESPLYDCRCKRGMKKEL
QCLQIYWSIHLGLTEGEEFYEASPYEPVTSRLSDIFRLASIFSGTGADPVVSAKSNHCLDAAKACNLNDNCKKLRSSYIS
ICNREISPTERCNRRKCHKALRQFFDRVPSEYTYRMLFCSCQDQACAERRRQTILPSCSYEDKEKPNCLDLRGVCRTDHL
CRSRLADFHANCRASYQTVTSCPADNYQACLGSYAGMIGFDMTPNYVDSSPTGIVVSPWCSCRGSGNMEEECEKFLRDFT
ENPCLRNAIQAFGNGTDVNGTHHHHHHHH
;
C,D
3 'polypeptide(L)'
;LYFSRDAYWEKLYVDQAAGTPLLYVHALRDAPEEVPSFRLGQHLYGTYRTRLHENNWICIQEDTGLLYLNRSLDHSSWEK
LSVRNHGFPLLTVYLKVFLSPTSLREGECQWPGCARVYFSFFNTSFPACSSLKPRELCFPETRPSFRIRENRPPGTFHQF
RLLPVQFLCPNISVAYRLLEGEGLPFRCAPDSLEVSTRWALDREQREKYELVAVCTVHAGAREEVVMVPFPVTVYDEDDS
APTFPAGVDTASAVVEFKRKEDTVVATLRVFDADVVPASGELVRRYTSTLLPGDTWAQQTFRVEHWPNETSVQANGSFVR
ATVHDYRLVLNRNLSISENRTMQLAVLVNDSDFQGPGAGVLLLHFNVSVLPVSLHLPSTYSLSVSRRARRFAQIGKVCVE
NCQAFSGINVQYKLHSSGANCSTLGVVTSAEDTSGILFVNDTKALRRPKCAELHYMVVATDQQTSRQAQAQLLVTVEGSY
VAEEAGCPLSCAVSKRRLECEECGGLGSPTGRCEWRQGDGKGITRNFSTCSPSTKTCPDGHCDVVETQDINICPQDCLRG
SIVGGHEPGEPRGIKAGYGTCNCFPEEEKCFCEPEDIQDPLCDELCRGTHHHHHHHH
;
E,F
#
loop_
_chem_comp.id
_chem_comp.type
_chem_comp.name
_chem_comp.formula
CA non-polymer 'CALCIUM ION' 'Ca 2'
NAG D-saccharide, beta linking 2-acetamido-2-deoxy-beta-D-glucopyranose 'C8 H15 N O6'
#
# COMPACT_ATOMS: atom_id res chain seq x y z
N ALA A 5 -8.08 -10.52 -33.38
CA ALA A 5 -8.35 -10.66 -31.95
C ALA A 5 -8.34 -9.29 -31.27
N ARG A 6 -8.96 -9.23 -30.09
CA ARG A 6 -9.09 -8.00 -29.32
C ARG A 6 -8.52 -8.21 -27.93
N PRO A 7 -7.82 -7.23 -27.37
CA PRO A 7 -7.20 -7.40 -26.05
C PRO A 7 -8.24 -7.44 -24.94
N CYS A 8 -7.87 -8.10 -23.85
CA CYS A 8 -8.80 -8.38 -22.77
C CYS A 8 -9.08 -7.11 -21.96
N GLY A 9 -10.35 -6.87 -21.69
CA GLY A 9 -10.77 -5.72 -20.94
C GLY A 9 -12.23 -5.82 -20.56
N LEU A 10 -12.74 -4.70 -20.05
CA LEU A 10 -14.13 -4.62 -19.62
C LEU A 10 -15.07 -4.62 -20.81
N ARG A 11 -16.14 -5.40 -20.68
CA ARG A 11 -17.27 -5.35 -21.61
C ARG A 11 -18.53 -5.19 -20.78
N GLU A 12 -19.53 -4.55 -21.38
CA GLU A 12 -20.76 -4.21 -20.67
C GLU A 12 -21.96 -4.90 -21.29
N LEU A 13 -22.99 -5.08 -20.47
CA LEU A 13 -24.23 -5.69 -20.90
C LEU A 13 -25.35 -5.21 -19.96
N GLU A 14 -26.57 -5.22 -20.46
CA GLU A 14 -27.74 -4.84 -19.67
C GLU A 14 -28.70 -6.02 -19.62
N VAL A 15 -28.90 -6.58 -18.43
CA VAL A 15 -29.67 -7.81 -18.30
C VAL A 15 -30.77 -7.66 -17.26
N ARG A 16 -31.84 -8.42 -17.46
CA ARG A 16 -32.83 -8.59 -16.41
C ARG A 16 -32.26 -9.44 -15.29
N VAL A 17 -32.81 -9.24 -14.08
CA VAL A 17 -32.31 -9.98 -12.92
C VAL A 17 -32.73 -11.44 -13.00
N SER A 18 -33.90 -11.72 -13.56
CA SER A 18 -34.35 -13.11 -13.71
C SER A 18 -33.56 -13.87 -14.75
N GLU A 19 -32.84 -13.20 -15.64
CA GLU A 19 -32.01 -13.86 -16.62
C GLU A 19 -30.67 -14.32 -16.06
N LEU A 20 -30.29 -13.87 -14.87
CA LEU A 20 -29.03 -14.30 -14.27
C LEU A 20 -29.09 -15.71 -13.73
N GLY A 21 -30.29 -16.27 -13.55
CA GLY A 21 -30.43 -17.63 -13.09
C GLY A 21 -30.08 -17.85 -11.64
N LEU A 22 -30.04 -16.80 -10.84
CA LEU A 22 -29.76 -16.92 -9.41
C LEU A 22 -30.96 -17.36 -8.61
N GLY A 23 -32.17 -17.25 -9.16
CA GLY A 23 -33.38 -17.59 -8.45
C GLY A 23 -34.26 -16.42 -8.08
N TYR A 24 -33.78 -15.19 -8.25
CA TYR A 24 -34.58 -14.02 -7.94
C TYR A 24 -35.65 -13.83 -9.00
N ALA A 25 -36.89 -13.63 -8.56
CA ALA A 25 -38.00 -13.39 -9.47
C ALA A 25 -38.29 -11.89 -9.50
N SER A 26 -37.50 -11.18 -10.28
CA SER A 26 -37.63 -9.74 -10.44
C SER A 26 -37.64 -9.39 -11.93
N ASP A 27 -37.91 -8.11 -12.22
CA ASP A 27 -37.97 -7.64 -13.59
C ASP A 27 -37.15 -6.38 -13.83
N GLU A 28 -36.35 -5.95 -12.85
CA GLU A 28 -35.52 -4.77 -13.07
C GLU A 28 -34.32 -5.11 -13.92
N THR A 29 -33.67 -4.08 -14.44
CA THR A 29 -32.53 -4.22 -15.33
C THR A 29 -31.27 -3.77 -14.61
N VAL A 30 -30.23 -4.59 -14.66
CA VAL A 30 -28.95 -4.28 -14.05
C VAL A 30 -27.87 -4.24 -15.12
N LEU A 31 -26.82 -3.48 -14.81
CA LEU A 31 -25.66 -3.32 -15.67
C LEU A 31 -24.60 -4.31 -15.24
N PHE A 32 -24.05 -5.05 -16.20
CA PHE A 32 -23.17 -6.18 -15.94
C PHE A 32 -21.87 -5.96 -16.69
N ARG A 33 -20.79 -5.73 -15.96
CA ARG A 33 -19.47 -5.48 -16.53
C ARG A 33 -18.59 -6.70 -16.28
N TYR A 34 -18.27 -7.43 -17.34
CA TYR A 34 -17.41 -8.60 -17.25
C TYR A 34 -16.07 -8.33 -17.93
N CYS A 35 -15.16 -9.30 -17.80
CA CYS A 35 -13.86 -9.26 -18.46
C CYS A 35 -13.87 -10.22 -19.64
N ALA A 36 -13.35 -9.78 -20.78
CA ALA A 36 -13.34 -10.63 -21.96
C ALA A 36 -12.18 -10.26 -22.86
N GLY A 37 -11.74 -11.23 -23.65
CA GLY A 37 -10.65 -11.03 -24.59
C GLY A 37 -9.73 -12.23 -24.60
N ALA A 38 -8.54 -12.03 -25.16
CA ALA A 38 -7.55 -13.07 -25.27
C ALA A 38 -6.17 -12.49 -24.98
N CYS A 39 -5.40 -13.16 -24.14
CA CYS A 39 -4.06 -12.74 -23.78
C CYS A 39 -3.03 -13.42 -24.68
N GLU A 40 -2.21 -12.62 -25.33
CA GLU A 40 -1.16 -13.13 -26.21
C GLU A 40 0.20 -12.58 -25.80
N ALA A 41 0.24 -11.32 -25.42
CA ALA A 41 1.48 -10.60 -25.14
C ALA A 41 1.68 -10.44 -23.63
N ALA A 42 1.33 -11.47 -22.86
CA ALA A 42 1.52 -11.45 -21.42
C ALA A 42 2.20 -12.70 -20.90
N ALA A 43 2.62 -13.62 -21.77
CA ALA A 43 3.32 -14.82 -21.33
C ALA A 43 4.73 -14.47 -20.87
N ARG A 44 5.22 -15.23 -19.90
CA ARG A 44 6.53 -15.01 -19.32
C ARG A 44 7.38 -16.27 -19.45
N VAL A 45 8.56 -16.24 -18.84
CA VAL A 45 9.49 -17.36 -18.93
C VAL A 45 8.98 -18.53 -18.09
N TYR A 46 8.29 -18.22 -16.99
CA TYR A 46 7.60 -19.22 -16.17
C TYR A 46 6.60 -20.02 -16.98
N ASP A 47 5.90 -19.37 -17.90
CA ASP A 47 4.88 -20.03 -18.70
C ASP A 47 5.49 -21.03 -19.66
N LEU A 48 6.56 -20.62 -20.36
CA LEU A 48 7.27 -21.50 -21.27
C LEU A 48 7.91 -22.67 -20.53
N GLY A 49 8.50 -22.39 -19.36
CA GLY A 49 9.12 -23.45 -18.59
C GLY A 49 8.13 -24.48 -18.07
N LEU A 50 6.99 -24.02 -17.54
CA LEU A 50 5.98 -24.95 -17.04
C LEU A 50 5.30 -25.70 -18.17
N ARG A 51 5.17 -25.07 -19.34
CA ARG A 51 4.60 -25.76 -20.49
C ARG A 51 5.53 -26.85 -21.01
N ARG A 52 6.84 -26.56 -21.09
CA ARG A 52 7.80 -27.57 -21.51
C ARG A 52 7.93 -28.69 -20.49
N LEU A 53 7.77 -28.38 -19.20
CA LEU A 53 7.78 -29.45 -18.20
C LEU A 53 6.50 -30.28 -18.25
N ARG A 54 5.37 -29.70 -18.68
CA ARG A 54 4.19 -30.53 -18.91
C ARG A 54 4.38 -31.43 -20.12
N GLN A 55 5.04 -30.93 -21.17
CA GLN A 55 5.21 -31.69 -22.40
C GLN A 55 6.08 -32.94 -22.23
N ARG A 56 6.95 -32.97 -21.22
CA ARG A 56 7.75 -34.16 -20.94
C ARG A 56 7.11 -35.06 -19.90
N ARG A 57 5.90 -34.75 -19.45
CA ARG A 57 5.17 -35.45 -18.38
C ARG A 57 5.98 -35.55 -17.09
N ARG A 58 6.77 -34.51 -16.81
CA ARG A 58 7.57 -34.47 -15.59
C ARG A 58 6.72 -34.22 -14.35
N LEU A 59 5.54 -33.62 -14.53
CA LEU A 59 4.68 -33.25 -13.42
C LEU A 59 4.06 -34.48 -12.75
N ARG A 60 3.44 -34.23 -11.60
CA ARG A 60 2.85 -35.29 -10.79
C ARG A 60 1.37 -35.54 -11.11
N ARG A 61 0.97 -35.19 -12.34
CA ARG A 61 -0.38 -35.42 -12.90
C ARG A 61 -1.45 -34.72 -12.05
N GLU A 62 -1.35 -33.39 -12.04
CA GLU A 62 -2.31 -32.53 -11.36
C GLU A 62 -2.87 -31.52 -12.36
N ARG A 63 -3.68 -30.60 -11.86
CA ARG A 63 -4.28 -29.57 -12.68
C ARG A 63 -3.42 -28.30 -12.60
N VAL A 64 -2.64 -28.05 -13.64
CA VAL A 64 -1.83 -26.85 -13.71
C VAL A 64 -2.31 -26.00 -14.88
N ARG A 65 -1.91 -24.73 -14.87
CA ARG A 65 -2.40 -23.74 -15.82
C ARG A 65 -1.21 -23.10 -16.51
N ALA A 66 -1.02 -23.41 -17.80
CA ALA A 66 0.10 -22.89 -18.57
C ALA A 66 -0.34 -21.90 -19.64
N GLN A 67 -1.47 -21.21 -19.44
CA GLN A 67 -1.87 -20.09 -20.27
C GLN A 67 -2.53 -19.10 -19.31
N PRO A 68 -2.18 -17.81 -19.38
CA PRO A 68 -2.77 -16.84 -18.45
C PRO A 68 -4.24 -16.56 -18.73
N CYS A 69 -5.13 -17.02 -17.86
CA CYS A 69 -6.54 -16.71 -18.06
C CYS A 69 -6.82 -15.31 -17.54
N CYS A 70 -7.77 -14.63 -18.17
CA CYS A 70 -8.04 -13.22 -17.91
C CYS A 70 -9.21 -13.10 -16.94
N ARG A 71 -8.92 -12.71 -15.71
CA ARG A 71 -9.88 -12.62 -14.62
C ARG A 71 -9.91 -11.19 -14.08
N PRO A 72 -11.02 -10.79 -13.45
CA PRO A 72 -11.05 -9.47 -12.79
C PRO A 72 -10.09 -9.40 -11.61
N THR A 73 -9.68 -8.17 -11.31
CA THR A 73 -8.87 -7.89 -10.14
C THR A 73 -9.72 -7.45 -8.96
N ALA A 74 -10.61 -6.48 -9.17
CA ALA A 74 -11.55 -6.05 -8.15
C ALA A 74 -12.96 -6.15 -8.70
N TYR A 75 -13.93 -6.00 -7.80
CA TYR A 75 -15.35 -6.13 -8.12
C TYR A 75 -16.10 -4.93 -7.56
N GLU A 76 -17.32 -4.74 -8.05
CA GLU A 76 -18.18 -3.71 -7.51
C GLU A 76 -18.76 -4.15 -6.17
N ASP A 77 -19.30 -3.19 -5.42
CA ASP A 77 -19.69 -3.47 -4.05
C ASP A 77 -21.06 -4.12 -3.96
N GLU A 78 -22.11 -3.40 -4.35
CA GLU A 78 -23.49 -3.82 -4.08
C GLU A 78 -24.39 -3.46 -5.24
N VAL A 79 -25.33 -4.35 -5.56
CA VAL A 79 -26.42 -4.05 -6.47
C VAL A 79 -27.72 -4.44 -5.77
N SER A 80 -28.60 -3.47 -5.55
CA SER A 80 -29.87 -3.72 -4.88
C SER A 80 -31.02 -3.60 -5.86
N PHE A 81 -32.07 -4.36 -5.61
CA PHE A 81 -33.24 -4.36 -6.50
C PHE A 81 -34.47 -4.80 -5.72
N LEU A 82 -35.61 -4.75 -6.40
CA LEU A 82 -36.91 -5.14 -5.85
C LEU A 82 -37.53 -6.18 -6.77
N ASP A 83 -38.43 -6.99 -6.22
CA ASP A 83 -38.94 -8.17 -6.93
C ASP A 83 -40.46 -8.13 -7.03
N ALA A 84 -41.04 -9.25 -7.47
CA ALA A 84 -42.48 -9.36 -7.67
C ALA A 84 -43.26 -9.49 -6.37
N HIS A 85 -42.60 -9.67 -5.23
CA HIS A 85 -43.28 -9.78 -3.95
C HIS A 85 -43.02 -8.60 -3.04
N SER A 86 -42.49 -7.49 -3.58
CA SER A 86 -42.12 -6.28 -2.85
C SER A 86 -41.16 -6.59 -1.70
N ARG A 87 -39.98 -7.08 -2.08
CA ARG A 87 -38.97 -7.52 -1.12
C ARG A 87 -37.61 -7.20 -1.71
N TYR A 88 -36.90 -6.25 -1.12
CA TYR A 88 -35.60 -5.85 -1.66
C TYR A 88 -34.56 -6.94 -1.48
N HIS A 89 -33.59 -6.96 -2.39
CA HIS A 89 -32.50 -7.91 -2.36
C HIS A 89 -31.21 -7.19 -2.74
N THR A 90 -30.14 -7.51 -2.03
CA THR A 90 -28.82 -6.93 -2.25
C THR A 90 -27.86 -8.02 -2.64
N VAL A 91 -27.21 -7.87 -3.79
CA VAL A 91 -26.23 -8.82 -4.30
C VAL A 91 -24.85 -8.18 -4.18
N HIS A 92 -23.93 -8.86 -3.51
CA HIS A 92 -22.57 -8.39 -3.34
C HIS A 92 -21.67 -8.97 -4.43
N GLU A 93 -20.89 -8.10 -5.07
CA GLU A 93 -19.84 -8.44 -6.04
C GLU A 93 -20.40 -9.23 -7.22
N LEU A 94 -21.27 -8.58 -7.98
CA LEU A 94 -21.85 -9.20 -9.16
C LEU A 94 -21.06 -8.91 -10.42
N SER A 95 -20.50 -7.71 -10.55
CA SER A 95 -19.78 -7.32 -11.75
C SER A 95 -18.38 -6.82 -11.39
N ALA A 96 -17.56 -6.68 -12.43
CA ALA A 96 -16.15 -6.33 -12.29
C ALA A 96 -15.93 -4.83 -12.48
N ARG A 97 -14.82 -4.35 -11.94
CA ARG A 97 -14.38 -2.98 -12.16
C ARG A 97 -13.05 -2.89 -12.89
N GLU A 98 -12.12 -3.82 -12.66
CA GLU A 98 -10.79 -3.77 -13.26
C GLU A 98 -10.49 -5.13 -13.88
N CYS A 99 -10.19 -5.13 -15.17
CA CYS A 99 -9.74 -6.34 -15.86
C CYS A 99 -8.23 -6.31 -15.99
N ALA A 100 -7.59 -7.42 -15.63
CA ALA A 100 -6.16 -7.56 -15.78
C ALA A 100 -5.85 -8.98 -16.20
N CYS A 101 -4.76 -9.15 -16.94
CA CYS A 101 -4.36 -10.46 -17.45
C CYS A 101 -3.42 -11.13 -16.43
N VAL A 102 -4.02 -11.57 -15.34
CA VAL A 102 -3.29 -12.24 -14.28
C VAL A 102 -3.45 -13.74 -14.41
N ALA B 5 -9.21 -34.33 -3.70
CA ALA B 5 -8.55 -33.19 -4.28
C ALA B 5 -7.75 -32.42 -3.23
N ARG B 6 -6.79 -31.62 -3.68
CA ARG B 6 -5.91 -30.85 -2.82
C ARG B 6 -5.99 -29.37 -3.18
N PRO B 7 -5.97 -28.48 -2.20
CA PRO B 7 -6.10 -27.05 -2.49
C PRO B 7 -4.87 -26.50 -3.18
N CYS B 8 -5.08 -25.41 -3.93
CA CYS B 8 -4.02 -24.87 -4.78
C CYS B 8 -2.99 -24.14 -3.95
N GLY B 9 -1.73 -24.40 -4.23
CA GLY B 9 -0.63 -23.79 -3.52
C GLY B 9 0.69 -24.07 -4.20
N LEU B 10 1.76 -23.71 -3.50
CA LEU B 10 3.11 -23.91 -4.01
C LEU B 10 3.49 -25.38 -4.02
N ARG B 11 4.10 -25.81 -5.12
CA ARG B 11 4.74 -27.10 -5.21
C ARG B 11 6.16 -26.88 -5.71
N GLU B 12 7.06 -27.78 -5.32
CA GLU B 12 8.47 -27.62 -5.61
C GLU B 12 8.99 -28.76 -6.47
N LEU B 13 10.07 -28.47 -7.20
CA LEU B 13 10.70 -29.45 -8.07
C LEU B 13 12.16 -29.04 -8.24
N GLU B 14 13.03 -30.00 -8.55
CA GLU B 14 14.44 -29.74 -8.80
C GLU B 14 14.77 -30.22 -10.20
N VAL B 15 15.13 -29.30 -11.09
CA VAL B 15 15.30 -29.63 -12.50
C VAL B 15 16.65 -29.14 -13.01
N ARG B 16 17.17 -29.85 -14.00
CA ARG B 16 18.30 -29.36 -14.77
C ARG B 16 17.85 -28.18 -15.63
N VAL B 17 18.81 -27.30 -15.95
CA VAL B 17 18.50 -26.13 -16.75
C VAL B 17 18.20 -26.53 -18.20
N SER B 18 18.88 -27.56 -18.70
CA SER B 18 18.63 -28.01 -20.07
C SER B 18 17.28 -28.71 -20.22
N GLU B 19 16.66 -29.13 -19.13
CA GLU B 19 15.33 -29.73 -19.19
C GLU B 19 14.21 -28.70 -19.30
N LEU B 20 14.50 -27.42 -19.08
CA LEU B 20 13.48 -26.40 -19.20
C LEU B 20 13.13 -26.08 -20.64
N GLY B 21 13.96 -26.49 -21.59
CA GLY B 21 13.68 -26.26 -23.00
C GLY B 21 13.80 -24.84 -23.46
N LEU B 22 14.48 -23.99 -22.70
CA LEU B 22 14.67 -22.60 -23.09
C LEU B 22 15.80 -22.42 -24.10
N GLY B 23 16.66 -23.43 -24.27
CA GLY B 23 17.78 -23.35 -25.18
C GLY B 23 19.14 -23.26 -24.51
N TYR B 24 19.19 -23.08 -23.19
CA TYR B 24 20.46 -23.02 -22.48
C TYR B 24 21.07 -24.41 -22.39
N ALA B 25 22.34 -24.52 -22.75
CA ALA B 25 23.06 -25.79 -22.67
C ALA B 25 23.92 -25.78 -21.40
N SER B 26 23.27 -26.07 -20.28
CA SER B 26 23.93 -26.13 -18.99
C SER B 26 23.56 -27.43 -18.29
N ASP B 27 24.22 -27.68 -17.15
CA ASP B 27 23.99 -28.89 -16.38
C ASP B 27 23.74 -28.62 -14.90
N GLU B 28 23.58 -27.36 -14.50
CA GLU B 28 23.31 -27.08 -13.10
C GLU B 28 21.84 -27.38 -12.78
N THR B 29 21.55 -27.47 -11.49
CA THR B 29 20.23 -27.80 -11.00
C THR B 29 19.61 -26.57 -10.35
N VAL B 30 18.38 -26.26 -10.73
CA VAL B 30 17.64 -25.13 -10.18
C VAL B 30 16.38 -25.64 -9.49
N LEU B 31 15.93 -24.84 -8.53
CA LEU B 31 14.71 -25.11 -7.77
C LEU B 31 13.56 -24.37 -8.42
N PHE B 32 12.46 -25.08 -8.65
CA PHE B 32 11.34 -24.59 -9.45
C PHE B 32 10.07 -24.69 -8.61
N ARG B 33 9.52 -23.54 -8.23
CA ARG B 33 8.31 -23.48 -7.41
C ARG B 33 7.15 -23.01 -8.28
N TYR B 34 6.21 -23.90 -8.54
CA TYR B 34 5.04 -23.57 -9.34
C TYR B 34 3.79 -23.59 -8.47
N CYS B 35 2.66 -23.19 -9.07
CA CYS B 35 1.36 -23.23 -8.43
C CYS B 35 0.55 -24.39 -8.98
N ALA B 36 -0.10 -25.15 -8.11
CA ALA B 36 -0.86 -26.30 -8.56
C ALA B 36 -2.00 -26.58 -7.59
N GLY B 37 -3.05 -27.20 -8.12
CA GLY B 37 -4.20 -27.58 -7.33
C GLY B 37 -5.48 -27.31 -8.10
N ALA B 38 -6.59 -27.29 -7.36
CA ALA B 38 -7.91 -27.08 -7.95
C ALA B 38 -8.72 -26.18 -7.03
N CYS B 39 -9.36 -25.16 -7.60
CA CYS B 39 -10.18 -24.22 -6.85
C CYS B 39 -11.63 -24.67 -6.89
N GLU B 40 -12.23 -24.82 -5.71
CA GLU B 40 -13.62 -25.22 -5.59
C GLU B 40 -14.40 -24.23 -4.74
N ALA B 41 -13.77 -23.73 -3.69
CA ALA B 41 -14.41 -22.88 -2.70
C ALA B 41 -14.00 -21.43 -2.88
N ALA B 42 -13.86 -20.99 -4.13
CA ALA B 42 -13.50 -19.61 -4.43
C ALA B 42 -14.42 -18.97 -5.46
N ALA B 43 -15.46 -19.68 -5.91
CA ALA B 43 -16.39 -19.12 -6.88
C ALA B 43 -17.27 -18.07 -6.22
N ARG B 44 -17.66 -17.06 -6.99
CA ARG B 44 -18.46 -15.96 -6.49
C ARG B 44 -19.75 -15.85 -7.32
N VAL B 45 -20.52 -14.80 -7.05
CA VAL B 45 -21.80 -14.60 -7.73
C VAL B 45 -21.56 -14.18 -9.18
N TYR B 46 -20.47 -13.45 -9.42
CA TYR B 46 -20.03 -13.11 -10.76
C TYR B 46 -19.79 -14.34 -11.63
N ASP B 47 -19.25 -15.40 -11.02
CA ASP B 47 -18.95 -16.62 -11.75
C ASP B 47 -20.22 -17.33 -12.20
N LEU B 48 -21.19 -17.46 -11.28
CA LEU B 48 -22.47 -18.07 -11.61
C LEU B 48 -23.24 -17.25 -12.63
N GLY B 49 -23.20 -15.92 -12.50
CA GLY B 49 -23.90 -15.07 -13.45
C GLY B 49 -23.31 -15.14 -14.84
N LEU B 50 -21.98 -15.09 -14.95
CA LEU B 50 -21.34 -15.15 -16.26
C LEU B 50 -21.48 -16.55 -16.87
N ARG B 51 -21.51 -17.59 -16.05
CA ARG B 51 -21.72 -18.94 -16.56
C ARG B 51 -23.14 -19.12 -17.10
N ARG B 52 -24.14 -18.61 -16.38
CA ARG B 52 -25.52 -18.69 -16.85
C ARG B 52 -25.74 -17.83 -18.08
N LEU B 53 -25.02 -16.69 -18.19
CA LEU B 53 -25.12 -15.90 -19.42
C LEU B 53 -24.41 -16.57 -20.59
N ARG B 54 -23.37 -17.38 -20.33
CA ARG B 54 -22.81 -18.18 -21.42
C ARG B 54 -23.76 -19.27 -21.86
N GLN B 55 -24.47 -19.89 -20.90
CA GLN B 55 -25.35 -21.00 -21.22
C GLN B 55 -26.55 -20.61 -22.09
N ARG B 56 -26.94 -19.34 -22.09
CA ARG B 56 -28.01 -18.87 -22.97
C ARG B 56 -27.49 -18.29 -24.28
N ARG B 57 -26.18 -18.37 -24.52
CA ARG B 57 -25.49 -17.80 -25.68
C ARG B 57 -25.75 -16.30 -25.83
N ARG B 58 -25.89 -15.59 -24.70
CA ARG B 58 -26.13 -14.16 -24.71
C ARG B 58 -24.88 -13.38 -25.10
N LEU B 59 -23.70 -13.98 -24.92
CA LEU B 59 -22.43 -13.30 -25.15
C LEU B 59 -22.19 -13.09 -26.65
N ARG B 60 -21.16 -12.29 -26.94
CA ARG B 60 -20.82 -11.92 -28.31
C ARG B 60 -19.80 -12.87 -28.94
N ARG B 61 -19.75 -14.12 -28.45
CA ARG B 61 -18.91 -15.20 -28.96
C ARG B 61 -17.42 -14.82 -28.91
N GLU B 62 -16.95 -14.64 -27.68
CA GLU B 62 -15.55 -14.35 -27.41
C GLU B 62 -15.01 -15.36 -26.42
N ARG B 63 -13.77 -15.16 -25.99
CA ARG B 63 -13.12 -16.07 -25.04
C ARG B 63 -13.28 -15.49 -23.65
N VAL B 64 -14.19 -16.08 -22.87
CA VAL B 64 -14.41 -15.67 -21.49
C VAL B 64 -14.06 -16.84 -20.59
N ARG B 65 -13.86 -16.54 -19.31
CA ARG B 65 -13.36 -17.48 -18.32
C ARG B 65 -14.35 -17.53 -17.16
N ALA B 66 -15.07 -18.64 -17.04
CA ALA B 66 -16.07 -18.82 -15.99
C ALA B 66 -15.67 -19.87 -14.96
N GLN B 67 -14.36 -20.09 -14.78
CA GLN B 67 -13.85 -20.90 -13.68
C GLN B 67 -12.55 -20.21 -13.26
N PRO B 68 -12.34 -19.99 -11.96
CA PRO B 68 -11.11 -19.30 -11.52
C PRO B 68 -9.86 -20.15 -11.69
N CYS B 69 -8.99 -19.79 -12.64
CA CYS B 69 -7.75 -20.54 -12.79
C CYS B 69 -6.75 -20.04 -11.75
N CYS B 70 -5.89 -20.95 -11.29
CA CYS B 70 -4.99 -20.68 -10.17
C CYS B 70 -3.63 -20.29 -10.71
N ARG B 71 -3.27 -19.02 -10.59
CA ARG B 71 -2.04 -18.43 -11.11
C ARG B 71 -1.23 -17.82 -9.98
N PRO B 72 0.08 -17.66 -10.15
CA PRO B 72 0.87 -16.97 -9.15
C PRO B 72 0.52 -15.48 -9.06
N THR B 73 0.79 -14.91 -7.89
CA THR B 73 0.62 -13.48 -7.67
C THR B 73 1.93 -12.73 -7.87
N ALA B 74 3.01 -13.20 -7.24
CA ALA B 74 4.33 -12.64 -7.43
C ALA B 74 5.29 -13.74 -7.87
N TYR B 75 6.48 -13.33 -8.28
CA TYR B 75 7.50 -14.23 -8.80
C TYR B 75 8.84 -13.92 -8.12
N GLU B 76 9.76 -14.86 -8.23
CA GLU B 76 11.10 -14.63 -7.72
C GLU B 76 11.87 -13.71 -8.67
N ASP B 77 12.99 -13.17 -8.19
CA ASP B 77 13.67 -12.12 -8.93
C ASP B 77 14.59 -12.69 -10.01
N GLU B 78 15.63 -13.42 -9.61
CA GLU B 78 16.70 -13.80 -10.52
C GLU B 78 17.21 -15.19 -10.20
N VAL B 79 17.52 -15.97 -11.23
CA VAL B 79 18.26 -17.22 -11.10
C VAL B 79 19.43 -17.18 -12.07
N SER B 80 20.64 -17.26 -11.55
CA SER B 80 21.83 -17.22 -12.38
C SER B 80 22.51 -18.58 -12.40
N PHE B 81 23.17 -18.88 -13.52
CA PHE B 81 23.84 -20.16 -13.67
C PHE B 81 24.96 -20.03 -14.70
N LEU B 82 25.70 -21.12 -14.86
CA LEU B 82 26.83 -21.21 -15.79
C LEU B 82 26.59 -22.41 -16.70
N ASP B 83 27.21 -22.38 -17.89
CA ASP B 83 26.90 -23.35 -18.92
C ASP B 83 28.17 -24.08 -19.39
N ALA B 84 28.03 -24.84 -20.48
CA ALA B 84 29.13 -25.64 -21.01
C ALA B 84 30.18 -24.82 -21.74
N HIS B 85 29.95 -23.53 -21.98
CA HIS B 85 30.92 -22.68 -22.64
C HIS B 85 31.51 -21.62 -21.73
N SER B 86 31.32 -21.77 -20.41
CA SER B 86 31.77 -20.83 -19.37
C SER B 86 31.24 -19.43 -19.62
N ARG B 87 29.91 -19.32 -19.56
CA ARG B 87 29.22 -18.07 -19.87
C ARG B 87 28.00 -18.00 -18.98
N TYR B 88 28.00 -17.07 -18.03
CA TYR B 88 26.90 -16.96 -17.09
C TYR B 88 25.62 -16.48 -17.77
N HIS B 89 24.49 -16.88 -17.22
CA HIS B 89 23.18 -16.49 -17.71
C HIS B 89 22.26 -16.21 -16.54
N THR B 90 21.48 -15.14 -16.65
CA THR B 90 20.54 -14.73 -15.61
C THR B 90 19.14 -14.79 -16.18
N VAL B 91 18.25 -15.53 -15.52
CA VAL B 91 16.86 -15.67 -15.91
C VAL B 91 16.01 -14.93 -14.89
N HIS B 92 15.19 -14.00 -15.38
CA HIS B 92 14.30 -13.21 -14.54
C HIS B 92 12.92 -13.87 -14.47
N GLU B 93 12.41 -14.03 -13.25
CA GLU B 93 11.04 -14.49 -12.97
C GLU B 93 10.76 -15.88 -13.55
N LEU B 94 11.52 -16.86 -13.06
CA LEU B 94 11.34 -18.23 -13.50
C LEU B 94 10.36 -19.01 -12.64
N SER B 95 10.33 -18.76 -11.33
CA SER B 95 9.47 -19.50 -10.42
C SER B 95 8.63 -18.53 -9.60
N ALA B 96 7.64 -19.10 -8.92
CA ALA B 96 6.65 -18.35 -8.16
C ALA B 96 7.02 -18.26 -6.69
N ARG B 97 6.47 -17.26 -6.02
CA ARG B 97 6.59 -17.13 -4.57
C ARG B 97 5.26 -17.22 -3.85
N GLU B 98 4.18 -16.71 -4.43
CA GLU B 98 2.87 -16.68 -3.78
C GLU B 98 1.84 -17.25 -4.74
N CYS B 99 1.13 -18.28 -4.30
CA CYS B 99 0.01 -18.84 -5.06
C CYS B 99 -1.30 -18.32 -4.50
N ALA B 100 -2.16 -17.85 -5.38
CA ALA B 100 -3.48 -17.38 -4.98
C ALA B 100 -4.48 -17.78 -6.06
N CYS B 101 -5.72 -18.00 -5.63
CA CYS B 101 -6.78 -18.42 -6.56
C CYS B 101 -7.48 -17.18 -7.10
N VAL B 102 -6.78 -16.50 -8.00
CA VAL B 102 -7.32 -15.30 -8.64
C VAL B 102 -7.85 -15.64 -10.02
N PRO C 14 -27.47 37.29 -2.95
CA PRO C 14 -27.60 37.03 -1.51
C PRO C 14 -26.42 36.24 -0.96
N VAL C 15 -25.89 36.71 0.18
CA VAL C 15 -24.75 36.09 0.84
C VAL C 15 -25.25 35.14 1.90
N ASP C 16 -24.78 33.89 1.86
CA ASP C 16 -25.20 32.89 2.83
C ASP C 16 -24.60 33.19 4.21
N CYS C 17 -25.13 32.49 5.22
CA CYS C 17 -24.86 32.84 6.60
C CYS C 17 -23.46 32.46 7.07
N VAL C 18 -22.78 31.53 6.37
CA VAL C 18 -21.41 31.20 6.74
C VAL C 18 -20.46 32.31 6.32
N ARG C 19 -20.57 32.77 5.08
CA ARG C 19 -19.80 33.92 4.64
C ARG C 19 -20.22 35.20 5.37
N ALA C 20 -21.49 35.27 5.78
CA ALA C 20 -21.94 36.40 6.60
C ALA C 20 -21.31 36.34 7.99
N ASN C 21 -21.12 35.15 8.54
CA ASN C 21 -20.42 35.01 9.81
C ASN C 21 -18.95 35.36 9.67
N GLU C 22 -18.36 35.05 8.51
CA GLU C 22 -16.97 35.40 8.26
C GLU C 22 -16.79 36.90 8.12
N LEU C 23 -17.70 37.57 7.40
CA LEU C 23 -17.63 39.02 7.29
C LEU C 23 -18.00 39.70 8.60
N CYS C 24 -18.81 39.05 9.44
CA CYS C 24 -19.04 39.55 10.78
C CYS C 24 -17.80 39.41 11.65
N ALA C 25 -17.00 38.38 11.42
CA ALA C 25 -15.76 38.18 12.15
C ALA C 25 -14.66 39.16 11.75
N ALA C 26 -14.83 39.91 10.66
CA ALA C 26 -13.85 40.90 10.23
C ALA C 26 -13.97 42.21 10.98
N GLU C 27 -15.00 42.39 11.80
CA GLU C 27 -15.19 43.60 12.59
C GLU C 27 -15.40 43.23 14.04
N SER C 28 -15.40 44.26 14.90
CA SER C 28 -15.48 44.04 16.34
C SER C 28 -16.85 44.37 16.90
N ASN C 29 -17.49 45.45 16.41
CA ASN C 29 -18.76 45.90 16.98
C ASN C 29 -19.90 44.94 16.63
N CYS C 30 -19.97 44.53 15.37
CA CYS C 30 -21.02 43.62 14.94
C CYS C 30 -20.85 42.24 15.56
N SER C 31 -19.60 41.77 15.69
CA SER C 31 -19.33 40.50 16.36
C SER C 31 -19.66 40.57 17.84
N SER C 32 -19.38 41.72 18.47
CA SER C 32 -19.70 41.88 19.89
C SER C 32 -21.21 41.88 20.12
N ARG C 33 -21.96 42.56 19.25
CA ARG C 33 -23.42 42.55 19.39
C ARG C 33 -24.01 41.19 19.05
N TYR C 34 -23.41 40.46 18.10
CA TYR C 34 -23.88 39.11 17.78
C TYR C 34 -23.65 38.15 18.93
N ARG C 35 -22.46 38.19 19.55
CA ARG C 35 -22.20 37.34 20.71
C ARG C 35 -23.04 37.78 21.92
N THR C 36 -23.35 39.08 22.02
CA THR C 36 -24.22 39.57 23.08
C THR C 36 -25.63 39.00 22.95
N LEU C 37 -26.20 39.08 21.74
CA LEU C 37 -27.54 38.53 21.53
C LEU C 37 -27.55 37.01 21.63
N ARG C 38 -26.45 36.35 21.25
CA ARG C 38 -26.38 34.90 21.38
C ARG C 38 -26.29 34.47 22.84
N GLN C 39 -25.59 35.25 23.67
CA GLN C 39 -25.56 34.94 25.10
C GLN C 39 -26.87 35.31 25.78
N CYS C 40 -27.59 36.31 25.27
CA CYS C 40 -28.88 36.65 25.87
C CYS C 40 -29.96 35.63 25.52
N LEU C 41 -30.00 35.17 24.27
CA LEU C 41 -31.05 34.25 23.86
C LEU C 41 -30.77 32.83 24.34
N ALA C 42 -29.68 32.23 23.88
CA ALA C 42 -29.36 30.86 24.24
C ALA C 42 -28.66 30.78 25.59
N ASN C 52 -35.09 43.99 27.05
CA ASN C 52 -35.00 45.13 27.94
C ASN C 52 -34.33 46.31 27.23
N LYS C 53 -33.09 46.57 27.59
CA LYS C 53 -32.30 47.64 26.97
C LYS C 53 -31.03 47.13 26.32
N GLU C 54 -30.61 45.89 26.61
CA GLU C 54 -29.45 45.30 25.96
C GLU C 54 -29.85 44.53 24.70
N CYS C 55 -30.92 43.74 24.79
CA CYS C 55 -31.36 42.93 23.67
C CYS C 55 -31.91 43.79 22.54
N GLN C 56 -32.62 44.87 22.88
CA GLN C 56 -33.14 45.76 21.85
C GLN C 56 -32.01 46.53 21.16
N ALA C 57 -30.96 46.90 21.89
CA ALA C 57 -29.81 47.54 21.28
C ALA C 57 -29.07 46.58 20.35
N ALA C 58 -28.90 45.32 20.79
CA ALA C 58 -28.26 44.33 19.93
C ALA C 58 -29.09 44.04 18.68
N LEU C 59 -30.42 44.04 18.82
CA LEU C 59 -31.29 43.83 17.68
C LEU C 59 -31.24 45.00 16.71
N GLU C 60 -31.27 46.24 17.21
CA GLU C 60 -31.24 47.38 16.32
C GLU C 60 -29.86 47.61 15.71
N VAL C 61 -28.81 47.00 16.28
CA VAL C 61 -27.55 46.92 15.55
C VAL C 61 -27.62 45.86 14.46
N LEU C 62 -28.05 44.64 14.82
CA LEU C 62 -27.96 43.50 13.91
C LEU C 62 -29.03 43.50 12.82
N GLN C 63 -29.98 44.45 12.82
CA GLN C 63 -30.92 44.53 11.70
C GLN C 63 -30.24 45.01 10.41
N GLU C 64 -29.16 45.78 10.52
CA GLU C 64 -28.44 46.24 9.34
C GLU C 64 -27.24 45.35 9.02
N SER C 65 -27.07 44.25 9.74
CA SER C 65 -25.94 43.36 9.54
C SER C 65 -26.16 42.49 8.29
N PRO C 66 -25.06 41.99 7.70
CA PRO C 66 -25.23 40.94 6.66
C PRO C 66 -25.75 39.63 7.20
N LEU C 67 -25.66 39.40 8.53
CA LEU C 67 -26.30 38.26 9.14
C LEU C 67 -27.82 38.36 9.07
N TYR C 68 -28.36 39.58 9.05
CA TYR C 68 -29.78 39.75 8.79
C TYR C 68 -30.06 39.51 7.31
N ASP C 69 -31.17 38.81 7.04
CA ASP C 69 -31.59 38.36 5.71
C ASP C 69 -30.53 37.50 5.02
N CYS C 70 -29.82 36.67 5.78
CA CYS C 70 -28.96 35.66 5.17
C CYS C 70 -29.75 34.38 5.02
N ARG C 71 -29.37 33.59 4.02
CA ARG C 71 -30.06 32.34 3.73
C ARG C 71 -29.06 31.19 3.77
N CYS C 72 -29.55 29.98 3.46
CA CYS C 72 -28.69 28.84 3.28
C CYS C 72 -29.02 28.21 1.93
N LYS C 73 -28.44 27.06 1.62
CA LYS C 73 -28.69 26.40 0.36
C LYS C 73 -28.94 24.92 0.59
N ARG C 74 -29.31 24.22 -0.47
CA ARG C 74 -29.65 22.80 -0.40
C ARG C 74 -28.45 21.96 -0.81
N GLY C 75 -28.00 21.11 0.11
CA GLY C 75 -26.85 20.26 -0.16
C GLY C 75 -25.53 20.99 -0.26
N MET C 76 -25.40 22.11 0.46
CA MET C 76 -24.19 22.91 0.39
C MET C 76 -23.11 22.33 1.31
N LYS C 77 -21.94 22.96 1.30
CA LYS C 77 -20.87 22.60 2.21
C LYS C 77 -21.17 23.17 3.59
N LYS C 78 -21.18 22.29 4.59
CA LYS C 78 -21.45 22.62 6.01
C LYS C 78 -22.81 23.30 6.17
N GLU C 79 -23.86 22.53 5.85
CA GLU C 79 -25.22 23.04 5.92
C GLU C 79 -25.68 23.25 7.35
N LEU C 80 -25.29 22.34 8.25
CA LEU C 80 -25.74 22.38 9.63
C LEU C 80 -25.19 23.60 10.36
N GLN C 81 -23.99 24.07 9.99
CA GLN C 81 -23.45 25.27 10.62
C GLN C 81 -24.20 26.51 10.16
N CYS C 82 -24.60 26.54 8.88
CA CYS C 82 -25.42 27.64 8.37
C CYS C 82 -26.78 27.68 9.06
N LEU C 83 -27.38 26.51 9.28
CA LEU C 83 -28.67 26.48 9.96
C LEU C 83 -28.53 26.78 11.45
N GLN C 84 -27.38 26.50 12.06
CA GLN C 84 -27.16 26.92 13.43
C GLN C 84 -26.94 28.44 13.52
N ILE C 85 -26.36 29.03 12.49
CA ILE C 85 -26.24 30.50 12.46
C ILE C 85 -27.61 31.14 12.28
N TYR C 86 -28.48 30.52 11.47
CA TYR C 86 -29.81 31.10 11.22
C TYR C 86 -30.68 31.08 12.46
N TRP C 87 -30.90 29.91 13.06
CA TRP C 87 -31.89 29.75 14.12
C TRP C 87 -31.42 30.30 15.46
N SER C 88 -30.23 30.87 15.54
CA SER C 88 -29.74 31.49 16.77
C SER C 88 -30.09 32.97 16.88
N ILE C 89 -30.70 33.55 15.83
CA ILE C 89 -31.09 34.95 15.87
C ILE C 89 -32.58 35.07 15.52
N HIS C 90 -33.30 33.95 15.58
CA HIS C 90 -34.75 33.98 15.43
C HIS C 90 -35.38 34.32 16.77
N LEU C 91 -36.24 35.34 16.79
CA LEU C 91 -36.82 35.84 18.02
C LEU C 91 -38.22 35.27 18.19
N GLY C 92 -38.39 34.39 19.18
CA GLY C 92 -39.68 33.79 19.45
C GLY C 92 -40.31 34.28 20.75
N GLU C 98 -47.01 31.20 15.12
CA GLU C 98 -45.85 30.31 15.04
C GLU C 98 -46.21 28.99 14.37
N PHE C 99 -47.35 28.97 13.67
CA PHE C 99 -47.74 27.78 12.92
C PHE C 99 -46.92 27.66 11.65
N TYR C 100 -46.79 28.75 10.90
CA TYR C 100 -45.91 28.81 9.75
C TYR C 100 -44.66 29.62 10.11
N GLU C 101 -43.52 29.22 9.55
CA GLU C 101 -42.25 29.88 9.80
C GLU C 101 -41.55 30.16 8.48
N ALA C 102 -40.66 31.15 8.50
CA ALA C 102 -39.97 31.58 7.30
C ALA C 102 -38.90 30.57 6.91
N SER C 103 -38.88 30.20 5.64
CA SER C 103 -37.92 29.22 5.12
C SER C 103 -36.55 29.85 4.98
N PRO C 104 -35.51 29.29 5.60
CA PRO C 104 -34.15 29.82 5.45
C PRO C 104 -33.39 29.18 4.29
N TYR C 105 -33.86 29.42 3.07
CA TYR C 105 -33.26 28.80 1.91
C TYR C 105 -33.28 29.77 0.74
N GLU C 106 -32.54 29.41 -0.30
CA GLU C 106 -32.54 30.18 -1.54
C GLU C 106 -33.90 30.02 -2.22
N PRO C 107 -34.55 31.12 -2.62
CA PRO C 107 -35.90 31.02 -3.20
C PRO C 107 -35.92 30.38 -4.57
N VAL C 108 -35.81 29.05 -4.61
CA VAL C 108 -35.81 28.32 -5.87
C VAL C 108 -37.22 28.29 -6.45
N ASN C 136 -45.07 0.80 -17.61
CA ASN C 136 -44.75 0.95 -16.20
C ASN C 136 -43.64 1.97 -16.04
N HIS C 137 -43.99 3.14 -15.52
CA HIS C 137 -43.04 4.24 -15.47
C HIS C 137 -42.06 4.11 -14.30
N CYS C 138 -42.51 3.56 -13.18
CA CYS C 138 -41.65 3.47 -12.01
C CYS C 138 -40.57 2.41 -12.20
N LEU C 139 -40.89 1.34 -12.94
CA LEU C 139 -39.89 0.34 -13.29
C LEU C 139 -38.84 0.93 -14.22
N ASP C 140 -39.25 1.80 -15.14
CA ASP C 140 -38.30 2.47 -16.01
C ASP C 140 -37.44 3.47 -15.25
N ALA C 141 -38.01 4.10 -14.22
CA ALA C 141 -37.22 4.99 -13.37
C ALA C 141 -36.18 4.21 -12.57
N ALA C 142 -36.56 3.02 -12.08
CA ALA C 142 -35.60 2.17 -11.38
C ALA C 142 -34.51 1.66 -12.32
N LYS C 143 -34.87 1.37 -13.57
CA LYS C 143 -33.88 1.01 -14.58
C LYS C 143 -32.92 2.16 -14.86
N ALA C 144 -33.44 3.38 -14.99
CA ALA C 144 -32.60 4.54 -15.23
C ALA C 144 -31.73 4.90 -14.03
N CYS C 145 -32.11 4.49 -12.82
CA CYS C 145 -31.22 4.67 -11.69
C CYS C 145 -30.16 3.57 -11.61
N ASN C 146 -30.53 2.33 -11.95
CA ASN C 146 -29.55 1.25 -11.92
C ASN C 146 -28.51 1.37 -13.03
N LEU C 147 -28.88 1.94 -14.19
CA LEU C 147 -27.90 2.08 -15.26
C LEU C 147 -26.92 3.23 -15.01
N ASN C 148 -27.15 4.05 -14.00
CA ASN C 148 -26.17 5.07 -13.62
C ASN C 148 -25.10 4.41 -12.75
N ASP C 149 -24.12 5.21 -12.31
CA ASP C 149 -23.08 4.71 -11.42
C ASP C 149 -23.07 5.43 -10.08
N ASN C 150 -23.74 6.58 -9.99
CA ASN C 150 -23.86 7.27 -8.71
C ASN C 150 -25.17 6.90 -8.02
N CYS C 151 -26.27 6.90 -8.79
CA CYS C 151 -27.57 6.53 -8.26
C CYS C 151 -27.62 5.07 -7.88
N LYS C 152 -26.89 4.20 -8.60
CA LYS C 152 -26.83 2.79 -8.27
C LYS C 152 -26.13 2.56 -6.94
N LYS C 153 -25.00 3.24 -6.73
CA LYS C 153 -24.24 3.08 -5.48
C LYS C 153 -25.01 3.62 -4.29
N LEU C 154 -25.63 4.79 -4.43
CA LEU C 154 -26.36 5.34 -3.28
C LEU C 154 -27.68 4.62 -3.05
N ARG C 155 -28.31 4.11 -4.11
CA ARG C 155 -29.51 3.29 -3.96
C ARG C 155 -29.21 2.01 -3.22
N SER C 156 -28.14 1.31 -3.61
CA SER C 156 -27.77 0.09 -2.93
C SER C 156 -27.28 0.35 -1.52
N SER C 157 -26.72 1.54 -1.27
CA SER C 157 -26.37 1.94 0.09
C SER C 157 -27.59 2.03 0.99
N TYR C 158 -28.62 2.80 0.57
CA TYR C 158 -29.74 2.97 1.51
C TYR C 158 -30.60 1.71 1.57
N ILE C 159 -30.64 0.91 0.50
CA ILE C 159 -31.40 -0.33 0.59
C ILE C 159 -30.71 -1.34 1.48
N SER C 160 -29.38 -1.50 1.35
CA SER C 160 -28.67 -2.46 2.19
C SER C 160 -28.58 -2.01 3.64
N ILE C 161 -28.66 -0.72 3.92
CA ILE C 161 -28.73 -0.30 5.32
C ILE C 161 -30.14 -0.49 5.88
N CYS C 162 -31.17 -0.08 5.15
CA CYS C 162 -32.53 -0.07 5.69
C CYS C 162 -33.19 -1.44 5.70
N ASN C 163 -32.55 -2.48 5.17
CA ASN C 163 -33.15 -3.82 5.10
C ASN C 163 -32.32 -4.82 5.91
N ARG C 164 -31.77 -4.37 7.03
CA ARG C 164 -30.89 -5.18 7.87
C ARG C 164 -31.61 -5.44 9.19
N GLU C 165 -32.28 -6.59 9.29
CA GLU C 165 -33.03 -6.92 10.50
C GLU C 165 -32.10 -7.36 11.61
N ILE C 166 -32.24 -6.72 12.77
CA ILE C 166 -31.32 -6.94 13.87
C ILE C 166 -31.85 -8.01 14.81
N SER C 167 -33.02 -7.78 15.40
CA SER C 167 -33.62 -8.63 16.40
C SER C 167 -35.05 -8.91 16.00
N PRO C 168 -35.72 -9.88 16.64
CA PRO C 168 -37.17 -10.06 16.40
C PRO C 168 -38.04 -8.91 16.90
N THR C 169 -37.51 -7.99 17.71
CA THR C 169 -38.26 -6.81 18.12
C THR C 169 -37.89 -5.57 17.32
N GLU C 170 -36.61 -5.38 17.02
CA GLU C 170 -36.15 -4.23 16.25
C GLU C 170 -36.11 -4.59 14.77
N ARG C 171 -36.92 -3.90 13.96
CA ARG C 171 -37.01 -4.22 12.54
C ARG C 171 -35.75 -3.80 11.80
N CYS C 172 -35.17 -2.65 12.16
CA CYS C 172 -34.05 -2.10 11.44
C CYS C 172 -33.37 -1.05 12.32
N ASN C 173 -32.17 -0.66 11.90
CA ASN C 173 -31.49 0.47 12.52
C ASN C 173 -32.05 1.75 11.93
N ARG C 174 -32.72 2.56 12.76
CA ARG C 174 -33.52 3.67 12.27
C ARG C 174 -32.65 4.83 11.82
N ARG C 175 -31.64 5.19 12.63
CA ARG C 175 -30.87 6.40 12.40
C ARG C 175 -29.99 6.29 11.18
N LYS C 176 -29.37 5.12 10.96
CA LYS C 176 -28.55 4.96 9.77
C LYS C 176 -29.40 4.84 8.51
N CYS C 177 -30.64 4.35 8.64
CA CYS C 177 -31.57 4.33 7.51
C CYS C 177 -31.97 5.74 7.11
N HIS C 178 -32.29 6.59 8.09
CA HIS C 178 -32.62 7.99 7.80
C HIS C 178 -31.42 8.75 7.26
N LYS C 179 -30.23 8.46 7.77
CA LYS C 179 -29.03 9.12 7.28
C LYS C 179 -28.71 8.70 5.84
N ALA C 180 -28.93 7.43 5.51
CA ALA C 180 -28.70 6.97 4.14
C ALA C 180 -29.75 7.53 3.18
N LEU C 181 -30.99 7.70 3.66
CA LEU C 181 -32.02 8.34 2.84
C LEU C 181 -31.69 9.81 2.58
N ARG C 182 -31.18 10.52 3.59
CA ARG C 182 -30.75 11.90 3.39
C ARG C 182 -29.59 11.99 2.41
N GLN C 183 -28.65 11.04 2.50
CA GLN C 183 -27.53 11.04 1.56
C GLN C 183 -27.98 10.73 0.14
N PHE C 184 -29.01 9.90 -0.02
CA PHE C 184 -29.50 9.62 -1.37
C PHE C 184 -30.28 10.81 -1.94
N PHE C 185 -31.09 11.48 -1.12
CA PHE C 185 -31.91 12.58 -1.62
C PHE C 185 -31.23 13.95 -1.47
N ASP C 186 -29.94 13.98 -1.13
CA ASP C 186 -29.17 15.22 -1.23
C ASP C 186 -28.29 15.28 -2.47
N ARG C 187 -27.46 14.27 -2.71
CA ARG C 187 -26.39 14.36 -3.71
C ARG C 187 -26.61 13.40 -4.89
N VAL C 188 -27.86 13.27 -5.34
CA VAL C 188 -28.19 12.64 -6.61
C VAL C 188 -28.95 13.69 -7.42
N PRO C 189 -28.70 13.84 -8.72
CA PRO C 189 -29.43 14.83 -9.51
C PRO C 189 -30.92 14.53 -9.60
N SER C 190 -31.71 15.61 -9.63
CA SER C 190 -33.14 15.53 -9.39
C SER C 190 -33.93 15.02 -10.58
N GLU C 191 -33.29 14.58 -11.65
CA GLU C 191 -34.00 13.86 -12.70
C GLU C 191 -34.02 12.36 -12.44
N TYR C 192 -33.38 11.91 -11.36
CA TYR C 192 -33.41 10.53 -10.92
C TYR C 192 -34.22 10.33 -9.64
N THR C 193 -34.09 11.23 -8.67
CA THR C 193 -34.82 11.08 -7.42
C THR C 193 -36.29 11.43 -7.57
N TYR C 194 -36.67 12.26 -8.54
CA TYR C 194 -38.07 12.61 -8.70
C TYR C 194 -38.79 11.64 -9.62
N ARG C 195 -38.07 11.06 -10.57
CA ARG C 195 -38.68 10.13 -11.52
C ARG C 195 -39.07 8.83 -10.84
N MET C 196 -38.34 8.43 -9.80
CA MET C 196 -38.68 7.25 -9.03
C MET C 196 -39.77 7.52 -8.00
N LEU C 197 -39.84 8.74 -7.49
CA LEU C 197 -40.73 9.06 -6.38
C LEU C 197 -42.09 9.56 -6.83
N PHE C 198 -42.16 10.22 -8.00
CA PHE C 198 -43.41 10.75 -8.54
C PHE C 198 -43.57 10.17 -9.94
N CYS C 199 -44.17 8.99 -10.01
CA CYS C 199 -44.33 8.29 -11.28
C CYS C 199 -45.75 7.75 -11.38
N SER C 200 -46.50 8.25 -12.36
CA SER C 200 -47.94 8.01 -12.44
C SER C 200 -48.24 6.55 -12.79
N CYS C 201 -49.25 5.99 -12.14
CA CYS C 201 -49.54 4.57 -12.23
C CYS C 201 -51.01 4.34 -12.57
N GLN C 202 -51.29 3.13 -13.05
CA GLN C 202 -52.61 2.76 -13.50
C GLN C 202 -53.09 1.41 -12.96
N ASP C 203 -52.33 0.76 -12.08
CA ASP C 203 -52.73 -0.51 -11.49
C ASP C 203 -52.14 -0.60 -10.08
N GLN C 204 -52.14 -1.81 -9.52
CA GLN C 204 -51.72 -1.99 -8.13
C GLN C 204 -50.22 -2.21 -7.99
N ALA C 205 -49.60 -2.93 -8.92
CA ALA C 205 -48.18 -3.25 -8.80
C ALA C 205 -47.31 -2.00 -8.95
N CYS C 206 -47.70 -1.09 -9.84
CA CYS C 206 -47.00 0.17 -10.01
C CYS C 206 -47.10 1.02 -8.75
N ALA C 207 -48.30 1.11 -8.17
CA ALA C 207 -48.50 1.89 -6.96
C ALA C 207 -47.78 1.28 -5.76
N GLU C 208 -47.64 -0.06 -5.75
CA GLU C 208 -46.93 -0.70 -4.65
C GLU C 208 -45.43 -0.50 -4.76
N ARG C 209 -44.89 -0.59 -5.98
CA ARG C 209 -43.49 -0.24 -6.20
C ARG C 209 -43.22 1.23 -5.90
N ARG C 210 -44.19 2.10 -6.16
CA ARG C 210 -44.03 3.52 -5.86
C ARG C 210 -44.12 3.78 -4.36
N ARG C 211 -44.94 3.03 -3.63
CA ARG C 211 -45.00 3.20 -2.18
C ARG C 211 -43.77 2.62 -1.50
N GLN C 212 -43.20 1.56 -2.06
CA GLN C 212 -42.07 0.85 -1.46
C GLN C 212 -40.73 1.53 -1.76
N THR C 213 -40.75 2.77 -2.29
CA THR C 213 -39.54 3.41 -2.78
C THR C 213 -38.65 3.89 -1.62
N ILE C 214 -39.24 4.51 -0.61
CA ILE C 214 -38.42 5.02 0.49
C ILE C 214 -38.36 3.98 1.60
N LEU C 215 -38.80 2.75 1.29
CA LEU C 215 -38.81 1.56 2.14
C LEU C 215 -39.58 1.86 3.42
N PRO C 216 -40.91 1.92 3.37
CA PRO C 216 -41.69 2.46 4.48
C PRO C 216 -41.73 1.59 5.72
N SER C 217 -41.39 0.30 5.62
CA SER C 217 -41.48 -0.59 6.77
C SER C 217 -40.38 -0.33 7.80
N CYS C 218 -39.36 0.43 7.45
CA CYS C 218 -38.28 0.79 8.38
C CYS C 218 -38.31 2.26 8.77
N SER C 219 -38.38 3.16 7.79
CA SER C 219 -38.21 4.59 8.05
C SER C 219 -39.51 5.33 8.26
N TYR C 220 -40.60 4.92 7.62
CA TYR C 220 -41.88 5.61 7.74
C TYR C 220 -42.68 5.11 8.94
N GLU C 221 -42.94 3.80 8.99
CA GLU C 221 -43.81 3.23 10.01
C GLU C 221 -43.11 3.17 11.37
N ASP C 222 -43.87 2.75 12.38
CA ASP C 222 -43.40 2.62 13.74
C ASP C 222 -44.34 1.64 14.43
N LYS C 223 -44.18 1.48 15.75
CA LYS C 223 -45.13 0.65 16.50
C LYS C 223 -46.44 1.37 16.75
N GLU C 224 -46.41 2.70 16.80
CA GLU C 224 -47.57 3.49 17.18
C GLU C 224 -47.65 4.73 16.32
N LYS C 225 -48.85 5.31 16.24
CA LYS C 225 -49.04 6.58 15.57
C LYS C 225 -49.08 7.68 16.60
N PRO C 226 -48.08 8.55 16.68
CA PRO C 226 -48.13 9.64 17.66
C PRO C 226 -49.08 10.75 17.23
N ASN C 227 -49.27 11.70 18.13
CA ASN C 227 -50.03 12.90 17.80
C ASN C 227 -49.22 13.77 16.86
N CYS C 228 -49.91 14.44 15.95
CA CYS C 228 -49.21 15.27 14.96
C CYS C 228 -48.61 16.52 15.58
N LEU C 229 -49.21 17.03 16.65
CA LEU C 229 -48.64 18.19 17.34
C LEU C 229 -47.39 17.81 18.13
N ASP C 230 -47.41 16.63 18.75
CA ASP C 230 -46.22 16.19 19.47
C ASP C 230 -45.11 15.80 18.51
N LEU C 231 -45.47 15.22 17.36
CA LEU C 231 -44.48 14.94 16.32
C LEU C 231 -43.92 16.22 15.72
N ARG C 232 -44.76 17.27 15.63
CA ARG C 232 -44.27 18.56 15.17
C ARG C 232 -43.35 19.21 16.18
N GLY C 233 -43.62 19.01 17.48
CA GLY C 233 -42.71 19.51 18.50
C GLY C 233 -41.38 18.79 18.52
N VAL C 234 -41.40 17.47 18.29
CA VAL C 234 -40.18 16.68 18.14
C VAL C 234 -39.37 17.16 16.94
N CYS C 235 -40.04 17.42 15.82
CA CYS C 235 -39.35 17.90 14.62
C CYS C 235 -38.83 19.33 14.80
N ARG C 236 -39.57 20.18 15.51
CA ARG C 236 -39.12 21.55 15.73
C ARG C 236 -38.08 21.65 16.85
N THR C 237 -37.85 20.60 17.62
CA THR C 237 -36.69 20.60 18.51
C THR C 237 -35.40 20.50 17.72
N ASP C 238 -35.41 19.72 16.63
CA ASP C 238 -34.25 19.53 15.79
C ASP C 238 -33.98 20.80 14.96
N HIS C 239 -32.77 20.89 14.40
CA HIS C 239 -32.37 22.01 13.56
C HIS C 239 -32.60 21.75 12.07
N LEU C 240 -32.28 20.55 11.59
CA LEU C 240 -32.48 20.25 10.18
C LEU C 240 -33.95 19.99 9.87
N CYS C 241 -34.65 19.27 10.76
CA CYS C 241 -36.05 18.92 10.52
C CYS C 241 -36.94 20.16 10.54
N ARG C 242 -36.65 21.10 11.44
CA ARG C 242 -37.41 22.34 11.51
C ARG C 242 -37.21 23.18 10.26
N SER C 243 -35.98 23.20 9.72
CA SER C 243 -35.70 23.97 8.52
C SER C 243 -36.34 23.34 7.29
N ARG C 244 -36.33 22.01 7.19
CA ARG C 244 -36.99 21.36 6.06
C ARG C 244 -38.51 21.46 6.16
N LEU C 245 -39.06 21.47 7.39
CA LEU C 245 -40.50 21.67 7.56
C LEU C 245 -40.91 23.10 7.19
N ALA C 246 -40.11 24.09 7.59
CA ALA C 246 -40.38 25.47 7.19
C ALA C 246 -40.19 25.67 5.70
N ASP C 247 -39.30 24.88 5.07
CA ASP C 247 -39.16 24.93 3.63
C ASP C 247 -40.35 24.30 2.93
N PHE C 248 -40.96 23.27 3.53
CA PHE C 248 -42.18 22.71 2.95
C PHE C 248 -43.37 23.63 3.14
N HIS C 249 -43.40 24.38 4.24
CA HIS C 249 -44.47 25.35 4.50
C HIS C 249 -44.26 26.69 3.81
N ALA C 250 -43.42 26.75 2.77
CA ALA C 250 -43.24 27.94 1.98
C ALA C 250 -43.50 27.73 0.49
N ASN C 251 -43.31 26.53 -0.02
CA ASN C 251 -43.44 26.28 -1.45
C ASN C 251 -44.62 25.37 -1.80
N CYS C 252 -45.39 24.91 -0.82
CA CYS C 252 -46.51 24.02 -1.09
C CYS C 252 -47.78 24.43 -0.35
N ARG C 253 -47.88 25.70 0.03
CA ARG C 253 -49.12 26.19 0.63
C ARG C 253 -50.19 26.35 -0.43
N ALA C 254 -51.44 26.46 0.03
CA ALA C 254 -52.57 26.63 -0.87
C ALA C 254 -52.99 28.10 -0.90
N SER C 255 -53.23 28.60 -2.10
CA SER C 255 -53.68 29.98 -2.29
C SER C 255 -54.79 30.01 -3.33
N TYR C 256 -55.74 30.90 -3.12
CA TYR C 256 -56.90 31.04 -4.00
C TYR C 256 -56.66 32.02 -5.14
N GLN C 257 -55.48 32.64 -5.19
CA GLN C 257 -55.20 33.67 -6.18
C GLN C 257 -54.73 33.07 -7.51
N THR C 258 -53.74 32.19 -7.47
CA THR C 258 -53.18 31.63 -8.68
C THR C 258 -54.12 30.56 -9.25
N VAL C 259 -53.94 30.29 -10.55
CA VAL C 259 -54.75 29.29 -11.23
C VAL C 259 -54.28 27.87 -10.95
N THR C 260 -53.12 27.70 -10.33
CA THR C 260 -52.58 26.39 -10.01
C THR C 260 -52.45 26.16 -8.51
N SER C 261 -53.00 27.08 -7.70
CA SER C 261 -53.10 27.02 -6.24
C SER C 261 -51.74 27.01 -5.54
N CYS C 262 -50.65 27.27 -6.25
CA CYS C 262 -49.30 27.25 -5.72
C CYS C 262 -48.72 28.66 -5.67
N PRO C 263 -47.79 28.93 -4.75
CA PRO C 263 -47.14 30.26 -4.73
C PRO C 263 -46.28 30.47 -5.96
N ALA C 264 -46.66 31.48 -6.76
CA ALA C 264 -45.98 31.93 -7.98
C ALA C 264 -45.90 30.85 -9.06
N ASP C 265 -46.79 29.84 -8.98
CA ASP C 265 -46.96 28.79 -9.99
C ASP C 265 -45.65 28.02 -10.22
N ASN C 266 -45.04 27.56 -9.14
CA ASN C 266 -43.75 26.88 -9.20
C ASN C 266 -43.93 25.47 -8.67
N TYR C 267 -44.11 24.51 -9.59
CA TYR C 267 -44.23 23.11 -9.21
C TYR C 267 -42.90 22.55 -8.75
N GLN C 268 -41.80 23.04 -9.33
CA GLN C 268 -40.47 22.53 -9.02
C GLN C 268 -40.08 22.82 -7.57
N ALA C 269 -40.46 23.99 -7.06
CA ALA C 269 -40.17 24.33 -5.67
C ALA C 269 -41.00 23.48 -4.71
N CYS C 270 -42.22 23.12 -5.10
CA CYS C 270 -43.04 22.28 -4.23
C CYS C 270 -42.52 20.86 -4.19
N LEU C 271 -42.09 20.31 -5.34
CA LEU C 271 -41.51 18.97 -5.33
C LEU C 271 -40.16 18.95 -4.62
N GLY C 272 -39.38 20.03 -4.72
CA GLY C 272 -38.12 20.10 -3.99
C GLY C 272 -38.30 20.27 -2.50
N SER C 273 -39.38 20.96 -2.08
CA SER C 273 -39.66 21.07 -0.66
C SER C 273 -40.25 19.79 -0.10
N TYR C 274 -40.96 19.02 -0.92
CA TYR C 274 -41.49 17.75 -0.45
C TYR C 274 -40.39 16.72 -0.32
N ALA C 275 -39.50 16.64 -1.32
CA ALA C 275 -38.45 15.63 -1.30
C ALA C 275 -37.37 15.91 -0.26
N GLY C 276 -37.33 17.10 0.32
CA GLY C 276 -36.36 17.41 1.35
C GLY C 276 -36.73 16.99 2.74
N MET C 277 -37.91 16.40 2.93
CA MET C 277 -38.36 15.95 4.23
C MET C 277 -38.13 14.46 4.45
N ILE C 278 -37.87 13.70 3.39
CA ILE C 278 -37.63 12.27 3.51
C ILE C 278 -36.28 12.05 4.18
N GLY C 279 -36.31 11.47 5.37
CA GLY C 279 -35.09 11.23 6.13
C GLY C 279 -35.14 11.87 7.50
N PHE C 280 -36.33 12.27 7.93
CA PHE C 280 -36.48 12.93 9.23
C PHE C 280 -37.60 12.31 10.03
N ASP C 281 -37.94 12.93 11.16
CA ASP C 281 -39.03 12.42 11.97
C ASP C 281 -40.39 12.70 11.34
N MET C 282 -40.49 13.79 10.57
CA MET C 282 -41.71 14.13 9.87
C MET C 282 -41.58 13.65 8.41
N THR C 283 -41.51 12.33 8.26
CA THR C 283 -41.28 11.72 6.95
C THR C 283 -42.61 11.39 6.28
N PRO C 284 -42.94 11.99 5.15
CA PRO C 284 -44.17 11.64 4.44
C PRO C 284 -43.98 10.50 3.46
N ASN C 285 -45.08 9.79 3.21
CA ASN C 285 -45.12 8.73 2.21
C ASN C 285 -46.58 8.55 1.83
N TYR C 286 -46.85 7.56 0.98
CA TYR C 286 -48.20 7.31 0.52
C TYR C 286 -48.91 6.38 1.50
N VAL C 287 -50.20 6.62 1.71
CA VAL C 287 -50.92 5.85 2.72
C VAL C 287 -51.35 4.48 2.24
N ASP C 288 -51.44 4.26 0.93
CA ASP C 288 -51.94 3.01 0.39
C ASP C 288 -51.42 2.82 -1.01
N SER C 289 -51.81 1.70 -1.63
CA SER C 289 -51.42 1.36 -2.99
C SER C 289 -52.51 1.70 -4.00
N SER C 290 -53.25 2.78 -3.78
CA SER C 290 -54.27 3.19 -4.73
C SER C 290 -53.61 3.83 -5.95
N PRO C 291 -54.07 3.50 -7.17
CA PRO C 291 -53.42 4.04 -8.38
C PRO C 291 -53.62 5.52 -8.58
N THR C 292 -54.87 5.99 -8.51
CA THR C 292 -55.20 7.37 -8.88
C THR C 292 -55.14 8.32 -7.70
N GLY C 293 -55.69 7.93 -6.56
CA GLY C 293 -55.71 8.78 -5.39
C GLY C 293 -54.34 8.98 -4.78
N ILE C 294 -53.79 10.17 -4.92
CA ILE C 294 -52.45 10.50 -4.45
C ILE C 294 -52.62 11.20 -3.10
N VAL C 295 -52.50 10.43 -2.02
CA VAL C 295 -52.68 10.94 -0.67
C VAL C 295 -51.38 10.75 0.08
N VAL C 296 -50.77 11.85 0.52
CA VAL C 296 -49.57 11.79 1.35
C VAL C 296 -49.94 12.26 2.74
N SER C 297 -49.19 11.78 3.72
CA SER C 297 -49.32 12.18 5.11
C SER C 297 -48.08 11.74 5.86
N PRO C 298 -47.79 12.33 7.01
CA PRO C 298 -46.79 11.73 7.90
C PRO C 298 -47.34 10.53 8.63
N TRP C 299 -46.53 9.96 9.52
CA TRP C 299 -47.00 8.86 10.38
C TRP C 299 -47.50 9.45 11.69
N CYS C 300 -48.66 10.10 11.60
CA CYS C 300 -49.34 10.62 12.78
C CYS C 300 -50.84 10.63 12.52
N SER C 301 -51.60 11.00 13.55
CA SER C 301 -53.04 11.09 13.45
C SER C 301 -53.53 12.11 14.48
N CYS C 302 -54.79 12.48 14.35
CA CYS C 302 -55.37 13.57 15.13
C CYS C 302 -55.94 13.11 16.47
N ARG C 303 -55.74 11.85 16.85
CA ARG C 303 -56.30 11.33 18.08
C ARG C 303 -55.47 11.76 19.27
N GLY C 304 -56.14 11.95 20.42
CA GLY C 304 -55.47 12.40 21.61
C GLY C 304 -55.04 13.85 21.56
N SER C 305 -55.80 14.70 20.88
CA SER C 305 -55.41 16.08 20.67
C SER C 305 -55.86 17.00 21.80
N GLY C 306 -57.04 16.77 22.34
CA GLY C 306 -57.61 17.66 23.35
C GLY C 306 -58.50 18.70 22.72
N ASN C 307 -58.32 19.96 23.12
CA ASN C 307 -59.01 21.08 22.49
C ASN C 307 -58.22 21.68 21.33
N MET C 308 -57.24 20.94 20.81
CA MET C 308 -56.46 21.35 19.65
C MET C 308 -56.72 20.42 18.47
N GLU C 309 -57.98 20.00 18.30
CA GLU C 309 -58.32 19.15 17.16
C GLU C 309 -58.30 19.95 15.86
N GLU C 310 -58.73 21.21 15.92
CA GLU C 310 -58.80 22.03 14.71
C GLU C 310 -57.43 22.38 14.17
N GLU C 311 -56.49 22.74 15.07
CA GLU C 311 -55.12 23.02 14.65
C GLU C 311 -54.43 21.78 14.11
N CYS C 312 -54.71 20.62 14.72
CA CYS C 312 -54.08 19.37 14.27
C CYS C 312 -54.61 18.94 12.91
N GLU C 313 -55.93 19.07 12.69
CA GLU C 313 -56.49 18.76 11.38
C GLU C 313 -56.06 19.77 10.33
N LYS C 314 -55.88 21.04 10.72
CA LYS C 314 -55.39 22.04 9.78
C LYS C 314 -53.93 21.80 9.42
N PHE C 315 -53.15 21.23 10.35
CA PHE C 315 -51.80 20.79 10.03
C PHE C 315 -51.80 19.60 9.09
N LEU C 316 -52.70 18.63 9.33
CA LEU C 316 -52.71 17.42 8.52
C LEU C 316 -53.32 17.64 7.14
N ARG C 317 -54.18 18.65 6.96
CA ARG C 317 -54.73 18.93 5.64
C ARG C 317 -53.72 19.51 4.67
N ASP C 318 -52.61 20.06 5.16
CA ASP C 318 -51.55 20.52 4.28
C ASP C 318 -50.79 19.37 3.64
N PHE C 319 -50.95 18.14 4.13
CA PHE C 319 -50.45 16.94 3.49
C PHE C 319 -51.55 16.17 2.77
N THR C 320 -52.68 15.95 3.44
CA THR C 320 -53.71 15.06 2.90
C THR C 320 -54.53 15.74 1.80
N GLU C 321 -54.98 16.97 2.04
CA GLU C 321 -55.86 17.65 1.09
C GLU C 321 -55.26 18.95 0.59
N ASN C 322 -53.99 18.92 0.20
CA ASN C 322 -53.34 20.10 -0.36
C ASN C 322 -53.54 20.11 -1.87
N PRO C 323 -54.22 21.12 -2.43
CA PRO C 323 -54.41 21.11 -3.89
C PRO C 323 -53.15 21.45 -4.67
N CYS C 324 -52.26 22.26 -4.10
CA CYS C 324 -51.00 22.61 -4.77
C CYS C 324 -50.11 21.39 -4.93
N LEU C 325 -49.98 20.59 -3.86
CA LEU C 325 -49.11 19.43 -3.90
C LEU C 325 -49.67 18.33 -4.81
N ARG C 326 -51.00 18.15 -4.79
CA ARG C 326 -51.60 17.14 -5.66
C ARG C 326 -51.53 17.56 -7.12
N ASN C 327 -51.71 18.85 -7.40
CA ASN C 327 -51.55 19.35 -8.76
C ASN C 327 -50.11 19.24 -9.22
N ALA C 328 -49.15 19.43 -8.30
CA ALA C 328 -47.75 19.33 -8.67
C ALA C 328 -47.36 17.89 -9.00
N ILE C 329 -47.83 16.94 -8.19
CA ILE C 329 -47.51 15.52 -8.45
C ILE C 329 -48.20 15.03 -9.71
N GLN C 330 -49.46 15.45 -9.92
CA GLN C 330 -50.18 15.01 -11.12
C GLN C 330 -49.63 15.68 -12.39
N ALA C 331 -49.12 16.91 -12.27
CA ALA C 331 -48.55 17.58 -13.43
C ALA C 331 -47.16 17.06 -13.76
N PHE C 332 -46.39 16.64 -12.75
CA PHE C 332 -45.15 15.92 -13.05
C PHE C 332 -45.45 14.55 -13.63
N GLY C 333 -46.60 13.97 -13.29
CA GLY C 333 -47.03 12.75 -13.95
C GLY C 333 -47.34 12.94 -15.42
N ASN C 334 -47.84 14.11 -15.79
CA ASN C 334 -48.12 14.41 -17.20
C ASN C 334 -46.82 14.65 -17.97
N LEU D 1 -64.24 36.04 28.97
CA LEU D 1 -64.16 36.63 27.63
C LEU D 1 -63.24 35.83 26.70
N TYR D 2 -63.74 35.55 25.50
CA TYR D 2 -62.98 34.86 24.48
C TYR D 2 -63.60 35.15 23.12
N PHE D 3 -62.75 35.32 22.11
CA PHE D 3 -63.23 35.56 20.76
C PHE D 3 -63.85 34.29 20.19
N SER D 4 -64.92 34.47 19.40
CA SER D 4 -65.60 33.33 18.80
C SER D 4 -64.76 32.66 17.72
N ARG D 5 -63.83 33.39 17.11
CA ARG D 5 -62.89 32.82 16.16
C ARG D 5 -61.47 33.21 16.56
N ASP D 6 -60.51 32.96 15.69
CA ASP D 6 -59.14 33.43 15.89
C ASP D 6 -58.60 34.28 14.75
N ALA D 7 -59.04 34.05 13.51
CA ALA D 7 -58.53 34.75 12.35
C ALA D 7 -59.69 35.33 11.57
N TYR D 8 -59.72 36.65 11.45
CA TYR D 8 -60.74 37.37 10.70
C TYR D 8 -60.21 37.76 9.33
N TRP D 9 -61.12 37.98 8.39
CA TRP D 9 -60.75 38.18 6.99
C TRP D 9 -61.54 39.33 6.38
N GLU D 10 -60.89 40.05 5.46
CA GLU D 10 -61.43 41.26 4.85
C GLU D 10 -60.57 41.59 3.63
N LYS D 11 -61.23 42.05 2.56
CA LYS D 11 -60.55 42.46 1.34
C LYS D 11 -60.45 43.97 1.26
N LEU D 12 -59.28 44.46 0.89
CA LEU D 12 -59.05 45.89 0.71
C LEU D 12 -58.84 46.22 -0.76
N TYR D 13 -59.00 47.50 -1.08
CA TYR D 13 -58.84 47.98 -2.45
C TYR D 13 -58.13 49.32 -2.41
N VAL D 14 -58.16 50.03 -3.53
CA VAL D 14 -57.50 51.32 -3.69
C VAL D 14 -58.56 52.41 -3.65
N ASP D 15 -58.24 53.50 -2.93
CA ASP D 15 -59.07 54.72 -2.83
C ASP D 15 -60.41 54.43 -2.17
N GLN D 16 -60.42 53.57 -1.17
CA GLN D 16 -61.60 53.40 -0.34
C GLN D 16 -61.74 54.60 0.58
N ALA D 17 -62.94 55.18 0.60
CA ALA D 17 -63.16 56.43 1.30
C ALA D 17 -63.16 56.24 2.82
N ALA D 18 -63.01 57.34 3.53
CA ALA D 18 -63.03 57.31 5.00
C ALA D 18 -64.44 57.06 5.49
N GLY D 19 -64.54 56.50 6.70
CA GLY D 19 -65.82 56.15 7.26
C GLY D 19 -66.46 54.92 6.66
N THR D 20 -65.70 54.10 5.94
CA THR D 20 -66.23 52.89 5.35
C THR D 20 -66.05 51.73 6.33
N PRO D 21 -67.13 51.09 6.78
CA PRO D 21 -66.97 50.00 7.75
C PRO D 21 -66.43 48.74 7.10
N LEU D 22 -65.48 48.11 7.79
CA LEU D 22 -64.90 46.86 7.29
C LEU D 22 -65.61 45.65 7.86
N LEU D 23 -65.61 45.49 9.19
CA LEU D 23 -66.18 44.29 9.78
C LEU D 23 -66.57 44.49 11.24
N TYR D 24 -67.33 43.55 11.75
CA TYR D 24 -67.65 43.42 13.17
C TYR D 24 -66.77 42.35 13.80
N VAL D 25 -66.56 42.47 15.10
CA VAL D 25 -65.92 41.42 15.88
C VAL D 25 -66.89 40.99 16.97
N HIS D 26 -66.66 39.78 17.50
CA HIS D 26 -67.54 39.21 18.50
C HIS D 26 -66.70 38.54 19.58
N ALA D 27 -67.04 38.83 20.84
CA ALA D 27 -66.33 38.27 21.98
C ALA D 27 -67.35 37.69 22.95
N LEU D 28 -67.47 36.37 22.96
CA LEU D 28 -68.33 35.69 23.92
C LEU D 28 -67.71 35.73 25.31
N ARG D 29 -68.55 35.86 26.32
CA ARG D 29 -68.12 36.13 27.68
C ARG D 29 -68.23 34.89 28.55
N ASP D 30 -67.75 35.02 29.79
CA ASP D 30 -67.74 33.94 30.76
C ASP D 30 -68.64 34.18 31.96
N ALA D 31 -68.70 35.42 32.45
CA ALA D 31 -69.46 35.78 33.64
C ALA D 31 -70.40 36.94 33.31
N PRO D 32 -71.57 37.04 34.02
CA PRO D 32 -72.50 38.16 33.80
C PRO D 32 -72.10 39.48 34.47
N GLU D 33 -70.82 39.85 34.30
CA GLU D 33 -70.33 41.14 34.77
C GLU D 33 -69.35 41.76 33.79
N GLU D 34 -69.19 41.19 32.60
CA GLU D 34 -68.11 41.52 31.69
C GLU D 34 -68.64 42.26 30.46
N VAL D 35 -67.94 43.32 30.08
CA VAL D 35 -68.22 44.07 28.86
C VAL D 35 -66.98 43.95 27.98
N PRO D 36 -67.10 43.47 26.74
CA PRO D 36 -65.92 43.24 25.90
C PRO D 36 -65.34 44.54 25.35
N SER D 37 -64.20 44.95 25.91
CA SER D 37 -63.40 46.01 25.32
C SER D 37 -62.68 45.46 24.09
N PHE D 38 -62.23 46.38 23.22
CA PHE D 38 -61.53 45.98 22.00
C PHE D 38 -60.45 47.02 21.70
N ARG D 39 -59.20 46.65 21.88
CA ARG D 39 -58.06 47.50 21.55
C ARG D 39 -57.31 46.89 20.37
N LEU D 40 -56.83 47.76 19.48
CA LEU D 40 -56.07 47.34 18.32
C LEU D 40 -54.58 47.32 18.61
N GLY D 41 -53.86 46.48 17.86
CA GLY D 41 -52.41 46.52 17.91
C GLY D 41 -51.86 47.71 17.16
N GLN D 42 -50.68 48.17 17.59
CA GLN D 42 -50.09 49.38 17.06
C GLN D 42 -49.09 49.10 15.95
N HIS D 43 -49.24 47.98 15.24
CA HIS D 43 -48.35 47.64 14.14
C HIS D 43 -49.12 46.94 13.05
N LEU D 44 -49.04 47.45 11.83
CA LEU D 44 -49.55 46.74 10.67
C LEU D 44 -48.58 45.63 10.30
N TYR D 45 -48.78 44.44 10.86
CA TYR D 45 -47.88 43.32 10.57
C TYR D 45 -48.06 42.84 9.15
N GLY D 46 -47.01 42.21 8.62
CA GLY D 46 -47.01 41.76 7.24
C GLY D 46 -46.93 40.26 7.10
N THR D 47 -45.89 39.78 6.45
CA THR D 47 -45.69 38.36 6.24
C THR D 47 -44.68 37.82 7.25
N TYR D 48 -45.07 36.74 7.94
CA TYR D 48 -44.19 35.94 8.79
C TYR D 48 -43.67 36.73 9.99
N ARG D 49 -44.59 37.45 10.63
CA ARG D 49 -44.34 38.28 11.83
C ARG D 49 -43.28 39.35 11.54
N THR D 50 -43.65 40.26 10.66
CA THR D 50 -42.78 41.36 10.24
C THR D 50 -43.53 42.68 10.41
N ARG D 51 -43.00 43.57 11.23
CA ARG D 51 -43.60 44.88 11.39
C ARG D 51 -43.32 45.74 10.16
N LEU D 52 -44.35 46.47 9.72
CA LEU D 52 -44.21 47.35 8.57
C LEU D 52 -44.35 48.82 8.96
N HIS D 53 -45.47 49.19 9.57
CA HIS D 53 -45.72 50.59 9.93
C HIS D 53 -46.80 50.60 11.01
N GLU D 54 -46.81 51.67 11.81
CA GLU D 54 -47.80 51.84 12.85
C GLU D 54 -49.18 52.04 12.24
N ASN D 55 -50.20 51.49 12.91
CA ASN D 55 -51.58 51.56 12.41
C ASN D 55 -52.07 53.01 12.44
N ASN D 56 -52.35 53.56 11.26
CA ASN D 56 -52.82 54.93 11.14
C ASN D 56 -54.01 55.07 10.22
N TRP D 57 -54.65 53.97 9.83
CA TRP D 57 -55.74 54.04 8.86
C TRP D 57 -57.02 53.36 9.34
N ILE D 58 -56.90 52.24 10.06
CA ILE D 58 -58.06 51.44 10.44
C ILE D 58 -58.35 51.69 11.92
N CYS D 59 -59.54 52.21 12.19
CA CYS D 59 -59.98 52.53 13.54
C CYS D 59 -61.05 51.55 13.99
N ILE D 60 -61.38 51.63 15.29
CA ILE D 60 -62.23 50.63 15.93
C ILE D 60 -63.24 51.32 16.84
N GLN D 61 -64.43 50.72 16.92
CA GLN D 61 -65.46 51.07 17.89
C GLN D 61 -65.50 49.98 18.94
N GLU D 62 -65.18 50.36 20.19
CA GLU D 62 -65.07 49.39 21.29
C GLU D 62 -66.41 48.84 21.71
N ASP D 63 -67.50 49.59 21.55
CA ASP D 63 -68.80 49.17 22.05
C ASP D 63 -69.37 48.04 21.19
N THR D 64 -69.60 48.31 19.91
CA THR D 64 -70.10 47.30 18.99
C THR D 64 -68.98 46.45 18.40
N GLY D 65 -67.73 46.82 18.64
CA GLY D 65 -66.60 46.11 18.07
C GLY D 65 -66.53 46.22 16.57
N LEU D 66 -66.29 47.43 16.07
CA LEU D 66 -66.37 47.73 14.64
C LEU D 66 -65.01 48.16 14.13
N LEU D 67 -64.45 47.37 13.21
CA LEU D 67 -63.27 47.79 12.46
C LEU D 67 -63.76 48.52 11.22
N TYR D 68 -63.29 49.77 11.06
CA TYR D 68 -63.70 50.64 9.97
C TYR D 68 -62.50 51.46 9.53
N LEU D 69 -62.68 52.27 8.48
CA LEU D 69 -61.60 53.06 7.90
C LEU D 69 -61.65 54.48 8.44
N ASN D 70 -60.56 54.92 9.05
CA ASN D 70 -60.43 56.30 9.50
C ASN D 70 -59.91 57.21 8.39
N ARG D 71 -58.89 56.75 7.66
CA ARG D 71 -58.29 57.51 6.58
C ARG D 71 -58.44 56.75 5.27
N SER D 72 -58.00 57.38 4.20
CA SER D 72 -58.11 56.83 2.86
C SER D 72 -56.80 56.14 2.47
N LEU D 73 -56.70 55.73 1.20
CA LEU D 73 -55.55 55.02 0.69
C LEU D 73 -55.17 55.62 -0.65
N ASP D 74 -53.94 55.33 -1.08
CA ASP D 74 -53.48 55.62 -2.44
C ASP D 74 -52.34 54.66 -2.78
N HIS D 75 -51.85 54.77 -4.02
CA HIS D 75 -50.78 53.87 -4.47
C HIS D 75 -49.46 54.15 -3.77
N SER D 76 -49.24 55.40 -3.34
CA SER D 76 -48.00 55.75 -2.66
C SER D 76 -47.92 55.09 -1.28
N SER D 77 -49.04 55.01 -0.57
CA SER D 77 -49.04 54.42 0.76
C SER D 77 -48.87 52.90 0.72
N TRP D 78 -49.23 52.25 -0.38
CA TRP D 78 -49.03 50.81 -0.49
C TRP D 78 -47.69 50.44 -1.10
N GLU D 79 -47.16 51.29 -1.98
CA GLU D 79 -45.77 51.13 -2.37
C GLU D 79 -44.82 51.48 -1.23
N LYS D 80 -45.27 52.29 -0.27
CA LYS D 80 -44.52 52.49 0.96
C LYS D 80 -44.45 51.21 1.78
N LEU D 81 -45.52 50.41 1.77
CA LEU D 81 -45.55 49.19 2.58
C LEU D 81 -44.84 48.03 1.88
N SER D 82 -44.98 47.94 0.54
CA SER D 82 -44.43 46.78 -0.16
C SER D 82 -42.91 46.80 -0.26
N VAL D 83 -42.28 47.95 -0.01
CA VAL D 83 -40.82 48.00 0.08
C VAL D 83 -40.34 47.33 1.36
N ARG D 84 -41.03 47.59 2.48
CA ARG D 84 -40.60 47.12 3.79
C ARG D 84 -40.91 45.65 4.05
N ASN D 85 -41.38 44.90 3.05
CA ASN D 85 -41.79 43.51 3.23
C ASN D 85 -40.61 42.54 3.24
N HIS D 86 -39.39 43.05 3.05
CA HIS D 86 -38.13 42.29 3.11
C HIS D 86 -38.09 41.18 2.07
N GLY D 87 -38.22 41.57 0.80
CA GLY D 87 -38.12 40.62 -0.29
C GLY D 87 -39.33 39.76 -0.53
N PHE D 88 -40.45 40.06 0.12
CA PHE D 88 -41.65 39.25 -0.08
C PHE D 88 -42.72 40.06 -0.79
N PRO D 89 -43.53 39.42 -1.65
CA PRO D 89 -44.64 40.14 -2.27
C PRO D 89 -45.75 40.43 -1.27
N LEU D 90 -46.24 41.68 -1.29
CA LEU D 90 -47.28 42.11 -0.36
C LEU D 90 -48.60 41.49 -0.77
N LEU D 91 -49.03 40.48 -0.04
CA LEU D 91 -50.27 39.77 -0.36
C LEU D 91 -51.32 39.90 0.73
N THR D 92 -50.94 39.87 2.00
CA THR D 92 -51.88 39.98 3.10
C THR D 92 -51.18 40.59 4.31
N VAL D 93 -51.75 41.65 4.85
CA VAL D 93 -51.29 42.22 6.10
C VAL D 93 -52.24 41.74 7.20
N TYR D 94 -51.85 41.96 8.46
CA TYR D 94 -52.78 41.65 9.54
C TYR D 94 -52.53 42.56 10.73
N LEU D 95 -53.60 42.80 11.48
CA LEU D 95 -53.58 43.51 12.75
C LEU D 95 -53.75 42.53 13.90
N LYS D 96 -53.39 42.97 15.09
CA LYS D 96 -53.67 42.25 16.31
C LYS D 96 -54.78 42.97 17.07
N VAL D 97 -55.73 42.20 17.61
CA VAL D 97 -56.85 42.72 18.38
C VAL D 97 -56.79 42.10 19.77
N PHE D 98 -56.58 42.95 20.77
CA PHE D 98 -56.67 42.58 22.17
C PHE D 98 -58.09 42.85 22.65
N LEU D 99 -58.41 42.35 23.84
CA LEU D 99 -59.71 42.64 24.41
C LEU D 99 -59.71 43.01 25.89
N SER D 100 -58.62 42.75 26.61
CA SER D 100 -58.50 43.14 28.02
C SER D 100 -57.04 43.33 28.41
N CYS D 109 -49.61 37.25 21.02
CA CYS D 109 -50.98 37.17 20.58
C CYS D 109 -51.42 35.76 20.26
N GLN D 110 -52.23 35.18 21.14
CA GLN D 110 -52.79 33.86 20.94
C GLN D 110 -54.24 33.84 21.38
N TRP D 111 -54.99 32.88 20.83
CA TRP D 111 -56.33 32.60 21.32
C TRP D 111 -56.24 32.08 22.75
N PRO D 112 -57.16 32.46 23.66
CA PRO D 112 -58.33 33.33 23.54
C PRO D 112 -58.08 34.80 23.86
N GLY D 113 -56.88 35.12 24.33
CA GLY D 113 -56.59 36.48 24.77
C GLY D 113 -56.37 37.47 23.65
N CYS D 114 -56.26 37.00 22.40
CA CYS D 114 -55.99 37.87 21.28
C CYS D 114 -56.51 37.23 20.00
N ALA D 115 -56.73 38.06 18.99
CA ALA D 115 -57.17 37.57 17.69
C ALA D 115 -56.60 38.46 16.60
N ARG D 116 -56.00 37.86 15.59
CA ARG D 116 -55.41 38.63 14.51
C ARG D 116 -56.34 38.67 13.31
N VAL D 117 -56.44 39.85 12.71
CA VAL D 117 -57.38 40.15 11.63
C VAL D 117 -56.60 40.37 10.36
N TYR D 118 -56.83 39.52 9.36
CA TYR D 118 -56.12 39.62 8.10
C TYR D 118 -56.80 40.62 7.16
N PHE D 119 -56.02 41.11 6.21
CA PHE D 119 -56.48 42.03 5.18
C PHE D 119 -55.72 41.72 3.90
N SER D 120 -56.45 41.29 2.87
CA SER D 120 -55.87 41.06 1.56
C SER D 120 -56.05 42.32 0.72
N PHE D 121 -54.94 42.86 0.22
CA PHE D 121 -54.96 44.07 -0.58
C PHE D 121 -54.88 43.75 -2.07
N PHE D 122 -55.70 44.44 -2.85
CA PHE D 122 -55.73 44.31 -4.30
C PHE D 122 -55.20 45.58 -4.95
N ASN D 123 -54.42 45.41 -6.02
CA ASN D 123 -53.83 46.55 -6.70
C ASN D 123 -54.88 47.32 -7.50
N THR D 124 -55.95 46.65 -7.92
CA THR D 124 -57.01 47.29 -8.66
C THR D 124 -57.89 48.14 -7.75
N SER D 125 -58.80 48.88 -8.37
CA SER D 125 -59.73 49.72 -7.63
C SER D 125 -60.95 48.89 -7.23
N PHE D 126 -61.99 49.54 -6.73
CA PHE D 126 -63.19 48.81 -6.35
C PHE D 126 -64.01 48.49 -7.58
N PRO D 127 -64.37 47.22 -7.81
CA PRO D 127 -65.09 46.86 -9.04
C PRO D 127 -66.56 47.27 -8.99
N ALA D 128 -67.16 47.29 -10.17
CA ALA D 128 -68.53 47.76 -10.31
C ALA D 128 -69.53 46.76 -9.70
N CYS D 129 -70.73 47.26 -9.44
CA CYS D 129 -71.76 46.45 -8.79
C CYS D 129 -72.27 45.34 -9.70
N SER D 130 -72.26 45.56 -11.01
CA SER D 130 -72.65 44.54 -11.97
C SER D 130 -71.50 43.61 -12.34
N SER D 131 -70.27 43.96 -11.96
CA SER D 131 -69.11 43.15 -12.26
C SER D 131 -68.83 42.07 -11.22
N LEU D 132 -69.61 42.04 -10.14
CA LEU D 132 -69.37 41.12 -9.03
C LEU D 132 -70.34 39.95 -9.11
N LYS D 133 -69.79 38.73 -9.10
CA LYS D 133 -70.59 37.54 -8.96
C LYS D 133 -71.19 37.49 -7.55
N PRO D 134 -72.37 36.89 -7.39
CA PRO D 134 -72.99 36.82 -6.05
C PRO D 134 -72.21 35.98 -5.05
N ARG D 135 -71.38 35.04 -5.51
CA ARG D 135 -70.53 34.29 -4.59
C ARG D 135 -69.52 35.19 -3.89
N GLU D 136 -69.04 36.22 -4.57
CA GLU D 136 -68.20 37.25 -3.95
C GLU D 136 -69.01 38.39 -3.38
N LEU D 137 -70.34 38.28 -3.35
CA LEU D 137 -71.20 39.26 -2.69
C LEU D 137 -71.73 38.79 -1.35
N CYS D 138 -71.69 37.49 -1.06
CA CYS D 138 -72.30 36.94 0.14
C CYS D 138 -71.29 36.65 1.24
N PHE D 139 -70.30 35.81 0.96
CA PHE D 139 -69.40 35.31 1.98
C PHE D 139 -67.96 35.40 1.50
N PRO D 140 -67.01 35.60 2.43
CA PRO D 140 -65.59 35.71 2.04
C PRO D 140 -64.99 34.41 1.53
N GLU D 141 -63.71 34.46 1.13
CA GLU D 141 -63.06 33.29 0.57
C GLU D 141 -62.72 32.27 1.66
N THR D 142 -62.24 32.75 2.81
CA THR D 142 -61.92 31.87 3.93
C THR D 142 -63.17 31.71 4.78
N ARG D 143 -63.74 30.50 4.76
CA ARG D 143 -64.95 30.23 5.52
C ARG D 143 -64.64 30.20 7.01
N PRO D 144 -65.54 30.67 7.87
CA PRO D 144 -65.26 30.74 9.30
C PRO D 144 -65.36 29.38 9.97
N SER D 145 -64.90 29.37 11.23
CA SER D 145 -65.04 28.21 12.11
C SER D 145 -65.08 28.73 13.53
N PHE D 146 -66.17 28.46 14.24
CA PHE D 146 -66.45 29.17 15.47
C PHE D 146 -66.14 28.32 16.70
N ARG D 147 -65.82 29.00 17.79
CA ARG D 147 -65.33 28.37 19.00
C ARG D 147 -66.18 28.84 20.16
N ILE D 148 -66.90 27.92 20.80
CA ILE D 148 -67.74 28.23 21.95
C ILE D 148 -67.37 27.28 23.07
N ARG D 149 -66.97 27.83 24.21
CA ARG D 149 -66.73 27.00 25.40
C ARG D 149 -68.07 26.53 25.96
N GLU D 150 -68.08 25.30 26.48
CA GLU D 150 -69.31 24.79 27.05
C GLU D 150 -69.57 25.43 28.41
N ASN D 151 -70.83 25.35 28.85
CA ASN D 151 -71.30 25.82 30.16
C ASN D 151 -71.03 27.30 30.37
N ARG D 152 -71.28 28.09 29.33
CA ARG D 152 -71.04 29.53 29.33
C ARG D 152 -72.31 30.26 28.92
N PRO D 153 -72.54 31.46 29.44
CA PRO D 153 -73.75 32.22 29.09
C PRO D 153 -73.70 32.66 27.63
N PRO D 154 -74.70 32.27 26.84
CA PRO D 154 -74.63 32.46 25.39
C PRO D 154 -74.85 33.92 24.97
N GLY D 155 -74.32 34.24 23.80
CA GLY D 155 -74.42 35.58 23.25
C GLY D 155 -74.38 35.55 21.73
N THR D 156 -73.90 36.65 21.15
CA THR D 156 -73.86 36.84 19.70
C THR D 156 -72.44 36.59 19.20
N PHE D 157 -72.31 35.77 18.15
CA PHE D 157 -70.98 35.38 17.68
C PHE D 157 -70.72 35.59 16.19
N HIS D 158 -71.71 36.05 15.42
CA HIS D 158 -71.51 36.17 13.97
C HIS D 158 -72.51 37.18 13.42
N GLN D 159 -72.13 37.82 12.30
CA GLN D 159 -72.99 38.76 11.59
C GLN D 159 -72.74 38.57 10.09
N PHE D 160 -73.80 38.71 9.29
CA PHE D 160 -73.73 38.26 7.90
C PHE D 160 -73.27 39.32 6.90
N ARG D 161 -73.62 40.60 7.11
CA ARG D 161 -73.50 41.59 6.05
C ARG D 161 -72.06 41.96 5.79
N LEU D 162 -71.61 41.78 4.55
CA LEU D 162 -70.34 42.32 4.10
C LEU D 162 -70.49 43.83 4.00
N LEU D 163 -69.93 44.55 4.97
CA LEU D 163 -70.15 45.99 5.16
C LEU D 163 -69.68 46.88 4.01
N PRO D 164 -68.50 46.69 3.37
CA PRO D 164 -68.21 47.53 2.19
C PRO D 164 -69.08 47.20 0.99
N VAL D 165 -69.60 45.98 0.90
CA VAL D 165 -70.45 45.61 -0.23
C VAL D 165 -71.77 46.36 -0.18
N GLN D 166 -72.44 46.34 0.97
CA GLN D 166 -73.66 47.11 1.10
C GLN D 166 -73.40 48.60 1.26
N PHE D 167 -72.18 49.00 1.63
CA PHE D 167 -71.86 50.42 1.66
C PHE D 167 -71.66 50.97 0.25
N LEU D 168 -71.17 50.15 -0.67
CA LEU D 168 -70.86 50.61 -2.01
C LEU D 168 -71.78 50.06 -3.09
N CYS D 169 -72.62 49.06 -2.77
CA CYS D 169 -73.69 48.61 -3.66
C CYS D 169 -74.96 48.43 -2.84
N PRO D 170 -75.58 49.53 -2.40
CA PRO D 170 -76.68 49.42 -1.44
C PRO D 170 -78.03 49.05 -2.04
N ASN D 171 -78.13 48.88 -3.35
CA ASN D 171 -79.42 48.71 -4.02
C ASN D 171 -79.70 47.26 -4.38
N ILE D 172 -78.92 46.31 -3.86
CA ILE D 172 -79.12 44.89 -4.14
C ILE D 172 -79.76 44.25 -2.93
N SER D 173 -80.92 43.61 -3.12
CA SER D 173 -81.62 42.95 -2.02
C SER D 173 -80.95 41.61 -1.76
N VAL D 174 -80.23 41.52 -0.65
CA VAL D 174 -79.49 40.32 -0.26
C VAL D 174 -80.05 39.82 1.06
N ALA D 175 -80.51 38.57 1.08
CA ALA D 175 -81.07 37.96 2.27
C ALA D 175 -80.21 36.79 2.73
N TYR D 176 -80.26 36.52 4.03
CA TYR D 176 -79.51 35.42 4.62
C TYR D 176 -80.44 34.58 5.48
N ARG D 177 -80.18 33.27 5.52
CA ARG D 177 -81.08 32.35 6.20
C ARG D 177 -80.30 31.16 6.73
N LEU D 178 -80.74 30.65 7.88
CA LEU D 178 -80.25 29.38 8.40
C LEU D 178 -81.33 28.31 8.24
N LEU D 179 -80.91 27.06 8.33
CA LEU D 179 -81.84 25.95 8.19
C LEU D 179 -82.47 25.60 9.53
N GLY D 183 -85.01 22.50 17.08
CA GLY D 183 -84.50 22.27 18.41
C GLY D 183 -83.03 22.65 18.55
N LEU D 184 -82.47 23.23 17.49
CA LEU D 184 -81.09 23.67 17.52
C LEU D 184 -80.94 24.89 18.43
N PRO D 185 -79.83 24.98 19.17
CA PRO D 185 -79.69 26.10 20.13
C PRO D 185 -79.36 27.44 19.48
N PHE D 186 -79.08 27.47 18.18
CA PHE D 186 -78.71 28.71 17.51
C PHE D 186 -79.96 29.37 16.92
N ARG D 187 -79.85 30.68 16.66
CA ARG D 187 -80.91 31.40 16.01
C ARG D 187 -80.35 32.59 15.25
N CYS D 188 -80.96 32.87 14.11
CA CYS D 188 -80.70 34.09 13.34
C CYS D 188 -81.81 35.08 13.67
N ALA D 189 -81.42 36.27 14.13
CA ALA D 189 -82.40 37.24 14.58
C ALA D 189 -83.15 37.83 13.38
N PRO D 190 -84.44 38.13 13.55
CA PRO D 190 -85.19 38.79 12.46
C PRO D 190 -84.86 40.27 12.39
N ASP D 191 -84.76 40.77 11.14
CA ASP D 191 -84.51 42.18 10.79
C ASP D 191 -83.17 42.71 11.32
N SER D 192 -82.27 41.80 11.69
CA SER D 192 -80.91 42.14 12.10
C SER D 192 -80.12 40.85 12.01
N LEU D 193 -79.06 40.84 11.21
CA LEU D 193 -78.44 39.58 10.78
C LEU D 193 -77.36 39.09 11.74
N GLU D 194 -77.48 39.41 13.02
CA GLU D 194 -76.66 38.76 14.03
C GLU D 194 -77.13 37.32 14.25
N VAL D 195 -76.21 36.48 14.72
CA VAL D 195 -76.49 35.08 15.03
C VAL D 195 -76.17 34.87 16.50
N SER D 196 -77.13 34.33 17.24
CA SER D 196 -76.95 34.12 18.67
C SER D 196 -77.27 32.68 19.02
N THR D 197 -77.03 32.34 20.28
CA THR D 197 -77.30 31.02 20.82
C THR D 197 -78.31 31.16 21.95
N ARG D 198 -79.30 30.26 21.97
CA ARG D 198 -80.40 30.39 22.92
C ARG D 198 -79.98 29.98 24.34
N TRP D 199 -79.58 28.72 24.52
CA TRP D 199 -79.20 28.20 25.83
C TRP D 199 -77.74 27.77 25.82
N ALA D 200 -77.19 27.58 27.02
CA ALA D 200 -75.80 27.20 27.17
C ALA D 200 -75.57 25.77 26.68
N LEU D 201 -74.34 25.50 26.24
CA LEU D 201 -74.01 24.25 25.59
C LEU D 201 -73.20 23.34 26.50
N ASP D 202 -73.19 22.06 26.16
CA ASP D 202 -72.29 21.08 26.76
C ASP D 202 -71.77 20.18 25.65
N ARG D 203 -70.45 19.98 25.65
CA ARG D 203 -69.82 19.11 24.67
C ARG D 203 -70.24 17.66 24.85
N GLU D 204 -70.51 17.25 26.09
CA GLU D 204 -70.76 15.85 26.42
C GLU D 204 -72.08 15.32 25.86
N GLN D 205 -72.95 16.20 25.35
CA GLN D 205 -74.14 15.76 24.63
C GLN D 205 -73.93 15.78 23.12
N ARG D 206 -73.33 16.84 22.60
CA ARG D 206 -72.98 16.94 21.19
C ARG D 206 -71.84 17.95 21.07
N GLU D 207 -70.87 17.65 20.21
CA GLU D 207 -69.66 18.46 20.13
C GLU D 207 -69.53 19.27 18.85
N LYS D 208 -70.18 18.87 17.76
CA LYS D 208 -70.06 19.55 16.48
C LYS D 208 -71.43 19.93 15.96
N TYR D 209 -71.53 21.12 15.38
CA TYR D 209 -72.74 21.59 14.72
C TYR D 209 -72.35 22.08 13.34
N GLU D 210 -72.70 21.31 12.32
CA GLU D 210 -72.55 21.77 10.94
C GLU D 210 -73.90 22.31 10.47
N LEU D 211 -73.91 23.56 10.01
CA LEU D 211 -75.10 24.22 9.51
C LEU D 211 -74.84 24.68 8.08
N VAL D 212 -75.88 25.21 7.44
CA VAL D 212 -75.76 25.75 6.10
C VAL D 212 -76.31 27.17 6.11
N ALA D 213 -75.46 28.14 5.82
CA ALA D 213 -75.88 29.52 5.65
C ALA D 213 -76.29 29.70 4.19
N VAL D 214 -77.48 30.25 3.98
CA VAL D 214 -78.06 30.39 2.64
C VAL D 214 -78.15 31.86 2.31
N CYS D 215 -77.51 32.27 1.22
CA CYS D 215 -77.53 33.64 0.75
C CYS D 215 -78.38 33.73 -0.51
N THR D 216 -79.29 34.70 -0.55
CA THR D 216 -80.19 34.92 -1.68
C THR D 216 -79.93 36.31 -2.23
N VAL D 217 -79.55 36.38 -3.51
CA VAL D 217 -79.24 37.63 -4.17
C VAL D 217 -80.31 37.87 -5.23
N HIS D 218 -80.90 39.07 -5.22
CA HIS D 218 -82.01 39.50 -6.08
C HIS D 218 -83.21 38.56 -6.02
N GLU D 223 -80.51 36.80 -9.67
CA GLU D 223 -80.96 36.07 -8.50
C GLU D 223 -80.24 34.73 -8.37
N GLU D 224 -79.56 34.53 -7.24
CA GLU D 224 -78.83 33.30 -7.01
C GLU D 224 -78.93 32.91 -5.55
N VAL D 225 -79.15 31.63 -5.30
CA VAL D 225 -79.18 31.05 -3.96
C VAL D 225 -77.90 30.24 -3.77
N VAL D 226 -77.09 30.64 -2.79
CA VAL D 226 -75.78 30.06 -2.54
C VAL D 226 -75.80 29.43 -1.15
N MET D 227 -75.31 28.20 -1.04
CA MET D 227 -75.22 27.49 0.22
C MET D 227 -73.77 27.42 0.68
N VAL D 228 -73.53 27.70 1.95
CA VAL D 228 -72.17 27.71 2.51
C VAL D 228 -72.16 26.89 3.80
N PRO D 229 -71.21 25.96 3.97
CA PRO D 229 -71.08 25.24 5.25
C PRO D 229 -70.72 26.17 6.40
N PHE D 230 -71.16 25.78 7.60
CA PHE D 230 -71.14 26.66 8.76
C PHE D 230 -70.77 25.82 9.98
N PRO D 231 -69.47 25.67 10.27
CA PRO D 231 -69.07 24.80 11.37
C PRO D 231 -68.95 25.51 12.72
N VAL D 232 -69.47 24.85 13.75
CA VAL D 232 -69.35 25.29 15.13
C VAL D 232 -68.83 24.13 15.96
N THR D 233 -67.74 24.35 16.69
CA THR D 233 -67.14 23.32 17.53
C THR D 233 -67.24 23.77 18.98
N VAL D 234 -67.79 22.89 19.83
CA VAL D 234 -68.00 23.20 21.24
C VAL D 234 -66.79 22.72 22.03
N TYR D 235 -66.21 23.63 22.81
CA TYR D 235 -65.01 23.31 23.58
C TYR D 235 -65.36 22.95 25.01
N ASP D 236 -64.44 22.24 25.67
CA ASP D 236 -64.73 21.50 26.88
C ASP D 236 -64.05 22.15 28.09
N GLU D 237 -64.63 21.88 29.25
CA GLU D 237 -64.00 22.08 30.55
C GLU D 237 -63.93 20.74 31.28
N ASP D 238 -63.23 20.72 32.41
CA ASP D 238 -63.07 19.49 33.20
C ASP D 238 -64.28 19.39 34.13
N ASP D 239 -65.37 18.87 33.58
CA ASP D 239 -66.64 18.75 34.30
C ASP D 239 -67.02 17.30 34.55
N SER D 240 -66.05 16.39 34.60
CA SER D 240 -66.33 14.97 34.80
C SER D 240 -65.27 14.37 35.70
N ALA D 241 -65.72 13.96 36.89
CA ALA D 241 -64.92 13.13 37.77
C ALA D 241 -64.73 11.74 37.13
N PRO D 242 -63.63 11.06 37.43
CA PRO D 242 -63.39 9.75 36.79
C PRO D 242 -64.34 8.70 37.33
N THR D 243 -64.53 7.65 36.52
CA THR D 243 -65.56 6.67 36.77
C THR D 243 -65.02 5.28 36.46
N PHE D 244 -65.41 4.29 37.28
CA PHE D 244 -65.15 2.90 36.97
C PHE D 244 -65.97 2.46 35.77
N PRO D 245 -65.51 1.45 35.01
CA PRO D 245 -66.33 0.93 33.90
C PRO D 245 -67.63 0.28 34.37
N ALA D 246 -67.55 -0.74 35.23
CA ALA D 246 -68.73 -1.25 35.91
C ALA D 246 -68.28 -1.83 37.25
N GLY D 247 -68.27 -0.98 38.28
CA GLY D 247 -68.12 -1.40 39.67
C GLY D 247 -66.79 -2.01 40.08
N VAL D 248 -65.88 -2.30 39.15
CA VAL D 248 -64.67 -3.04 39.46
C VAL D 248 -63.66 -2.09 40.07
N ASP D 249 -63.35 -2.30 41.36
CA ASP D 249 -62.34 -1.51 42.05
C ASP D 249 -61.10 -2.31 42.43
N THR D 250 -61.14 -3.63 42.33
CA THR D 250 -60.04 -4.49 42.72
C THR D 250 -59.59 -5.32 41.53
N ALA D 251 -58.30 -5.66 41.52
CA ALA D 251 -57.74 -6.56 40.52
C ALA D 251 -56.76 -7.49 41.19
N SER D 252 -57.01 -8.80 41.08
CA SER D 252 -56.20 -9.80 41.75
C SER D 252 -55.36 -10.56 40.73
N ALA D 253 -54.10 -10.78 41.07
CA ALA D 253 -53.19 -11.49 40.18
C ALA D 253 -52.14 -12.21 41.01
N VAL D 254 -51.62 -13.31 40.46
CA VAL D 254 -50.70 -14.20 41.15
C VAL D 254 -49.35 -14.15 40.43
N VAL D 255 -48.29 -13.85 41.16
CA VAL D 255 -46.94 -13.81 40.63
C VAL D 255 -46.29 -15.14 41.02
N GLU D 256 -46.28 -16.10 40.11
CA GLU D 256 -45.75 -17.42 40.40
C GLU D 256 -44.56 -17.81 39.52
N PHE D 257 -44.69 -17.73 38.20
CA PHE D 257 -43.71 -18.33 37.30
C PHE D 257 -42.85 -17.34 36.54
N LYS D 258 -43.31 -16.11 36.31
CA LYS D 258 -42.60 -15.23 35.38
C LYS D 258 -41.39 -14.56 36.05
N ARG D 259 -41.66 -13.69 37.03
CA ARG D 259 -40.66 -13.06 37.91
C ARG D 259 -39.60 -12.25 37.17
N LYS D 260 -39.86 -11.78 35.95
CA LYS D 260 -38.85 -11.05 35.19
C LYS D 260 -38.84 -9.59 35.67
N GLU D 261 -37.97 -8.77 35.06
CA GLU D 261 -37.74 -7.40 35.56
C GLU D 261 -38.95 -6.50 35.32
N ASP D 262 -39.66 -6.69 34.21
CA ASP D 262 -40.83 -5.87 33.90
C ASP D 262 -41.91 -6.73 33.25
N THR D 263 -42.85 -7.18 34.08
CA THR D 263 -43.97 -7.99 33.64
C THR D 263 -45.25 -7.36 34.15
N VAL D 264 -46.24 -7.23 33.26
CA VAL D 264 -47.52 -6.63 33.63
C VAL D 264 -48.29 -7.61 34.51
N VAL D 265 -48.48 -7.25 35.78
CA VAL D 265 -49.11 -8.13 36.74
C VAL D 265 -50.64 -7.96 36.69
N ALA D 266 -51.11 -6.73 36.87
CA ALA D 266 -52.54 -6.45 36.86
C ALA D 266 -52.80 -5.14 36.13
N THR D 267 -54.03 -4.98 35.65
CA THR D 267 -54.42 -3.86 34.79
C THR D 267 -55.89 -3.55 35.00
N LEU D 268 -56.23 -2.27 35.14
CA LEU D 268 -57.63 -1.88 35.26
C LEU D 268 -57.86 -0.53 34.60
N ARG D 269 -59.09 -0.34 34.09
CA ARG D 269 -59.49 0.85 33.37
C ARG D 269 -60.11 1.88 34.29
N VAL D 270 -60.01 3.15 33.88
CA VAL D 270 -60.69 4.27 34.52
C VAL D 270 -61.30 5.12 33.42
N PHE D 271 -62.61 5.31 33.46
CA PHE D 271 -63.33 6.05 32.44
C PHE D 271 -63.46 7.51 32.86
N ASP D 272 -63.24 8.42 31.92
CA ASP D 272 -63.37 9.86 32.17
C ASP D 272 -63.98 10.48 30.94
N ALA D 273 -65.02 11.28 31.12
CA ALA D 273 -65.58 12.01 29.99
C ALA D 273 -64.77 13.27 29.68
N ASP D 274 -63.93 13.71 30.61
CA ASP D 274 -63.08 14.87 30.41
C ASP D 274 -61.97 14.58 29.41
N VAL D 275 -61.71 15.58 28.55
CA VAL D 275 -60.65 15.51 27.55
C VAL D 275 -59.56 16.55 27.79
N VAL D 276 -59.91 17.70 28.37
CA VAL D 276 -59.12 18.93 28.52
C VAL D 276 -57.68 18.74 29.02
N PRO D 277 -57.37 17.86 30.03
CA PRO D 277 -55.95 17.61 30.29
C PRO D 277 -55.33 16.77 29.18
N ALA D 278 -54.93 17.44 28.09
CA ALA D 278 -54.45 16.76 26.90
C ALA D 278 -53.02 16.24 27.13
N SER D 279 -52.45 15.68 26.05
CA SER D 279 -51.28 14.81 26.16
C SER D 279 -50.03 15.54 26.64
N GLY D 280 -50.00 16.86 26.54
CA GLY D 280 -48.92 17.61 27.13
C GLY D 280 -49.04 17.72 28.63
N GLU D 281 -50.23 18.09 29.11
CA GLU D 281 -50.47 18.31 30.53
C GLU D 281 -51.18 17.14 31.20
N LEU D 282 -51.29 15.99 30.55
CA LEU D 282 -51.92 14.84 31.20
C LEU D 282 -51.01 14.23 32.25
N VAL D 283 -49.70 14.40 32.10
CA VAL D 283 -48.76 13.92 33.11
C VAL D 283 -48.86 14.77 34.37
N ARG D 284 -49.09 16.08 34.21
CA ARG D 284 -49.10 16.99 35.35
C ARG D 284 -50.41 16.96 36.12
N ARG D 285 -51.50 16.45 35.54
CA ARG D 285 -52.81 16.57 36.15
C ARG D 285 -53.38 15.23 36.61
N TYR D 286 -53.50 14.25 35.71
CA TYR D 286 -53.94 12.91 36.11
C TYR D 286 -52.80 12.25 36.86
N THR D 287 -52.90 12.27 38.19
CA THR D 287 -51.81 11.88 39.07
C THR D 287 -52.09 10.50 39.68
N SER D 288 -51.11 9.61 39.55
CA SER D 288 -51.18 8.26 40.11
C SER D 288 -50.14 8.14 41.21
N THR D 289 -50.60 7.92 42.44
CA THR D 289 -49.72 7.82 43.60
C THR D 289 -49.89 6.45 44.26
N LEU D 290 -48.82 5.66 44.29
CA LEU D 290 -48.83 4.38 44.99
C LEU D 290 -48.68 4.64 46.48
N LEU D 291 -49.69 4.24 47.26
CA LEU D 291 -49.71 4.58 48.67
C LEU D 291 -48.70 3.73 49.45
N PRO D 292 -48.01 4.32 50.44
CA PRO D 292 -46.92 3.62 51.10
C PRO D 292 -47.37 2.60 52.14
N GLY D 293 -46.40 2.05 52.87
CA GLY D 293 -46.69 1.11 53.94
C GLY D 293 -45.68 -0.03 54.02
N ASP D 294 -45.16 -0.45 52.88
CA ASP D 294 -44.17 -1.53 52.82
C ASP D 294 -43.15 -1.22 51.75
N THR D 295 -41.88 -1.27 52.12
CA THR D 295 -40.81 -0.97 51.18
C THR D 295 -40.57 -2.05 50.15
N TRP D 296 -41.04 -3.28 50.39
CA TRP D 296 -40.88 -4.35 49.42
C TRP D 296 -41.75 -4.13 48.20
N ALA D 297 -42.96 -3.58 48.40
CA ALA D 297 -43.83 -3.24 47.28
C ALA D 297 -43.22 -2.12 46.44
N GLN D 298 -42.77 -1.04 47.09
CA GLN D 298 -42.21 0.07 46.35
C GLN D 298 -40.84 -0.22 45.75
N GLN D 299 -40.15 -1.25 46.23
CA GLN D 299 -38.91 -1.68 45.59
C GLN D 299 -39.12 -2.77 44.55
N THR D 300 -40.29 -3.43 44.54
CA THR D 300 -40.56 -4.46 43.54
C THR D 300 -41.68 -4.13 42.58
N PHE D 301 -42.53 -3.14 42.88
CA PHE D 301 -43.66 -2.82 42.01
C PHE D 301 -43.67 -1.34 41.69
N ARG D 302 -44.26 -1.00 40.54
CA ARG D 302 -44.50 0.37 40.15
C ARG D 302 -45.83 0.45 39.43
N VAL D 303 -46.41 1.65 39.41
CA VAL D 303 -47.72 1.89 38.82
C VAL D 303 -47.51 2.64 37.51
N GLU D 304 -47.75 1.97 36.40
CA GLU D 304 -47.62 2.57 35.08
C GLU D 304 -48.99 2.98 34.57
N HIS D 305 -49.05 4.15 33.93
CA HIS D 305 -50.29 4.80 33.53
C HIS D 305 -50.23 5.27 32.09
N TRP D 306 -51.26 4.96 31.30
CA TRP D 306 -51.38 5.66 30.02
C TRP D 306 -52.83 5.78 29.60
N PRO D 307 -53.19 6.86 28.92
CA PRO D 307 -54.56 7.03 28.43
C PRO D 307 -54.72 6.51 27.01
N ASN D 308 -55.98 6.49 26.57
CA ASN D 308 -56.33 6.26 25.19
C ASN D 308 -57.74 6.79 24.99
N GLU D 309 -58.01 7.43 23.85
CA GLU D 309 -59.31 8.03 23.62
C GLU D 309 -60.24 7.08 22.86
N THR D 310 -61.47 6.97 23.35
CA THR D 310 -62.53 6.19 22.72
C THR D 310 -63.69 7.10 22.37
N SER D 311 -64.66 6.56 21.66
CA SER D 311 -65.84 7.29 21.23
C SER D 311 -67.09 6.63 21.79
N VAL D 312 -67.92 7.42 22.45
CA VAL D 312 -69.15 6.94 23.07
C VAL D 312 -70.31 7.75 22.49
N GLN D 313 -71.50 7.14 22.50
CA GLN D 313 -72.71 7.76 21.99
C GLN D 313 -73.47 8.46 23.10
N ALA D 314 -74.07 9.61 22.77
CA ALA D 314 -74.88 10.36 23.72
C ALA D 314 -76.34 10.41 23.33
N ASN D 315 -76.66 10.93 22.14
CA ASN D 315 -78.03 11.01 21.63
C ASN D 315 -78.08 10.66 20.15
N GLY D 316 -77.38 9.59 19.76
CA GLY D 316 -77.28 9.22 18.37
C GLY D 316 -76.09 9.79 17.64
N SER D 317 -75.23 10.55 18.33
CA SER D 317 -74.01 11.11 17.79
C SER D 317 -72.83 10.39 18.39
N PHE D 318 -71.62 10.88 18.11
CA PHE D 318 -70.39 10.29 18.63
C PHE D 318 -69.54 11.37 19.27
N VAL D 319 -69.46 11.37 20.60
CA VAL D 319 -68.52 12.20 21.31
C VAL D 319 -67.34 11.34 21.71
N ARG D 320 -66.26 11.96 22.16
CA ARG D 320 -65.06 11.23 22.52
C ARG D 320 -64.70 11.49 23.97
N ALA D 321 -64.09 10.48 24.60
CA ALA D 321 -63.76 10.51 26.01
C ALA D 321 -62.47 9.72 26.21
N THR D 322 -61.93 9.80 27.42
CA THR D 322 -60.65 9.19 27.73
C THR D 322 -60.84 7.95 28.59
N VAL D 323 -59.99 6.95 28.34
CA VAL D 323 -59.94 5.70 29.10
C VAL D 323 -58.50 5.55 29.55
N HIS D 324 -58.26 5.67 30.85
CA HIS D 324 -56.93 5.58 31.42
C HIS D 324 -56.69 4.15 31.89
N ASP D 325 -55.71 3.49 31.30
CA ASP D 325 -55.28 2.18 31.78
C ASP D 325 -54.21 2.37 32.84
N TYR D 326 -54.48 1.85 34.04
CA TYR D 326 -53.51 1.77 35.12
C TYR D 326 -53.10 0.32 35.29
N ARG D 327 -51.81 0.05 35.14
CA ARG D 327 -51.29 -1.30 35.33
C ARG D 327 -50.16 -1.27 36.35
N LEU D 328 -49.85 -2.46 36.87
CA LEU D 328 -48.91 -2.64 37.97
C LEU D 328 -47.80 -3.56 37.48
N VAL D 329 -46.58 -3.02 37.39
CA VAL D 329 -45.48 -3.67 36.71
C VAL D 329 -44.37 -3.97 37.71
N LEU D 330 -43.77 -5.16 37.59
CA LEU D 330 -42.60 -5.55 38.37
C LEU D 330 -41.43 -4.60 38.12
N ASN D 331 -40.49 -4.59 39.07
CA ASN D 331 -39.35 -3.68 39.01
C ASN D 331 -38.01 -4.39 39.05
N ARG D 332 -37.96 -5.65 39.51
CA ARG D 332 -36.71 -6.40 39.57
C ARG D 332 -37.03 -7.89 39.50
N ASN D 333 -36.00 -8.69 39.25
CA ASN D 333 -36.15 -10.15 39.25
C ASN D 333 -36.42 -10.65 40.66
N LEU D 334 -37.63 -11.13 40.90
CA LEU D 334 -37.98 -11.68 42.21
C LEU D 334 -37.28 -13.01 42.43
N SER D 335 -36.85 -13.23 43.67
CA SER D 335 -36.24 -14.50 44.03
C SER D 335 -37.31 -15.58 44.17
N ILE D 336 -36.86 -16.82 44.25
CA ILE D 336 -37.79 -17.94 44.35
C ILE D 336 -38.30 -18.09 45.78
N SER D 337 -37.52 -17.67 46.78
CA SER D 337 -37.85 -17.86 48.18
C SER D 337 -38.92 -16.91 48.71
N GLU D 338 -39.63 -16.19 47.85
CA GLU D 338 -40.69 -15.29 48.30
C GLU D 338 -42.00 -16.05 48.44
N ASN D 339 -42.65 -15.90 49.59
CA ASN D 339 -43.89 -16.58 49.93
C ASN D 339 -44.87 -15.58 50.56
N ARG D 340 -45.13 -14.48 49.88
CA ARG D 340 -45.89 -13.39 50.48
C ARG D 340 -47.18 -13.13 49.71
N THR D 341 -48.05 -12.34 50.35
CA THR D 341 -49.26 -11.84 49.72
C THR D 341 -49.61 -10.51 50.34
N MET D 342 -50.12 -9.59 49.51
CA MET D 342 -50.34 -8.21 49.92
C MET D 342 -51.53 -7.61 49.18
N GLN D 343 -51.94 -6.44 49.64
CA GLN D 343 -52.94 -5.62 48.97
C GLN D 343 -52.37 -4.21 48.85
N LEU D 344 -52.47 -3.64 47.65
CA LEU D 344 -51.86 -2.37 47.32
C LEU D 344 -52.93 -1.35 46.97
N ALA D 345 -52.67 -0.10 47.34
CA ALA D 345 -53.62 1.00 47.18
C ALA D 345 -53.03 2.08 46.30
N VAL D 346 -53.76 2.49 45.27
CA VAL D 346 -53.33 3.49 44.31
C VAL D 346 -54.32 4.65 44.34
N LEU D 347 -53.80 5.88 44.37
CA LEU D 347 -54.61 7.09 44.39
C LEU D 347 -54.60 7.72 43.02
N VAL D 348 -55.77 8.08 42.51
CA VAL D 348 -55.94 8.70 41.20
C VAL D 348 -56.53 10.08 41.41
N ASN D 349 -55.87 11.09 40.87
CA ASN D 349 -56.25 12.49 41.05
C ASN D 349 -56.53 13.13 39.70
N ASP D 350 -57.76 13.62 39.54
CA ASP D 350 -58.26 14.30 38.33
C ASP D 350 -58.35 15.78 38.65
N SER D 351 -57.24 16.49 38.49
CA SER D 351 -57.17 17.89 38.88
C SER D 351 -57.84 18.81 37.87
N GLY D 359 -64.11 13.46 42.67
CA GLY D 359 -63.05 13.79 41.75
C GLY D 359 -61.78 13.00 41.96
N VAL D 360 -61.69 12.34 43.12
CA VAL D 360 -60.51 11.58 43.51
C VAL D 360 -60.93 10.12 43.61
N LEU D 361 -60.06 9.20 43.15
CA LEU D 361 -60.40 7.80 43.02
C LEU D 361 -59.37 6.93 43.73
N LEU D 362 -59.82 5.76 44.19
CA LEU D 362 -58.97 4.83 44.92
C LEU D 362 -59.02 3.46 44.26
N LEU D 363 -57.87 2.81 44.15
CA LEU D 363 -57.72 1.55 43.44
C LEU D 363 -57.05 0.53 44.35
N HIS D 364 -57.40 -0.74 44.14
CA HIS D 364 -56.89 -1.83 44.97
C HIS D 364 -56.34 -2.95 44.10
N PHE D 365 -55.25 -3.55 44.57
CA PHE D 365 -54.59 -4.67 43.89
C PHE D 365 -54.28 -5.77 44.90
N ASN D 366 -54.85 -6.96 44.70
CA ASN D 366 -54.44 -8.12 45.49
C ASN D 366 -53.32 -8.84 44.76
N VAL D 367 -52.16 -8.95 45.41
CA VAL D 367 -51.00 -9.60 44.82
C VAL D 367 -50.62 -10.79 45.71
N SER D 368 -50.16 -11.87 45.07
CA SER D 368 -49.79 -13.09 45.76
C SER D 368 -48.55 -13.67 45.09
N VAL D 369 -47.41 -13.54 45.76
CA VAL D 369 -46.14 -14.05 45.25
C VAL D 369 -45.88 -15.37 45.94
N LEU D 370 -46.06 -16.47 45.20
CA LEU D 370 -45.93 -17.87 45.57
C LEU D 370 -44.55 -18.40 45.22
N PRO D 371 -43.92 -19.16 46.12
CA PRO D 371 -42.61 -19.73 45.81
C PRO D 371 -42.73 -20.89 44.83
N VAL D 372 -41.58 -21.30 44.29
CA VAL D 372 -41.51 -22.33 43.26
C VAL D 372 -40.67 -23.49 43.78
N SER D 373 -41.23 -24.70 43.72
CA SER D 373 -40.44 -25.90 43.94
C SER D 373 -39.74 -26.28 42.64
N LEU D 374 -38.51 -26.77 42.75
CA LEU D 374 -37.67 -27.01 41.59
C LEU D 374 -37.16 -28.45 41.57
N HIS D 375 -37.99 -29.39 42.00
CA HIS D 375 -37.60 -30.79 42.04
C HIS D 375 -37.60 -31.39 40.64
N LEU D 376 -36.96 -32.54 40.51
CA LEU D 376 -36.74 -33.24 39.25
C LEU D 376 -37.36 -34.63 39.30
N PRO D 377 -37.56 -35.27 38.14
CA PRO D 377 -37.87 -36.70 38.15
C PRO D 377 -36.73 -37.51 38.74
N SER D 378 -37.09 -38.67 39.32
CA SER D 378 -36.15 -39.44 40.11
C SER D 378 -35.14 -40.20 39.25
N THR D 379 -35.49 -40.53 38.01
CA THR D 379 -34.65 -41.38 37.19
C THR D 379 -34.70 -40.92 35.74
N TYR D 380 -33.54 -40.72 35.14
CA TYR D 380 -33.40 -40.43 33.72
C TYR D 380 -32.73 -41.62 33.06
N SER D 381 -33.49 -42.37 32.26
CA SER D 381 -32.99 -43.56 31.59
C SER D 381 -32.98 -43.31 30.08
N LEU D 382 -31.80 -43.41 29.48
CA LEU D 382 -31.61 -43.13 28.07
C LEU D 382 -30.34 -43.83 27.59
N SER D 383 -30.17 -43.90 26.27
CA SER D 383 -29.07 -44.63 25.68
C SER D 383 -28.34 -43.76 24.66
N VAL D 384 -27.29 -44.34 24.06
CA VAL D 384 -26.46 -43.66 23.07
C VAL D 384 -25.76 -44.74 22.24
N SER D 385 -25.62 -44.49 20.95
CA SER D 385 -24.91 -45.42 20.08
C SER D 385 -23.40 -45.33 20.32
N ARG D 386 -22.71 -46.41 19.96
CA ARG D 386 -21.25 -46.42 20.08
C ARG D 386 -20.57 -45.76 18.89
N ARG D 387 -21.26 -45.62 17.77
CA ARG D 387 -20.69 -45.05 16.57
C ARG D 387 -20.77 -43.52 16.57
N ALA D 388 -21.35 -42.93 17.62
CA ALA D 388 -21.58 -41.49 17.69
C ALA D 388 -20.28 -40.72 17.84
N ARG D 389 -20.36 -39.42 17.60
CA ARG D 389 -19.21 -38.53 17.55
C ARG D 389 -19.35 -37.45 18.62
N ARG D 390 -18.39 -36.53 18.64
CA ARG D 390 -18.37 -35.48 19.64
C ARG D 390 -19.43 -34.44 19.31
N PHE D 391 -20.04 -33.87 20.37
CA PHE D 391 -21.14 -32.90 20.29
C PHE D 391 -22.35 -33.49 19.56
N ALA D 392 -22.91 -34.55 20.14
CA ALA D 392 -24.11 -35.18 19.64
C ALA D 392 -25.16 -35.12 20.73
N GLN D 393 -26.29 -34.46 20.45
CA GLN D 393 -27.32 -34.28 21.46
C GLN D 393 -28.08 -35.59 21.68
N ILE D 394 -28.30 -35.92 22.95
CA ILE D 394 -28.99 -37.15 23.35
C ILE D 394 -30.34 -36.84 23.95
N GLY D 395 -30.37 -36.12 25.06
CA GLY D 395 -31.61 -35.85 25.75
C GLY D 395 -31.55 -34.53 26.50
N LYS D 396 -32.65 -34.21 27.16
CA LYS D 396 -32.79 -32.97 27.91
C LYS D 396 -33.03 -33.27 29.37
N VAL D 397 -32.36 -32.51 30.22
CA VAL D 397 -32.68 -32.41 31.64
C VAL D 397 -33.48 -31.12 31.81
N CYS D 398 -34.54 -31.18 32.62
CA CYS D 398 -35.39 -30.00 32.76
C CYS D 398 -36.14 -30.08 34.09
N VAL D 399 -36.13 -28.99 34.84
CA VAL D 399 -37.04 -28.82 35.97
C VAL D 399 -38.47 -28.79 35.41
N GLU D 400 -39.41 -29.42 36.15
CA GLU D 400 -40.66 -29.95 35.61
C GLU D 400 -41.51 -28.88 34.92
N ASN D 401 -41.60 -27.68 35.50
CA ASN D 401 -42.32 -26.58 34.86
C ASN D 401 -41.38 -25.86 33.88
N CYS D 402 -41.10 -26.55 32.77
CA CYS D 402 -40.02 -26.18 31.85
C CYS D 402 -40.18 -24.83 31.20
N GLN D 403 -41.20 -24.67 30.37
CA GLN D 403 -41.34 -23.48 29.53
C GLN D 403 -42.19 -22.39 30.18
N ALA D 404 -42.18 -22.33 31.50
CA ALA D 404 -42.88 -21.28 32.23
C ALA D 404 -41.97 -20.36 33.03
N PHE D 405 -40.69 -20.70 33.17
CA PHE D 405 -39.75 -19.80 33.82
C PHE D 405 -39.37 -18.69 32.85
N SER D 406 -39.34 -17.46 33.37
CA SER D 406 -38.96 -16.31 32.55
C SER D 406 -37.71 -15.62 33.08
N GLY D 407 -37.70 -15.22 34.35
CA GLY D 407 -36.58 -14.47 34.87
C GLY D 407 -35.78 -15.18 35.95
N ILE D 408 -35.52 -16.47 35.77
CA ILE D 408 -34.85 -17.29 36.77
C ILE D 408 -33.72 -18.06 36.09
N ASN D 409 -32.50 -17.92 36.62
CA ASN D 409 -31.33 -18.61 36.12
C ASN D 409 -31.16 -19.94 36.83
N VAL D 410 -31.20 -21.04 36.08
CA VAL D 410 -31.07 -22.38 36.63
C VAL D 410 -30.07 -23.13 35.75
N GLN D 411 -28.87 -23.38 36.30
CA GLN D 411 -27.82 -24.11 35.58
C GLN D 411 -27.75 -25.55 36.07
N TYR D 412 -27.27 -26.43 35.19
CA TYR D 412 -27.18 -27.86 35.47
C TYR D 412 -25.73 -28.31 35.36
N LYS D 413 -25.36 -29.30 36.16
CA LYS D 413 -24.00 -29.85 36.16
C LYS D 413 -24.06 -31.37 36.13
N LEU D 414 -22.89 -31.99 36.09
CA LEU D 414 -22.75 -33.44 36.18
C LEU D 414 -21.73 -33.80 37.26
N HIS D 415 -21.92 -34.98 37.86
CA HIS D 415 -21.01 -35.50 38.86
C HIS D 415 -20.89 -37.01 38.63
N SER D 416 -19.78 -37.43 38.02
CA SER D 416 -19.55 -38.84 37.77
C SER D 416 -19.19 -39.55 39.07
N SER D 417 -19.83 -40.69 39.31
CA SER D 417 -19.56 -41.44 40.53
C SER D 417 -18.29 -42.28 40.40
N GLY D 418 -18.03 -42.83 39.21
CA GLY D 418 -16.84 -43.62 39.01
C GLY D 418 -15.58 -42.79 38.87
N ALA D 419 -15.74 -41.54 38.39
CA ALA D 419 -14.65 -40.56 38.18
C ALA D 419 -13.54 -41.10 37.27
N ASN D 420 -13.91 -41.93 36.30
CA ASN D 420 -12.94 -42.54 35.39
C ASN D 420 -13.43 -42.42 33.95
N CYS D 421 -14.74 -42.30 33.78
CA CYS D 421 -15.36 -42.50 32.48
C CYS D 421 -16.10 -41.26 31.99
N SER D 422 -15.45 -40.10 32.06
CA SER D 422 -16.06 -38.84 31.64
C SER D 422 -16.35 -38.82 30.15
N THR D 423 -17.62 -38.92 29.80
CA THR D 423 -18.06 -38.98 28.41
C THR D 423 -19.07 -37.89 28.07
N LEU D 424 -20.02 -37.61 28.94
CA LEU D 424 -21.12 -36.71 28.64
C LEU D 424 -20.84 -35.31 29.20
N GLY D 425 -21.62 -34.35 28.72
CA GLY D 425 -21.52 -32.98 29.19
C GLY D 425 -22.85 -32.29 29.08
N VAL D 426 -22.99 -31.22 29.84
CA VAL D 426 -24.25 -30.48 29.97
C VAL D 426 -23.97 -29.01 29.74
N VAL D 427 -24.68 -28.42 28.79
CA VAL D 427 -24.76 -26.97 28.67
C VAL D 427 -26.19 -26.55 28.94
N THR D 428 -26.34 -25.31 29.43
CA THR D 428 -27.62 -24.78 29.88
C THR D 428 -28.17 -23.86 28.81
N SER D 429 -29.12 -24.36 28.02
CA SER D 429 -29.88 -23.53 27.10
C SER D 429 -30.86 -22.70 27.91
N ALA D 430 -30.63 -21.39 27.95
CA ALA D 430 -31.47 -20.47 28.72
C ALA D 430 -32.74 -20.06 27.98
N GLU D 431 -32.97 -20.58 26.78
CA GLU D 431 -34.22 -20.33 26.09
C GLU D 431 -35.39 -21.02 26.77
N ASP D 432 -35.23 -22.31 27.06
CA ASP D 432 -36.19 -23.08 27.84
C ASP D 432 -35.76 -23.26 29.28
N THR D 433 -34.56 -22.76 29.64
CA THR D 433 -33.85 -23.04 30.89
C THR D 433 -33.77 -24.55 31.15
N SER D 434 -33.18 -25.25 30.18
CA SER D 434 -33.01 -26.69 30.25
C SER D 434 -31.60 -27.05 29.81
N GLY D 435 -31.11 -28.20 30.28
CA GLY D 435 -29.76 -28.63 29.99
C GLY D 435 -29.76 -29.73 28.96
N ILE D 436 -28.74 -29.73 28.11
CA ILE D 436 -28.66 -30.63 26.98
C ILE D 436 -27.52 -31.61 27.21
N LEU D 437 -27.82 -32.90 27.08
CA LEU D 437 -26.81 -33.96 27.24
C LEU D 437 -26.12 -34.18 25.90
N PHE D 438 -24.81 -33.95 25.85
CA PHE D 438 -24.07 -34.15 24.61
C PHE D 438 -22.79 -34.93 24.88
N VAL D 439 -22.42 -35.78 23.93
CA VAL D 439 -21.21 -36.58 24.03
C VAL D 439 -20.00 -35.69 23.87
N ASN D 440 -19.14 -35.66 24.89
CA ASN D 440 -17.97 -34.80 24.87
C ASN D 440 -16.68 -35.54 24.53
N ASP D 441 -16.52 -36.79 24.99
CA ASP D 441 -15.30 -37.55 24.79
C ASP D 441 -15.62 -38.83 24.04
N THR D 442 -14.99 -39.01 22.88
CA THR D 442 -15.21 -40.19 22.04
C THR D 442 -14.38 -41.37 22.52
N LYS D 443 -13.24 -41.12 23.18
CA LYS D 443 -12.35 -42.19 23.61
C LYS D 443 -12.97 -43.02 24.73
N ALA D 444 -13.59 -42.36 25.71
CA ALA D 444 -14.21 -43.08 26.82
C ALA D 444 -15.49 -43.78 26.41
N LEU D 445 -16.10 -43.39 25.29
CA LEU D 445 -17.33 -44.01 24.86
C LEU D 445 -17.08 -45.33 24.13
N ARG D 446 -15.91 -45.49 23.51
CA ARG D 446 -15.59 -46.68 22.76
C ARG D 446 -14.97 -47.78 23.61
N ARG D 447 -14.61 -47.47 24.85
CA ARG D 447 -14.03 -48.47 25.74
C ARG D 447 -15.09 -49.48 26.18
N PRO D 448 -14.75 -50.77 26.24
CA PRO D 448 -15.72 -51.77 26.73
C PRO D 448 -15.86 -51.79 28.25
N LYS D 449 -15.05 -51.03 28.97
CA LYS D 449 -15.14 -50.98 30.42
C LYS D 449 -16.17 -49.97 30.90
N CYS D 450 -16.28 -48.84 30.21
CA CYS D 450 -17.22 -47.78 30.60
C CYS D 450 -18.49 -47.92 29.77
N ALA D 451 -19.23 -48.99 30.03
CA ALA D 451 -20.40 -49.34 29.24
C ALA D 451 -21.72 -49.03 29.93
N GLU D 452 -21.72 -48.77 31.22
CA GLU D 452 -22.94 -48.40 31.95
C GLU D 452 -22.56 -47.24 32.87
N LEU D 453 -22.98 -46.03 32.51
CA LEU D 453 -22.53 -44.82 33.20
C LEU D 453 -23.59 -44.32 34.15
N HIS D 454 -23.14 -43.89 35.33
CA HIS D 454 -23.99 -43.43 36.42
C HIS D 454 -23.58 -42.00 36.77
N TYR D 455 -24.50 -41.06 36.58
CA TYR D 455 -24.25 -39.66 36.84
C TYR D 455 -25.27 -39.12 37.84
N MET D 456 -24.89 -38.06 38.53
CA MET D 456 -25.75 -37.38 39.49
C MET D 456 -25.95 -35.95 38.98
N VAL D 457 -27.08 -35.72 38.31
CA VAL D 457 -27.36 -34.41 37.71
C VAL D 457 -27.82 -33.47 38.81
N VAL D 458 -27.19 -32.30 38.89
CA VAL D 458 -27.47 -31.33 39.94
C VAL D 458 -28.02 -30.07 39.29
N ALA D 459 -29.22 -29.67 39.70
CA ALA D 459 -29.90 -28.48 39.20
C ALA D 459 -29.71 -27.37 40.22
N THR D 460 -28.96 -26.34 39.83
CA THR D 460 -28.57 -25.28 40.74
C THR D 460 -29.45 -24.05 40.55
N ASP D 461 -29.08 -22.96 41.21
CA ASP D 461 -29.77 -21.68 41.09
C ASP D 461 -28.76 -20.60 41.39
N GLN D 462 -28.92 -19.44 40.76
CA GLN D 462 -27.89 -18.41 40.81
C GLN D 462 -28.07 -17.44 41.97
N GLN D 463 -29.28 -16.90 42.15
CA GLN D 463 -29.50 -15.92 43.22
C GLN D 463 -29.51 -16.59 44.59
N THR D 464 -30.25 -17.67 44.74
CA THR D 464 -30.29 -18.45 45.97
C THR D 464 -29.57 -19.76 45.70
N SER D 465 -28.93 -20.33 46.72
CA SER D 465 -28.18 -21.56 46.54
C SER D 465 -29.03 -22.83 46.65
N ARG D 466 -30.35 -22.73 46.46
CA ARG D 466 -31.21 -23.90 46.46
C ARG D 466 -30.93 -24.76 45.24
N GLN D 467 -31.01 -26.07 45.41
CA GLN D 467 -30.65 -26.99 44.34
C GLN D 467 -31.49 -28.25 44.44
N ALA D 468 -31.33 -29.11 43.45
CA ALA D 468 -31.98 -30.42 43.42
C ALA D 468 -31.04 -31.38 42.70
N GLN D 469 -31.36 -32.67 42.75
CA GLN D 469 -30.49 -33.66 42.12
C GLN D 469 -31.30 -34.85 41.66
N ALA D 470 -30.75 -35.55 40.68
CA ALA D 470 -31.42 -36.70 40.07
C ALA D 470 -30.39 -37.68 39.55
N GLN D 471 -30.85 -38.89 39.27
CA GLN D 471 -30.01 -39.98 38.79
C GLN D 471 -30.05 -40.05 37.27
N LEU D 472 -28.89 -40.29 36.66
CA LEU D 472 -28.78 -40.44 35.21
C LEU D 472 -28.05 -41.73 34.91
N LEU D 473 -28.79 -42.77 34.54
CA LEU D 473 -28.21 -44.02 34.07
C LEU D 473 -28.23 -43.98 32.54
N VAL D 474 -27.07 -44.21 31.92
CA VAL D 474 -27.00 -44.23 30.46
C VAL D 474 -26.17 -45.44 30.01
N THR D 475 -26.75 -46.22 29.10
CA THR D 475 -26.13 -47.42 28.57
C THR D 475 -25.61 -47.14 27.18
N VAL D 476 -24.35 -47.49 26.94
CA VAL D 476 -23.68 -47.25 25.67
C VAL D 476 -23.79 -48.54 24.85
N GLU D 477 -24.55 -48.49 23.77
CA GLU D 477 -25.01 -49.68 23.06
C GLU D 477 -24.62 -49.62 21.58
N GLY D 478 -24.13 -50.73 21.05
CA GLY D 478 -23.97 -50.86 19.62
C GLY D 478 -22.73 -51.64 19.26
N SER D 479 -22.49 -51.73 17.97
CA SER D 479 -21.23 -52.21 17.42
C SER D 479 -20.33 -51.01 17.11
N TYR D 480 -19.25 -51.23 16.38
CA TYR D 480 -18.36 -50.16 15.97
C TYR D 480 -17.83 -50.45 14.56
N VAL D 481 -17.94 -49.46 13.68
CA VAL D 481 -17.39 -49.52 12.33
C VAL D 481 -16.38 -48.38 12.19
N ALA D 482 -15.21 -48.68 11.63
CA ALA D 482 -14.19 -47.66 11.46
C ALA D 482 -14.60 -46.66 10.39
N GLU D 483 -13.96 -45.49 10.41
CA GLU D 483 -14.36 -44.37 9.57
C GLU D 483 -13.48 -44.30 8.33
N GLU D 484 -14.04 -43.79 7.25
CA GLU D 484 -13.31 -43.66 5.99
C GLU D 484 -12.37 -42.47 6.05
N ALA D 485 -11.17 -42.63 5.46
CA ALA D 485 -10.19 -41.56 5.37
C ALA D 485 -10.55 -40.51 4.32
N GLY D 486 -11.49 -40.82 3.43
CA GLY D 486 -11.93 -39.86 2.43
C GLY D 486 -13.10 -39.00 2.83
N CYS D 487 -13.51 -39.06 4.10
CA CYS D 487 -14.59 -38.24 4.61
C CYS D 487 -14.09 -36.93 5.20
N PRO D 488 -14.85 -35.84 4.99
CA PRO D 488 -14.51 -34.57 5.65
C PRO D 488 -14.92 -34.54 7.10
N LEU D 489 -14.73 -33.41 7.76
CA LEU D 489 -14.97 -33.33 9.19
C LEU D 489 -16.39 -32.88 9.51
N SER D 490 -17.10 -32.34 8.52
CA SER D 490 -18.48 -31.87 8.68
C SER D 490 -19.39 -32.57 7.69
N CYS D 491 -20.68 -32.61 8.03
CA CYS D 491 -21.70 -33.11 7.12
C CYS D 491 -21.98 -32.16 5.97
N ALA D 492 -21.86 -30.86 6.19
CA ALA D 492 -22.29 -29.86 5.22
C ALA D 492 -21.34 -29.74 4.02
N VAL D 493 -20.17 -30.38 4.07
CA VAL D 493 -19.25 -30.30 2.94
C VAL D 493 -19.76 -31.12 1.78
N SER D 494 -20.52 -32.19 2.06
CA SER D 494 -21.15 -32.98 1.01
C SER D 494 -22.22 -32.17 0.29
N LYS D 495 -22.47 -32.55 -0.97
CA LYS D 495 -23.29 -31.73 -1.84
C LYS D 495 -24.51 -32.48 -2.34
N ARG D 496 -24.35 -33.77 -2.66
CA ARG D 496 -25.45 -34.58 -3.16
C ARG D 496 -26.02 -35.44 -2.03
N ARG D 497 -26.97 -36.31 -2.40
CA ARG D 497 -27.59 -37.19 -1.41
C ARG D 497 -26.71 -38.40 -1.12
N LEU D 498 -26.11 -38.98 -2.15
CA LEU D 498 -25.34 -40.21 -1.99
C LEU D 498 -24.03 -39.93 -1.24
N GLU D 499 -23.44 -38.77 -1.47
CA GLU D 499 -22.23 -38.41 -0.72
C GLU D 499 -22.55 -37.88 0.66
N CYS D 500 -23.82 -37.65 0.97
CA CYS D 500 -24.21 -37.27 2.32
C CYS D 500 -24.52 -38.49 3.17
N GLU D 501 -25.34 -39.40 2.66
CA GLU D 501 -25.81 -40.52 3.48
C GLU D 501 -24.80 -41.64 3.61
N GLU D 502 -23.75 -41.66 2.79
CA GLU D 502 -22.73 -42.70 2.86
C GLU D 502 -21.49 -42.25 3.62
N CYS D 503 -21.58 -41.20 4.42
CA CYS D 503 -20.46 -40.68 5.16
C CYS D 503 -20.97 -39.93 6.38
N GLY D 504 -20.09 -39.80 7.39
CA GLY D 504 -20.43 -39.18 8.64
C GLY D 504 -19.74 -37.84 8.84
N GLY D 505 -20.25 -37.09 9.81
CA GLY D 505 -19.74 -35.78 10.15
C GLY D 505 -19.39 -35.71 11.63
N LEU D 506 -19.61 -34.53 12.20
CA LEU D 506 -19.26 -34.27 13.59
C LEU D 506 -20.44 -34.34 14.53
N GLY D 507 -21.52 -33.63 14.25
CA GLY D 507 -22.61 -33.59 15.21
C GLY D 507 -23.60 -34.73 15.18
N SER D 508 -23.30 -35.81 14.45
CA SER D 508 -24.30 -36.86 14.24
C SER D 508 -24.47 -37.70 15.49
N PRO D 509 -25.71 -38.12 15.81
CA PRO D 509 -25.92 -38.93 17.01
C PRO D 509 -25.76 -40.42 16.76
N THR D 510 -25.74 -40.82 15.49
CA THR D 510 -25.63 -42.23 15.14
C THR D 510 -24.41 -42.56 14.30
N GLY D 511 -23.65 -41.56 13.86
CA GLY D 511 -22.43 -41.79 13.09
C GLY D 511 -22.55 -41.44 11.63
N ARG D 512 -23.76 -41.29 11.10
CA ARG D 512 -23.98 -40.94 9.72
C ARG D 512 -24.77 -39.65 9.61
N CYS D 513 -24.69 -39.01 8.45
CA CYS D 513 -25.36 -37.73 8.22
C CYS D 513 -26.74 -37.98 7.62
N GLU D 514 -27.60 -36.97 7.73
CA GLU D 514 -28.97 -37.04 7.27
C GLU D 514 -29.22 -36.00 6.19
N TRP D 515 -29.79 -36.43 5.08
CA TRP D 515 -30.07 -35.56 3.94
C TRP D 515 -31.53 -35.16 3.96
N ARG D 516 -31.80 -33.86 4.09
CA ARG D 516 -33.17 -33.37 3.96
C ARG D 516 -33.34 -32.71 2.60
N GLN D 517 -34.48 -32.98 1.97
CA GLN D 517 -34.77 -32.50 0.63
C GLN D 517 -35.82 -31.40 0.66
N GLY D 518 -35.53 -30.30 0.00
CA GLY D 518 -36.46 -29.19 -0.10
C GLY D 518 -37.42 -29.35 -1.26
N ASP D 519 -37.48 -28.35 -2.12
CA ASP D 519 -38.45 -28.31 -3.20
C ASP D 519 -37.93 -27.37 -4.30
N GLY D 520 -38.71 -27.22 -5.35
CA GLY D 520 -38.33 -26.35 -6.46
C GLY D 520 -39.10 -25.05 -6.50
N LYS D 521 -39.31 -24.42 -5.34
CA LYS D 521 -40.08 -23.20 -5.26
C LYS D 521 -39.21 -21.96 -5.15
N GLY D 522 -38.00 -21.99 -5.69
CA GLY D 522 -37.16 -20.80 -5.64
C GLY D 522 -36.50 -20.62 -4.30
N ILE D 523 -36.29 -19.35 -3.93
CA ILE D 523 -35.65 -19.00 -2.67
C ILE D 523 -36.64 -19.21 -1.54
N THR D 524 -36.53 -20.34 -0.85
CA THR D 524 -37.44 -20.74 0.21
C THR D 524 -36.67 -21.11 1.46
N ARG D 525 -37.40 -21.24 2.57
CA ARG D 525 -36.84 -21.73 3.82
C ARG D 525 -36.61 -23.23 3.81
N ASN D 526 -37.21 -23.96 2.86
CA ASN D 526 -37.06 -25.40 2.75
C ASN D 526 -36.06 -25.67 1.61
N PHE D 527 -34.78 -25.62 1.97
CA PHE D 527 -33.69 -25.86 1.02
C PHE D 527 -33.02 -27.18 1.36
N SER D 528 -32.71 -27.97 0.33
CA SER D 528 -32.15 -29.30 0.55
C SER D 528 -30.71 -29.22 1.00
N THR D 529 -30.38 -29.95 2.06
CA THR D 529 -29.05 -29.88 2.63
C THR D 529 -28.70 -31.17 3.35
N CYS D 530 -27.44 -31.26 3.77
CA CYS D 530 -26.93 -32.39 4.53
C CYS D 530 -26.62 -31.93 5.95
N SER D 531 -27.34 -32.47 6.93
CA SER D 531 -27.25 -32.01 8.30
C SER D 531 -26.96 -33.20 9.21
N PRO D 532 -26.35 -32.96 10.38
CA PRO D 532 -26.22 -34.05 11.36
C PRO D 532 -27.55 -34.57 11.87
N SER D 533 -28.39 -33.67 12.36
CA SER D 533 -29.73 -34.00 12.84
C SER D 533 -30.72 -33.08 12.17
N THR D 534 -31.70 -33.66 11.47
CA THR D 534 -32.73 -32.86 10.79
C THR D 534 -33.72 -32.22 11.76
N LYS D 535 -33.65 -32.51 13.06
CA LYS D 535 -34.46 -31.81 14.04
C LYS D 535 -33.70 -30.70 14.75
N THR D 536 -32.41 -30.57 14.51
CA THR D 536 -31.64 -29.59 15.26
C THR D 536 -30.80 -28.66 14.39
N CYS D 537 -30.16 -29.18 13.33
CA CYS D 537 -29.23 -28.35 12.57
C CYS D 537 -29.94 -27.37 11.63
N PRO D 538 -30.84 -27.77 10.65
CA PRO D 538 -31.43 -26.75 9.77
C PRO D 538 -32.69 -26.14 10.36
N ASP D 539 -32.62 -25.72 11.61
CA ASP D 539 -33.77 -25.29 12.41
C ASP D 539 -34.00 -23.79 12.41
N GLY D 540 -32.93 -23.00 12.30
CA GLY D 540 -33.07 -21.57 12.33
C GLY D 540 -32.63 -20.96 13.65
N HIS D 541 -32.16 -21.82 14.56
CA HIS D 541 -31.64 -21.38 15.84
C HIS D 541 -30.29 -22.04 16.08
N CYS D 542 -29.36 -21.25 16.63
CA CYS D 542 -28.01 -21.70 16.92
C CYS D 542 -27.90 -21.85 18.44
N ASP D 543 -28.21 -23.04 18.93
CA ASP D 543 -28.24 -23.27 20.37
C ASP D 543 -26.82 -23.45 20.92
N VAL D 544 -26.75 -23.84 22.19
CA VAL D 544 -25.52 -23.72 22.96
C VAL D 544 -24.57 -24.85 22.57
N VAL D 545 -25.11 -25.96 22.07
CA VAL D 545 -24.29 -27.07 21.60
C VAL D 545 -23.63 -26.74 20.27
N GLU D 546 -24.40 -26.20 19.32
CA GLU D 546 -23.90 -25.93 17.98
C GLU D 546 -22.89 -24.78 17.95
N THR D 547 -22.91 -23.89 18.93
CA THR D 547 -22.02 -22.72 18.92
C THR D 547 -20.69 -23.00 19.61
N GLN D 548 -20.43 -24.24 20.00
CA GLN D 548 -19.16 -24.56 20.64
C GLN D 548 -18.01 -24.53 19.65
N ASP D 549 -18.06 -25.41 18.65
CA ASP D 549 -17.06 -25.46 17.60
C ASP D 549 -17.77 -25.44 16.26
N ILE D 550 -17.35 -24.57 15.36
CA ILE D 550 -18.10 -24.40 14.12
C ILE D 550 -17.57 -25.42 13.12
N ASN D 551 -18.02 -26.66 13.27
CA ASN D 551 -17.93 -27.70 12.26
C ASN D 551 -19.22 -28.50 12.29
N ILE D 552 -19.99 -28.29 13.35
CA ILE D 552 -21.19 -29.07 13.64
C ILE D 552 -22.28 -28.72 12.65
N CYS D 553 -22.66 -27.44 12.61
CA CYS D 553 -23.79 -26.99 11.81
C CYS D 553 -23.51 -25.56 11.35
N PRO D 554 -22.82 -25.41 10.21
CA PRO D 554 -22.48 -24.06 9.74
C PRO D 554 -23.67 -23.33 9.13
N GLN D 555 -24.64 -24.08 8.63
CA GLN D 555 -25.84 -23.54 7.99
C GLN D 555 -26.90 -23.07 8.97
N ASP D 556 -26.53 -22.94 10.24
CA ASP D 556 -27.34 -22.29 11.25
C ASP D 556 -26.54 -21.33 12.11
N CYS D 557 -25.20 -21.29 11.96
CA CYS D 557 -24.36 -20.61 12.92
C CYS D 557 -23.22 -19.80 12.30
N LEU D 558 -23.16 -19.66 10.97
CA LEU D 558 -21.94 -19.08 10.41
C LEU D 558 -22.00 -17.56 10.42
N ARG D 559 -20.81 -16.95 10.36
CA ARG D 559 -20.64 -15.51 10.17
C ARG D 559 -19.79 -15.35 8.91
N GLY D 560 -20.44 -15.37 7.75
CA GLY D 560 -19.71 -15.32 6.51
C GLY D 560 -20.49 -14.78 5.33
N SER D 561 -20.35 -15.43 4.18
CA SER D 561 -21.02 -15.00 2.96
C SER D 561 -21.60 -16.20 2.25
N ILE D 562 -22.75 -16.00 1.61
CA ILE D 562 -23.42 -17.03 0.85
C ILE D 562 -23.40 -16.64 -0.62
N VAL D 563 -22.90 -17.54 -1.45
CA VAL D 563 -22.78 -17.33 -2.89
C VAL D 563 -23.96 -17.98 -3.58
N GLY D 564 -24.75 -17.18 -4.27
CA GLY D 564 -25.95 -17.64 -4.94
C GLY D 564 -27.15 -16.82 -4.52
N GLY D 565 -28.30 -17.23 -5.05
CA GLY D 565 -29.54 -16.60 -4.66
C GLY D 565 -29.95 -17.03 -3.27
N HIS D 566 -29.89 -16.11 -2.31
CA HIS D 566 -30.07 -16.49 -0.92
C HIS D 566 -30.89 -15.41 -0.23
N GLU D 567 -31.01 -15.56 1.08
CA GLU D 567 -31.59 -14.59 1.99
C GLU D 567 -30.99 -14.87 3.35
N PRO D 568 -30.31 -13.90 3.97
CA PRO D 568 -29.45 -14.20 5.12
C PRO D 568 -30.22 -14.41 6.40
N GLY D 569 -29.62 -15.20 7.29
CA GLY D 569 -30.18 -15.37 8.61
C GLY D 569 -30.11 -14.09 9.41
N GLU D 570 -31.05 -13.93 10.35
CA GLU D 570 -31.24 -12.62 10.93
C GLU D 570 -30.20 -12.31 12.01
N PRO D 571 -29.85 -13.24 12.96
CA PRO D 571 -28.58 -13.01 13.68
C PRO D 571 -27.40 -13.47 12.86
N ARG D 572 -27.56 -14.62 12.22
CA ARG D 572 -26.53 -15.38 11.52
C ARG D 572 -27.19 -16.61 10.90
N GLY D 573 -26.51 -17.20 9.93
CA GLY D 573 -26.98 -18.43 9.33
C GLY D 573 -27.51 -18.20 7.93
N ILE D 574 -28.13 -19.25 7.39
CA ILE D 574 -28.80 -19.19 6.10
C ILE D 574 -30.30 -19.28 6.36
N LYS D 575 -31.00 -18.18 6.08
CA LYS D 575 -32.45 -18.15 6.28
C LYS D 575 -33.18 -18.75 5.09
N ALA D 576 -32.68 -18.50 3.88
CA ALA D 576 -33.29 -19.08 2.69
C ALA D 576 -32.23 -19.23 1.61
N GLY D 577 -32.36 -20.28 0.81
CA GLY D 577 -31.41 -20.53 -0.27
C GLY D 577 -32.10 -21.13 -1.46
N TYR D 578 -31.41 -21.08 -2.60
CA TYR D 578 -31.95 -21.53 -3.88
C TYR D 578 -31.29 -22.85 -4.25
N GLY D 579 -32.05 -23.94 -4.17
CA GLY D 579 -31.53 -25.25 -4.51
C GLY D 579 -30.79 -25.87 -3.34
N THR D 580 -29.67 -26.53 -3.63
CA THR D 580 -28.86 -27.16 -2.61
C THR D 580 -27.89 -26.14 -2.00
N CYS D 581 -27.67 -26.23 -0.70
CA CYS D 581 -26.77 -25.32 -0.01
C CYS D 581 -25.75 -26.13 0.77
N ASN D 582 -24.50 -26.06 0.36
CA ASN D 582 -23.38 -26.64 1.11
C ASN D 582 -22.50 -25.53 1.67
N CYS D 583 -21.64 -25.87 2.63
CA CYS D 583 -20.89 -24.86 3.33
C CYS D 583 -19.49 -25.34 3.67
N PHE D 584 -18.50 -24.47 3.44
CA PHE D 584 -17.13 -24.66 3.91
C PHE D 584 -16.94 -23.78 5.13
N PRO D 585 -16.94 -24.34 6.34
CA PRO D 585 -16.76 -23.52 7.54
C PRO D 585 -15.32 -23.14 7.82
N GLU D 586 -14.36 -23.79 7.17
CA GLU D 586 -12.96 -23.42 7.35
C GLU D 586 -12.63 -22.11 6.64
N GLU D 587 -13.44 -21.71 5.67
CA GLU D 587 -13.27 -20.44 4.97
C GLU D 587 -14.41 -19.47 5.24
N GLU D 588 -15.41 -19.88 6.03
CA GLU D 588 -16.64 -19.14 6.31
C GLU D 588 -17.36 -18.77 5.01
N LYS D 589 -17.76 -19.80 4.27
CA LYS D 589 -18.42 -19.55 2.99
C LYS D 589 -19.49 -20.61 2.77
N CYS D 590 -20.58 -20.23 2.12
CA CYS D 590 -21.58 -21.21 1.72
C CYS D 590 -21.94 -20.99 0.25
N PHE D 591 -22.40 -22.06 -0.39
CA PHE D 591 -22.86 -22.02 -1.76
C PHE D 591 -24.30 -22.53 -1.81
N CYS D 592 -25.19 -21.71 -2.38
CA CYS D 592 -26.57 -22.10 -2.64
C CYS D 592 -26.79 -22.06 -4.14
N GLU D 593 -27.14 -23.20 -4.71
CA GLU D 593 -27.11 -23.43 -6.14
C GLU D 593 -27.91 -24.68 -6.47
N PRO D 594 -28.71 -24.69 -7.55
CA PRO D 594 -29.41 -25.90 -7.93
C PRO D 594 -28.49 -26.95 -8.55
N PRO E 14 37.53 -10.25 24.99
CA PRO E 14 38.02 -9.04 24.33
C PRO E 14 36.91 -8.11 23.87
N VAL E 15 37.05 -6.82 24.18
CA VAL E 15 36.06 -5.81 23.84
C VAL E 15 36.45 -5.17 22.52
N ASP E 16 35.52 -5.13 21.57
CA ASP E 16 35.80 -4.54 20.26
C ASP E 16 35.89 -3.01 20.37
N CYS E 17 36.39 -2.40 19.30
CA CYS E 17 36.81 -1.01 19.35
C CYS E 17 35.63 -0.04 19.36
N VAL E 18 34.44 -0.47 18.93
CA VAL E 18 33.28 0.41 18.98
C VAL E 18 32.79 0.56 20.43
N ARG E 19 32.65 -0.57 21.14
CA ARG E 19 32.33 -0.52 22.56
C ARG E 19 33.46 0.09 23.37
N ALA E 20 34.70 -0.07 22.91
CA ALA E 20 35.82 0.60 23.55
C ALA E 20 35.77 2.10 23.36
N ASN E 21 35.30 2.56 22.19
CA ASN E 21 35.09 3.99 21.96
C ASN E 21 33.95 4.51 22.83
N GLU E 22 32.92 3.69 23.04
CA GLU E 22 31.81 4.09 23.89
C GLU E 22 32.24 4.20 25.36
N LEU E 23 33.03 3.24 25.83
CA LEU E 23 33.54 3.31 27.20
C LEU E 23 34.59 4.40 27.34
N CYS E 24 35.28 4.75 26.26
CA CYS E 24 36.16 5.91 26.28
C CYS E 24 35.35 7.20 26.35
N ALA E 25 34.16 7.22 25.75
CA ALA E 25 33.30 8.40 25.80
C ALA E 25 32.65 8.59 27.16
N ALA E 26 32.72 7.61 28.06
CA ALA E 26 32.16 7.74 29.39
C ALA E 26 33.07 8.52 30.35
N GLU E 27 34.29 8.83 29.95
CA GLU E 27 35.23 9.58 30.77
C GLU E 27 35.77 10.77 29.99
N SER E 28 36.47 11.64 30.69
CA SER E 28 36.96 12.88 30.09
C SER E 28 38.45 12.84 29.78
N ASN E 29 39.26 12.24 30.66
CA ASN E 29 40.71 12.27 30.49
C ASN E 29 41.15 11.37 29.34
N CYS E 30 40.59 10.15 29.27
CA CYS E 30 40.95 9.23 28.20
C CYS E 30 40.45 9.73 26.84
N SER E 31 39.26 10.32 26.82
CA SER E 31 38.73 10.90 25.58
C SER E 31 39.55 12.10 25.15
N SER E 32 40.02 12.91 26.12
CA SER E 32 40.85 14.07 25.78
C SER E 32 42.20 13.64 25.22
N ARG E 33 42.81 12.60 25.80
CA ARG E 33 44.07 12.11 25.27
C ARG E 33 43.90 11.42 23.92
N TYR E 34 42.76 10.75 23.71
CA TYR E 34 42.48 10.11 22.42
C TYR E 34 42.28 11.16 21.32
N ARG E 35 41.51 12.21 21.59
CA ARG E 35 41.36 13.28 20.61
C ARG E 35 42.65 14.06 20.42
N THR E 36 43.48 14.15 21.45
CA THR E 36 44.79 14.79 21.33
C THR E 36 45.70 14.02 20.38
N LEU E 37 45.79 12.70 20.56
CA LEU E 37 46.62 11.89 19.68
C LEU E 37 46.03 11.80 18.27
N ARG E 38 44.70 11.86 18.14
CA ARG E 38 44.08 11.87 16.82
C ARG E 38 44.34 13.17 16.08
N GLN E 39 44.36 14.29 16.80
CA GLN E 39 44.70 15.56 16.16
C GLN E 39 46.20 15.66 15.86
N CYS E 40 47.04 15.00 16.66
CA CYS E 40 48.47 15.03 16.38
C CYS E 40 48.83 14.16 15.18
N LEU E 41 48.24 12.96 15.09
CA LEU E 41 48.60 12.06 14.00
C LEU E 41 47.94 12.46 12.69
N ALA E 42 46.62 12.46 12.64
CA ALA E 42 45.90 12.76 11.41
C ALA E 42 45.75 14.26 11.22
N ASN E 52 57.14 14.21 20.60
CA ASN E 52 57.86 15.17 21.43
C ASN E 52 57.54 14.94 22.90
N LYS E 53 56.73 15.82 23.48
CA LYS E 53 56.29 15.70 24.86
C LYS E 53 54.78 15.60 25.01
N GLU E 54 54.02 15.91 23.96
CA GLU E 54 52.57 15.76 23.98
C GLU E 54 52.16 14.39 23.49
N CYS E 55 52.76 13.92 22.38
CA CYS E 55 52.39 12.64 21.80
C CYS E 55 52.82 11.48 22.68
N GLN E 56 53.98 11.60 23.33
CA GLN E 56 54.43 10.54 24.23
C GLN E 56 53.57 10.48 25.49
N ALA E 57 53.10 11.62 25.98
CA ALA E 57 52.17 11.62 27.11
C ALA E 57 50.84 11.00 26.74
N ALA E 58 50.32 11.34 25.55
CA ALA E 58 49.07 10.74 25.09
C ALA E 58 49.21 9.23 24.87
N LEU E 59 50.38 8.79 24.39
CA LEU E 59 50.63 7.37 24.20
C LEU E 59 50.73 6.63 25.53
N GLU E 60 51.45 7.21 26.50
CA GLU E 60 51.59 6.52 27.79
C GLU E 60 50.30 6.59 28.62
N VAL E 61 49.37 7.49 28.28
CA VAL E 61 48.03 7.36 28.83
C VAL E 61 47.26 6.24 28.12
N LEU E 62 47.24 6.26 26.79
CA LEU E 62 46.39 5.35 26.02
C LEU E 62 46.90 3.91 25.94
N GLN E 63 48.10 3.62 26.48
CA GLN E 63 48.53 2.22 26.54
C GLN E 63 47.71 1.40 27.52
N GLU E 64 47.16 2.02 28.56
CA GLU E 64 46.32 1.32 29.53
C GLU E 64 44.84 1.46 29.22
N SER E 65 44.50 2.06 28.09
CA SER E 65 43.10 2.26 27.72
C SER E 65 42.49 0.96 27.20
N PRO E 66 41.16 0.84 27.26
CA PRO E 66 40.50 -0.27 26.53
C PRO E 66 40.58 -0.14 25.02
N LEU E 67 40.87 1.06 24.51
CA LEU E 67 41.16 1.23 23.09
C LEU E 67 42.46 0.52 22.69
N TYR E 68 43.39 0.40 23.61
CA TYR E 68 44.57 -0.41 23.36
C TYR E 68 44.20 -1.88 23.43
N ASP E 69 44.75 -2.66 22.49
CA ASP E 69 44.45 -4.09 22.30
C ASP E 69 42.96 -4.35 22.06
N CYS E 70 42.28 -3.45 21.35
CA CYS E 70 40.93 -3.74 20.89
C CYS E 70 41.00 -4.34 19.50
N ARG E 71 40.01 -5.15 19.17
CA ARG E 71 39.97 -5.84 17.89
C ARG E 71 38.67 -5.50 17.18
N CYS E 72 38.47 -6.11 16.01
CA CYS E 72 37.21 -6.03 15.30
C CYS E 72 36.76 -7.44 14.98
N LYS E 73 35.69 -7.60 14.22
CA LYS E 73 35.18 -8.92 13.87
C LYS E 73 34.86 -8.95 12.38
N ARG E 74 34.50 -10.14 11.90
CA ARG E 74 34.23 -10.37 10.50
C ARG E 74 32.73 -10.30 10.24
N GLY E 75 32.31 -9.38 9.39
CA GLY E 75 30.90 -9.22 9.07
C GLY E 75 30.06 -8.67 10.21
N MET E 76 30.66 -7.86 11.08
CA MET E 76 29.96 -7.33 12.23
C MET E 76 29.12 -6.12 11.82
N LYS E 77 28.40 -5.56 12.80
CA LYS E 77 27.68 -4.32 12.60
C LYS E 77 28.64 -3.15 12.64
N LYS E 78 28.64 -2.34 11.58
CA LYS E 78 29.48 -1.14 11.42
C LYS E 78 30.97 -1.51 11.53
N GLU E 79 31.42 -2.31 10.56
CA GLU E 79 32.80 -2.79 10.55
C GLU E 79 33.78 -1.66 10.20
N LEU E 80 33.38 -0.79 9.27
CA LEU E 80 34.25 0.28 8.80
C LEU E 80 34.56 1.29 9.90
N GLN E 81 33.61 1.52 10.82
CA GLN E 81 33.87 2.43 11.93
C GLN E 81 34.87 1.82 12.92
N CYS E 82 34.77 0.51 13.16
CA CYS E 82 35.74 -0.19 14.00
C CYS E 82 37.14 -0.14 13.40
N LEU E 83 37.23 -0.31 12.07
CA LEU E 83 38.54 -0.24 11.43
C LEU E 83 39.06 1.18 11.35
N GLN E 84 38.18 2.19 11.34
CA GLN E 84 38.65 3.57 11.44
C GLN E 84 39.13 3.89 12.84
N ILE E 85 38.53 3.27 13.87
CA ILE E 85 39.03 3.45 15.23
C ILE E 85 40.39 2.77 15.38
N TYR E 86 40.58 1.61 14.75
CA TYR E 86 41.85 0.87 14.90
C TYR E 86 43.01 1.62 14.25
N TRP E 87 42.90 1.94 12.96
CA TRP E 87 44.04 2.47 12.21
C TRP E 87 44.35 3.93 12.51
N SER E 88 43.61 4.57 13.41
CA SER E 88 43.89 5.94 13.81
C SER E 88 44.83 6.04 15.00
N ILE E 89 45.21 4.91 15.60
CA ILE E 89 46.15 4.91 16.72
C ILE E 89 47.32 3.99 16.42
N HIS E 90 47.49 3.62 15.15
CA HIS E 90 48.66 2.87 14.72
C HIS E 90 49.80 3.85 14.46
N LEU E 91 50.95 3.60 15.08
CA LEU E 91 52.08 4.52 15.03
C LEU E 91 53.08 4.02 13.99
N GLY E 92 53.19 4.75 12.88
CA GLY E 92 54.13 4.39 11.83
C GLY E 92 55.30 5.33 11.72
N GLU E 98 57.70 -2.89 8.14
CA GLU E 98 56.33 -2.56 7.76
C GLU E 98 55.85 -3.45 6.62
N PHE E 99 56.56 -4.56 6.39
CA PHE E 99 56.14 -5.52 5.39
C PHE E 99 54.95 -6.33 5.88
N TYR E 100 55.04 -6.84 7.11
CA TYR E 100 53.92 -7.50 7.78
C TYR E 100 53.33 -6.56 8.82
N GLU E 101 52.01 -6.63 8.99
CA GLU E 101 51.31 -5.80 9.96
C GLU E 101 50.37 -6.66 10.79
N ALA E 102 50.05 -6.16 11.98
CA ALA E 102 49.22 -6.90 12.92
C ALA E 102 47.78 -6.91 12.47
N SER E 103 47.15 -8.08 12.48
CA SER E 103 45.77 -8.23 12.05
C SER E 103 44.82 -7.72 13.12
N PRO E 104 43.94 -6.78 12.80
CA PRO E 104 42.96 -6.27 13.78
C PRO E 104 41.65 -7.08 13.76
N TYR E 105 41.73 -8.35 14.13
CA TYR E 105 40.55 -9.21 14.08
C TYR E 105 40.57 -10.16 15.27
N GLU E 106 39.43 -10.82 15.47
CA GLU E 106 39.32 -11.86 16.48
C GLU E 106 40.16 -13.06 16.06
N PRO E 107 41.03 -13.58 16.93
CA PRO E 107 41.92 -14.68 16.53
C PRO E 107 41.20 -16.00 16.31
N VAL E 108 40.54 -16.12 15.16
CA VAL E 108 39.80 -17.34 14.83
C VAL E 108 40.76 -18.46 14.48
N ASN E 136 32.06 -34.65 -10.11
CA ASN E 136 32.34 -33.22 -10.23
C ASN E 136 31.89 -32.50 -8.97
N HIS E 137 32.86 -32.07 -8.16
CA HIS E 137 32.54 -31.51 -6.86
C HIS E 137 32.07 -30.06 -6.95
N CYS E 138 32.60 -29.29 -7.90
CA CYS E 138 32.24 -27.88 -8.00
C CYS E 138 30.83 -27.70 -8.54
N LEU E 139 30.40 -28.62 -9.42
CA LEU E 139 29.01 -28.61 -9.90
C LEU E 139 28.05 -28.94 -8.77
N ASP E 140 28.44 -29.86 -7.88
CA ASP E 140 27.61 -30.17 -6.71
C ASP E 140 27.58 -29.01 -5.72
N ALA E 141 28.67 -28.26 -5.63
CA ALA E 141 28.68 -27.07 -4.78
C ALA E 141 27.76 -25.99 -5.34
N ALA E 142 27.75 -25.84 -6.66
CA ALA E 142 26.84 -24.88 -7.30
C ALA E 142 25.38 -25.32 -7.13
N LYS E 143 25.13 -26.63 -7.20
CA LYS E 143 23.80 -27.16 -6.92
C LYS E 143 23.37 -26.88 -5.49
N ALA E 144 24.28 -27.09 -4.52
CA ALA E 144 23.96 -26.83 -3.12
C ALA E 144 23.79 -25.36 -2.83
N CYS E 145 24.38 -24.47 -3.64
CA CYS E 145 24.09 -23.05 -3.46
C CYS E 145 22.77 -22.65 -4.13
N ASN E 146 22.45 -23.24 -5.28
CA ASN E 146 21.18 -22.90 -5.93
C ASN E 146 19.97 -23.45 -5.18
N LEU E 147 20.11 -24.59 -4.50
CA LEU E 147 18.98 -25.12 -3.76
C LEU E 147 18.71 -24.38 -2.46
N ASN E 148 19.60 -23.47 -2.05
CA ASN E 148 19.34 -22.61 -0.91
C ASN E 148 18.47 -21.44 -1.36
N ASP E 149 18.12 -20.55 -0.43
CA ASP E 149 17.36 -19.36 -0.76
C ASP E 149 18.11 -18.07 -0.44
N ASN E 150 19.20 -18.16 0.34
CA ASN E 150 20.02 -16.99 0.58
C ASN E 150 21.20 -16.96 -0.37
N CYS E 151 21.87 -18.12 -0.54
CA CYS E 151 22.99 -18.23 -1.46
C CYS E 151 22.55 -18.05 -2.90
N LYS E 152 21.33 -18.49 -3.24
CA LYS E 152 20.81 -18.31 -4.58
C LYS E 152 20.58 -16.84 -4.91
N LYS E 153 19.99 -16.10 -3.96
CA LYS E 153 19.72 -14.68 -4.18
C LYS E 153 21.01 -13.87 -4.26
N LEU E 154 21.96 -14.13 -3.37
CA LEU E 154 23.20 -13.36 -3.43
C LEU E 154 24.10 -13.78 -4.59
N ARG E 155 24.05 -15.06 -4.99
CA ARG E 155 24.78 -15.52 -6.17
C ARG E 155 24.24 -14.85 -7.43
N SER E 156 22.91 -14.83 -7.58
CA SER E 156 22.33 -14.19 -8.74
C SER E 156 22.53 -12.67 -8.71
N SER E 157 22.63 -12.09 -7.51
CA SER E 157 22.98 -10.68 -7.38
C SER E 157 24.36 -10.38 -7.96
N TYR E 158 25.39 -11.10 -7.50
CA TYR E 158 26.73 -10.72 -7.97
C TYR E 158 26.95 -11.15 -9.41
N ILE E 159 26.28 -12.22 -9.87
CA ILE E 159 26.44 -12.60 -11.27
C ILE E 159 25.74 -11.60 -12.19
N SER E 160 24.52 -11.17 -11.84
CA SER E 160 23.82 -10.22 -12.69
C SER E 160 24.43 -8.83 -12.64
N ILE E 161 25.14 -8.47 -11.57
CA ILE E 161 25.85 -7.19 -11.58
C ILE E 161 27.15 -7.31 -12.37
N CYS E 162 27.93 -8.37 -12.16
CA CYS E 162 29.26 -8.45 -12.75
C CYS E 162 29.26 -8.86 -14.22
N ASN E 163 28.11 -9.17 -14.81
CA ASN E 163 28.03 -9.62 -16.20
C ASN E 163 27.21 -8.65 -17.03
N ARG E 164 27.32 -7.36 -16.73
CA ARG E 164 26.53 -6.32 -17.40
C ARG E 164 27.49 -5.46 -18.22
N GLU E 165 27.61 -5.77 -19.51
CA GLU E 165 28.52 -5.05 -20.37
C GLU E 165 27.94 -3.69 -20.75
N ILE E 166 28.73 -2.64 -20.52
CA ILE E 166 28.24 -1.28 -20.70
C ILE E 166 28.58 -0.77 -22.10
N SER E 167 29.85 -0.71 -22.43
CA SER E 167 30.36 -0.14 -23.66
C SER E 167 31.31 -1.15 -24.31
N PRO E 168 31.68 -0.95 -25.57
CA PRO E 168 32.74 -1.79 -26.15
C PRO E 168 34.12 -1.60 -25.54
N THR E 169 34.35 -0.55 -24.75
CA THR E 169 35.61 -0.39 -24.04
C THR E 169 35.53 -0.81 -22.58
N GLU E 170 34.43 -0.53 -21.90
CA GLU E 170 34.26 -0.91 -20.50
C GLU E 170 33.56 -2.26 -20.43
N ARG E 171 34.25 -3.26 -19.87
CA ARG E 171 33.69 -4.60 -19.82
C ARG E 171 32.55 -4.71 -18.81
N CYS E 172 32.67 -4.01 -17.68
CA CYS E 172 31.70 -4.12 -16.60
C CYS E 172 31.86 -2.94 -15.66
N ASN E 173 30.88 -2.77 -14.78
CA ASN E 173 31.00 -1.81 -13.71
C ASN E 173 31.79 -2.45 -12.57
N ARG E 174 32.97 -1.90 -12.30
CA ARG E 174 33.94 -2.56 -11.43
C ARG E 174 33.54 -2.48 -9.96
N ARG E 175 33.12 -1.29 -9.52
CA ARG E 175 32.90 -1.04 -8.10
C ARG E 175 31.68 -1.79 -7.58
N LYS E 176 30.61 -1.84 -8.37
CA LYS E 176 29.43 -2.58 -7.93
C LYS E 176 29.66 -4.09 -8.00
N CYS E 177 30.53 -4.54 -8.89
CA CYS E 177 30.92 -5.95 -8.93
C CYS E 177 31.70 -6.34 -7.67
N HIS E 178 32.67 -5.50 -7.28
CA HIS E 178 33.43 -5.76 -6.06
C HIS E 178 32.54 -5.66 -4.82
N LYS E 179 31.59 -4.72 -4.82
CA LYS E 179 30.69 -4.60 -3.68
C LYS E 179 29.75 -5.80 -3.57
N ALA E 180 29.30 -6.32 -4.72
CA ALA E 180 28.44 -7.50 -4.69
C ALA E 180 29.22 -8.75 -4.29
N LEU E 181 30.50 -8.83 -4.67
CA LEU E 181 31.34 -9.94 -4.22
C LEU E 181 31.58 -9.88 -2.72
N ARG E 182 31.81 -8.68 -2.18
CA ARG E 182 31.95 -8.54 -0.73
C ARG E 182 30.66 -8.91 0.00
N GLN E 183 29.51 -8.55 -0.56
CA GLN E 183 28.24 -8.91 0.06
C GLN E 183 28.00 -10.41 -0.01
N PHE E 184 28.46 -11.08 -1.06
CA PHE E 184 28.30 -12.53 -1.11
C PHE E 184 29.24 -13.25 -0.15
N PHE E 185 30.48 -12.80 -0.04
CA PHE E 185 31.45 -13.47 0.81
C PHE E 185 31.51 -12.90 2.23
N ASP E 186 30.55 -12.06 2.61
CA ASP E 186 30.38 -11.69 4.01
C ASP E 186 29.24 -12.43 4.70
N ARG E 187 28.03 -12.39 4.13
CA ARG E 187 26.83 -12.83 4.82
C ARG E 187 26.21 -14.09 4.20
N VAL E 188 27.05 -15.03 3.79
CA VAL E 188 26.61 -16.38 3.43
C VAL E 188 27.41 -17.32 4.33
N PRO E 189 26.81 -18.37 4.90
CA PRO E 189 27.56 -19.29 5.75
C PRO E 189 28.66 -20.03 5.00
N SER E 190 29.75 -20.27 5.71
CA SER E 190 31.01 -20.69 5.10
C SER E 190 31.06 -22.15 4.67
N GLU E 191 29.96 -22.88 4.78
CA GLU E 191 29.89 -24.20 4.16
C GLU E 191 29.37 -24.12 2.74
N TYR E 192 29.03 -22.93 2.26
CA TYR E 192 28.64 -22.69 0.87
C TYR E 192 29.67 -21.89 0.09
N THR E 193 30.27 -20.88 0.70
CA THR E 193 31.26 -20.07 -0.01
C THR E 193 32.59 -20.79 -0.16
N TYR E 194 32.92 -21.75 0.71
CA TYR E 194 34.19 -22.46 0.60
C TYR E 194 34.07 -23.68 -0.28
N ARG E 195 32.89 -24.29 -0.31
CA ARG E 195 32.69 -25.50 -1.10
C ARG E 195 32.72 -25.19 -2.59
N MET E 196 32.29 -23.99 -2.97
CA MET E 196 32.36 -23.55 -4.37
C MET E 196 33.75 -23.07 -4.76
N LEU E 197 34.49 -22.51 -3.80
CA LEU E 197 35.75 -21.85 -4.11
C LEU E 197 36.94 -22.79 -3.99
N PHE E 198 36.87 -23.79 -3.13
CA PHE E 198 37.95 -24.75 -2.92
C PHE E 198 37.37 -26.14 -3.14
N CYS E 199 37.35 -26.59 -4.38
CA CYS E 199 36.76 -27.87 -4.74
C CYS E 199 37.69 -28.61 -5.68
N SER E 200 38.18 -29.76 -5.23
CA SER E 200 39.26 -30.46 -5.92
C SER E 200 38.79 -31.05 -7.24
N CYS E 201 39.64 -30.96 -8.26
CA CYS E 201 39.26 -31.30 -9.62
C CYS E 201 40.28 -32.25 -10.23
N GLN E 202 39.84 -32.93 -11.29
CA GLN E 202 40.64 -33.94 -11.96
C GLN E 202 40.67 -33.79 -13.49
N ASP E 203 40.07 -32.75 -14.04
CA ASP E 203 40.09 -32.52 -15.48
C ASP E 203 40.05 -31.01 -15.73
N GLN E 204 39.74 -30.62 -16.96
CA GLN E 204 39.80 -29.21 -17.36
C GLN E 204 38.49 -28.47 -17.09
N ALA E 205 37.34 -29.12 -17.28
CA ALA E 205 36.05 -28.45 -17.11
C ALA E 205 35.80 -28.08 -15.66
N CYS E 206 36.20 -28.96 -14.73
CA CYS E 206 36.06 -28.68 -13.31
C CYS E 206 36.95 -27.50 -12.90
N ALA E 207 38.19 -27.48 -13.40
CA ALA E 207 39.09 -26.39 -13.06
C ALA E 207 38.67 -25.08 -13.70
N GLU E 208 37.99 -25.14 -14.85
CA GLU E 208 37.52 -23.92 -15.49
C GLU E 208 36.30 -23.37 -14.76
N ARG E 209 35.37 -24.24 -14.34
CA ARG E 209 34.27 -23.82 -13.49
C ARG E 209 34.76 -23.27 -12.16
N ARG E 210 35.84 -23.83 -11.64
CA ARG E 210 36.41 -23.35 -10.38
C ARG E 210 37.12 -22.01 -10.55
N ARG E 211 37.74 -21.78 -11.70
CA ARG E 211 38.37 -20.49 -11.96
C ARG E 211 37.34 -19.41 -12.24
N GLN E 212 36.22 -19.76 -12.86
CA GLN E 212 35.18 -18.83 -13.27
C GLN E 212 34.23 -18.46 -12.12
N THR E 213 34.57 -18.83 -10.88
CA THR E 213 33.65 -18.68 -9.76
C THR E 213 33.51 -17.22 -9.33
N ILE E 214 34.62 -16.49 -9.23
CA ILE E 214 34.52 -15.10 -8.79
C ILE E 214 34.43 -14.19 -9.99
N LEU E 215 34.18 -14.78 -11.17
CA LEU E 215 34.00 -14.14 -12.47
C LEU E 215 35.21 -13.28 -12.80
N PRO E 216 36.33 -13.89 -13.19
CA PRO E 216 37.60 -13.15 -13.25
C PRO E 216 37.69 -12.14 -14.37
N SER E 217 36.85 -12.23 -15.40
CA SER E 217 36.95 -11.32 -16.53
C SER E 217 36.49 -9.91 -16.20
N CYS E 218 35.82 -9.70 -15.07
CA CYS E 218 35.41 -8.39 -14.62
C CYS E 218 36.17 -7.89 -13.40
N SER E 219 36.26 -8.71 -12.36
CA SER E 219 36.80 -8.25 -11.08
C SER E 219 38.28 -8.53 -10.91
N TYR E 220 38.80 -9.61 -11.48
CA TYR E 220 40.20 -9.97 -11.32
C TYR E 220 41.09 -9.30 -12.36
N GLU E 221 40.78 -9.49 -13.64
CA GLU E 221 41.62 -9.00 -14.71
C GLU E 221 41.49 -7.49 -14.89
N ASP E 222 42.30 -6.94 -15.79
CA ASP E 222 42.32 -5.53 -16.11
C ASP E 222 42.95 -5.40 -17.49
N LYS E 223 43.21 -4.17 -17.93
CA LYS E 223 43.91 -3.98 -19.19
C LYS E 223 45.41 -4.24 -19.06
N GLU E 224 45.96 -4.05 -17.86
CA GLU E 224 47.39 -4.11 -17.63
C GLU E 224 47.67 -4.80 -16.31
N LYS E 225 48.89 -5.32 -16.18
CA LYS E 225 49.34 -5.87 -14.91
C LYS E 225 50.20 -4.84 -14.20
N PRO E 226 49.75 -4.25 -13.10
CA PRO E 226 50.57 -3.28 -12.39
C PRO E 226 51.69 -3.96 -11.59
N ASN E 227 52.55 -3.13 -11.03
CA ASN E 227 53.57 -3.62 -10.12
C ASN E 227 52.92 -4.04 -8.82
N CYS E 228 53.48 -5.08 -8.20
CA CYS E 228 52.89 -5.60 -6.96
C CYS E 228 53.12 -4.65 -5.80
N LEU E 229 54.22 -3.89 -5.81
CA LEU E 229 54.45 -2.91 -4.75
C LEU E 229 53.52 -1.72 -4.87
N ASP E 230 53.25 -1.28 -6.11
CA ASP E 230 52.32 -0.18 -6.30
C ASP E 230 50.89 -0.60 -6.02
N LEU E 231 50.55 -1.85 -6.37
CA LEU E 231 49.25 -2.40 -6.02
C LEU E 231 49.11 -2.57 -4.51
N ARG E 232 50.21 -2.90 -3.82
CA ARG E 232 50.18 -2.98 -2.37
C ARG E 232 50.02 -1.60 -1.74
N GLY E 233 50.62 -0.57 -2.35
CA GLY E 233 50.42 0.78 -1.86
C GLY E 233 49.00 1.28 -2.06
N VAL E 234 48.39 0.93 -3.21
CA VAL E 234 46.99 1.25 -3.46
C VAL E 234 46.09 0.55 -2.44
N CYS E 235 46.37 -0.72 -2.14
CA CYS E 235 45.56 -1.44 -1.16
C CYS E 235 45.79 -0.92 0.26
N ARG E 236 47.01 -0.51 0.60
CA ARG E 236 47.28 0.02 1.93
C ARG E 236 46.84 1.46 2.09
N THR E 237 46.47 2.15 1.01
CA THR E 237 45.81 3.45 1.17
C THR E 237 44.40 3.27 1.72
N ASP E 238 43.72 2.21 1.30
CA ASP E 238 42.36 1.92 1.74
C ASP E 238 42.38 1.43 3.19
N HIS E 239 41.20 1.43 3.82
CA HIS E 239 41.05 0.97 5.20
C HIS E 239 40.61 -0.50 5.28
N LEU E 240 39.68 -0.91 4.43
CA LEU E 240 39.22 -2.30 4.45
C LEU E 240 40.25 -3.23 3.80
N CYS E 241 40.85 -2.80 2.68
CA CYS E 241 41.79 -3.65 1.96
C CYS E 241 43.06 -3.88 2.77
N ARG E 242 43.52 -2.84 3.48
CA ARG E 242 44.69 -2.97 4.34
C ARG E 242 44.44 -3.93 5.49
N SER E 243 43.23 -3.89 6.05
CA SER E 243 42.90 -4.78 7.16
C SER E 243 42.75 -6.22 6.70
N ARG E 244 42.15 -6.44 5.52
CA ARG E 244 42.05 -7.80 5.01
C ARG E 244 43.41 -8.34 4.56
N LEU E 245 44.30 -7.47 4.07
CA LEU E 245 45.64 -7.91 3.72
C LEU E 245 46.45 -8.26 4.96
N ALA E 246 46.34 -7.46 6.02
CA ALA E 246 47.00 -7.80 7.27
C ALA E 246 46.39 -9.04 7.92
N ASP E 247 45.11 -9.31 7.68
CA ASP E 247 44.51 -10.55 8.15
C ASP E 247 45.00 -11.75 7.35
N PHE E 248 45.30 -11.57 6.06
CA PHE E 248 45.89 -12.65 5.29
C PHE E 248 47.34 -12.90 5.68
N HIS E 249 48.07 -11.84 6.06
CA HIS E 249 49.44 -11.96 6.50
C HIS E 249 49.58 -12.36 7.96
N ALA E 250 48.54 -12.93 8.56
CA ALA E 250 48.60 -13.45 9.92
C ALA E 250 48.22 -14.91 10.04
N ASN E 251 47.39 -15.43 9.14
CA ASN E 251 46.90 -16.79 9.24
C ASN E 251 47.39 -17.70 8.13
N CYS E 252 48.18 -17.19 7.18
CA CYS E 252 48.66 -18.00 6.07
C CYS E 252 50.15 -17.83 5.82
N ARG E 253 50.91 -17.39 6.83
CA ARG E 253 52.35 -17.33 6.70
C ARG E 253 52.96 -18.73 6.75
N ALA E 254 54.20 -18.83 6.31
CA ALA E 254 54.92 -20.10 6.33
C ALA E 254 55.87 -20.15 7.52
N SER E 255 55.86 -21.29 8.21
CA SER E 255 56.75 -21.50 9.35
C SER E 255 57.33 -22.91 9.27
N TYR E 256 58.58 -23.04 9.70
CA TYR E 256 59.30 -24.30 9.67
C TYR E 256 59.11 -25.12 10.93
N GLN E 257 58.35 -24.60 11.91
CA GLN E 257 58.20 -25.27 13.19
C GLN E 257 57.10 -26.32 13.16
N THR E 258 55.91 -25.96 12.69
CA THR E 258 54.79 -26.87 12.68
C THR E 258 54.93 -27.89 11.55
N VAL E 259 54.22 -29.01 11.71
CA VAL E 259 54.25 -30.08 10.70
C VAL E 259 53.37 -29.77 9.50
N THR E 260 52.53 -28.74 9.59
CA THR E 260 51.63 -28.35 8.50
C THR E 260 51.97 -26.98 7.94
N SER E 261 53.09 -26.39 8.37
CA SER E 261 53.65 -25.12 7.91
C SER E 261 52.76 -23.91 8.18
N CYS E 262 51.70 -24.07 8.96
CA CYS E 262 50.74 -23.02 9.26
C CYS E 262 50.86 -22.58 10.71
N PRO E 263 50.50 -21.34 11.04
CA PRO E 263 50.52 -20.90 12.44
C PRO E 263 49.45 -21.62 13.25
N ALA E 264 49.91 -22.40 14.25
CA ALA E 264 49.10 -23.16 15.21
C ALA E 264 48.22 -24.21 14.54
N ASP E 265 48.57 -24.62 13.31
CA ASP E 265 47.92 -25.71 12.56
C ASP E 265 46.42 -25.44 12.38
N ASN E 266 46.10 -24.26 11.88
CA ASN E 266 44.71 -23.84 11.72
C ASN E 266 44.46 -23.58 10.23
N TYR E 267 43.90 -24.59 9.56
CA TYR E 267 43.54 -24.44 8.15
C TYR E 267 42.34 -23.51 7.97
N GLN E 268 41.43 -23.51 8.94
CA GLN E 268 40.21 -22.73 8.85
C GLN E 268 40.51 -21.23 8.86
N ALA E 269 41.49 -20.82 9.67
CA ALA E 269 41.87 -19.41 9.70
C ALA E 269 42.54 -18.98 8.40
N CYS E 270 43.29 -19.89 7.76
CA CYS E 270 43.93 -19.53 6.49
C CYS E 270 42.91 -19.42 5.37
N LEU E 271 41.94 -20.33 5.33
CA LEU E 271 40.90 -20.22 4.31
C LEU E 271 39.99 -19.01 4.56
N GLY E 272 39.75 -18.67 5.83
CA GLY E 272 38.98 -17.46 6.12
C GLY E 272 39.72 -16.18 5.84
N SER E 273 41.04 -16.19 5.97
CA SER E 273 41.83 -15.02 5.61
C SER E 273 41.99 -14.89 4.12
N TYR E 274 41.99 -16.01 3.38
CA TYR E 274 42.07 -15.95 1.94
C TYR E 274 40.76 -15.46 1.33
N ALA E 275 39.63 -16.00 1.83
CA ALA E 275 38.33 -15.64 1.27
C ALA E 275 37.90 -14.21 1.61
N GLY E 276 38.56 -13.55 2.55
CA GLY E 276 38.23 -12.18 2.89
C GLY E 276 38.86 -11.13 2.01
N MET E 277 39.67 -11.52 1.04
CA MET E 277 40.31 -10.59 0.14
C MET E 277 39.57 -10.44 -1.19
N ILE E 278 38.67 -11.37 -1.51
CA ILE E 278 37.92 -11.30 -2.75
C ILE E 278 36.93 -10.15 -2.67
N GLY E 279 37.12 -9.16 -3.52
CA GLY E 279 36.27 -7.98 -3.52
C GLY E 279 37.05 -6.70 -3.33
N PHE E 280 38.37 -6.77 -3.47
CA PHE E 280 39.21 -5.61 -3.26
C PHE E 280 40.18 -5.43 -4.42
N ASP E 281 41.12 -4.48 -4.27
CA ASP E 281 42.11 -4.26 -5.31
C ASP E 281 43.14 -5.39 -5.34
N MET E 282 43.41 -6.00 -4.20
CA MET E 282 44.33 -7.12 -4.12
C MET E 282 43.52 -8.42 -4.12
N THR E 283 42.87 -8.68 -5.25
CA THR E 283 41.97 -9.81 -5.38
C THR E 283 42.71 -11.00 -5.97
N PRO E 284 42.84 -12.11 -5.23
CA PRO E 284 43.49 -13.30 -5.77
C PRO E 284 42.51 -14.22 -6.49
N ASN E 285 43.05 -14.98 -7.43
CA ASN E 285 42.29 -16.01 -8.14
C ASN E 285 43.32 -16.99 -8.70
N TYR E 286 42.84 -17.97 -9.46
CA TYR E 286 43.71 -18.98 -10.02
C TYR E 286 44.25 -18.50 -11.37
N VAL E 287 45.52 -18.83 -11.64
CA VAL E 287 46.15 -18.30 -12.84
C VAL E 287 45.77 -19.05 -14.10
N ASP E 288 45.29 -20.29 -13.99
CA ASP E 288 45.02 -21.11 -15.15
C ASP E 288 44.01 -22.19 -14.77
N SER E 289 43.66 -23.02 -15.76
CA SER E 289 42.72 -24.11 -15.57
C SER E 289 43.43 -25.46 -15.37
N SER E 290 44.58 -25.45 -14.70
CA SER E 290 45.27 -26.71 -14.42
C SER E 290 44.55 -27.45 -13.30
N PRO E 291 44.38 -28.78 -13.44
CA PRO E 291 43.65 -29.54 -12.42
C PRO E 291 44.35 -29.65 -11.08
N THR E 292 45.62 -30.08 -11.10
CA THR E 292 46.34 -30.39 -9.88
C THR E 292 47.09 -29.21 -9.31
N GLY E 293 47.80 -28.46 -10.14
CA GLY E 293 48.58 -27.33 -9.69
C GLY E 293 47.72 -26.18 -9.21
N ILE E 294 47.70 -25.96 -7.90
CA ILE E 294 46.87 -24.93 -7.29
C ILE E 294 47.78 -23.72 -7.06
N VAL E 295 47.73 -22.76 -7.99
CA VAL E 295 48.56 -21.57 -7.95
C VAL E 295 47.65 -20.37 -7.88
N VAL E 296 47.74 -19.61 -6.79
CA VAL E 296 47.01 -18.36 -6.65
C VAL E 296 47.99 -17.21 -6.72
N SER E 297 47.50 -16.06 -7.16
CA SER E 297 48.27 -14.82 -7.20
C SER E 297 47.29 -13.67 -7.38
N PRO E 298 47.70 -12.46 -7.05
CA PRO E 298 46.92 -11.29 -7.48
C PRO E 298 47.14 -10.99 -8.95
N TRP E 299 46.54 -9.91 -9.43
CA TRP E 299 46.78 -9.45 -10.80
C TRP E 299 47.90 -8.41 -10.78
N CYS E 300 49.11 -8.92 -10.57
CA CYS E 300 50.31 -8.09 -10.62
C CYS E 300 51.48 -8.95 -11.05
N SER E 301 52.62 -8.31 -11.26
CA SER E 301 53.85 -9.00 -11.64
C SER E 301 55.03 -8.19 -11.15
N CYS E 302 56.21 -8.79 -11.20
CA CYS E 302 57.42 -8.22 -10.63
C CYS E 302 58.16 -7.31 -11.58
N ARG E 303 57.61 -7.00 -12.75
CA ARG E 303 58.29 -6.19 -13.73
C ARG E 303 58.19 -4.71 -13.38
N GLY E 304 59.24 -3.96 -13.73
CA GLY E 304 59.26 -2.55 -13.41
C GLY E 304 59.48 -2.27 -11.94
N SER E 305 60.25 -3.11 -11.26
CA SER E 305 60.42 -3.00 -9.81
C SER E 305 61.58 -2.07 -9.44
N GLY E 306 62.67 -2.11 -10.18
CA GLY E 306 63.85 -1.34 -9.84
C GLY E 306 64.83 -2.19 -9.03
N ASN E 307 65.33 -1.63 -7.94
CA ASN E 307 66.16 -2.37 -6.99
C ASN E 307 65.33 -3.02 -5.88
N MET E 308 64.02 -3.14 -6.08
CA MET E 308 63.13 -3.82 -5.14
C MET E 308 62.56 -5.09 -5.76
N GLU E 309 63.38 -5.81 -6.53
CA GLU E 309 62.91 -7.07 -7.11
C GLU E 309 62.77 -8.14 -6.04
N GLU E 310 63.68 -8.15 -5.06
CA GLU E 310 63.67 -9.18 -4.02
C GLU E 310 62.47 -9.05 -3.10
N GLU E 311 62.14 -7.82 -2.70
CA GLU E 311 60.96 -7.58 -1.86
C GLU E 311 59.68 -7.90 -2.62
N CYS E 312 59.64 -7.59 -3.91
CA CYS E 312 58.44 -7.86 -4.71
C CYS E 312 58.24 -9.36 -4.93
N GLU E 313 59.32 -10.09 -5.20
CA GLU E 313 59.21 -11.54 -5.32
C GLU E 313 58.91 -12.20 -3.99
N LYS E 314 59.40 -11.64 -2.89
CA LYS E 314 59.08 -12.18 -1.57
C LYS E 314 57.63 -11.90 -1.20
N PHE E 315 57.07 -10.80 -1.70
CA PHE E 315 55.64 -10.56 -1.55
C PHE E 315 54.82 -11.53 -2.39
N LEU E 316 55.26 -11.79 -3.62
CA LEU E 316 54.48 -12.66 -4.51
C LEU E 316 54.59 -14.14 -4.15
N ARG E 317 55.68 -14.55 -3.48
CA ARG E 317 55.80 -15.95 -3.08
C ARG E 317 54.85 -16.33 -1.95
N ASP E 318 54.32 -15.36 -1.21
CA ASP E 318 53.31 -15.66 -0.20
C ASP E 318 51.97 -16.03 -0.82
N PHE E 319 51.77 -15.78 -2.11
CA PHE E 319 50.63 -16.27 -2.86
C PHE E 319 50.98 -17.46 -3.74
N THR E 320 52.08 -17.36 -4.50
CA THR E 320 52.39 -18.38 -5.50
C THR E 320 52.97 -19.64 -4.88
N GLU E 321 53.95 -19.50 -3.99
CA GLU E 321 54.64 -20.65 -3.42
C GLU E 321 54.50 -20.71 -1.91
N ASN E 322 53.28 -20.53 -1.40
CA ASN E 322 53.02 -20.63 0.02
C ASN E 322 52.68 -22.08 0.37
N PRO E 323 53.47 -22.78 1.19
CA PRO E 323 53.13 -24.17 1.51
C PRO E 323 51.93 -24.30 2.44
N CYS E 324 51.72 -23.33 3.33
CA CYS E 324 50.57 -23.36 4.24
C CYS E 324 49.26 -23.24 3.49
N LEU E 325 49.19 -22.32 2.52
CA LEU E 325 47.96 -22.10 1.77
C LEU E 325 47.67 -23.26 0.83
N ARG E 326 48.70 -23.83 0.22
CA ARG E 326 48.51 -24.98 -0.66
C ARG E 326 48.10 -26.21 0.12
N ASN E 327 48.70 -26.42 1.29
CA ASN E 327 48.29 -27.53 2.16
C ASN E 327 46.87 -27.34 2.67
N ALA E 328 46.47 -26.09 2.93
CA ALA E 328 45.12 -25.82 3.40
C ALA E 328 44.09 -26.11 2.32
N ILE E 329 44.36 -25.67 1.08
CA ILE E 329 43.41 -25.92 -0.01
C ILE E 329 43.36 -27.41 -0.37
N GLN E 330 44.51 -28.08 -0.36
CA GLN E 330 44.51 -29.51 -0.68
C GLN E 330 43.90 -30.34 0.44
N ALA E 331 44.02 -29.90 1.70
CA ALA E 331 43.42 -30.63 2.79
C ALA E 331 41.91 -30.40 2.88
N PHE E 332 41.44 -29.20 2.50
CA PHE E 332 40.00 -29.01 2.35
C PHE E 332 39.47 -29.81 1.16
N GLY E 333 40.32 -30.05 0.16
CA GLY E 333 39.94 -30.96 -0.92
C GLY E 333 39.78 -32.39 -0.47
N ASN E 334 40.55 -32.82 0.52
CA ASN E 334 40.41 -34.17 1.07
C ASN E 334 39.16 -34.28 1.92
N LEU F 1 79.02 2.78 3.08
CA LEU F 1 78.73 1.67 3.97
C LEU F 1 77.30 1.14 3.80
N TYR F 2 77.19 -0.17 3.70
CA TYR F 2 75.90 -0.85 3.59
C TYR F 2 76.07 -2.29 4.01
N PHE F 3 75.08 -2.83 4.71
CA PHE F 3 75.11 -4.23 5.12
C PHE F 3 74.90 -5.14 3.91
N SER F 4 75.61 -6.27 3.92
CA SER F 4 75.50 -7.23 2.82
C SER F 4 74.14 -7.91 2.79
N ARG F 5 73.45 -7.99 3.92
CA ARG F 5 72.09 -8.50 3.98
C ARG F 5 71.20 -7.51 4.70
N ASP F 6 69.99 -7.91 5.03
CA ASP F 6 69.10 -7.10 5.85
C ASP F 6 68.61 -7.81 7.10
N ALA F 7 68.44 -9.13 7.06
CA ALA F 7 67.90 -9.88 8.18
C ALA F 7 68.84 -11.03 8.52
N TYR F 8 69.37 -11.01 9.74
CA TYR F 8 70.27 -12.04 10.23
C TYR F 8 69.51 -13.01 11.13
N TRP F 9 70.04 -14.23 11.27
CA TRP F 9 69.32 -15.30 11.94
C TRP F 9 70.25 -16.07 12.87
N GLU F 10 69.68 -16.55 13.98
CA GLU F 10 70.42 -17.21 15.05
C GLU F 10 69.42 -17.91 15.96
N LYS F 11 69.79 -19.10 16.43
CA LYS F 11 68.96 -19.86 17.35
C LYS F 11 69.49 -19.73 18.78
N LEU F 12 68.57 -19.52 19.72
CA LEU F 12 68.91 -19.44 21.13
C LEU F 12 68.36 -20.64 21.88
N TYR F 13 68.91 -20.87 23.07
CA TYR F 13 68.50 -21.99 23.92
C TYR F 13 68.48 -21.51 25.36
N VAL F 14 68.40 -22.46 26.29
CA VAL F 14 68.33 -22.19 27.71
C VAL F 14 69.69 -22.48 28.33
N ASP F 15 70.12 -21.60 29.24
CA ASP F 15 71.36 -21.73 30.02
C ASP F 15 72.61 -21.74 29.15
N GLN F 16 72.59 -20.92 28.09
CA GLN F 16 73.81 -20.70 27.32
C GLN F 16 74.74 -19.81 28.12
N ALA F 17 76.01 -20.24 28.23
CA ALA F 17 76.95 -19.57 29.11
C ALA F 17 77.40 -18.23 28.53
N ALA F 18 77.98 -17.40 29.41
CA ALA F 18 78.49 -16.11 28.98
C ALA F 18 79.75 -16.28 28.14
N GLY F 19 80.01 -15.29 27.29
CA GLY F 19 81.15 -15.36 26.39
C GLY F 19 80.97 -16.31 25.23
N THR F 20 79.73 -16.71 24.93
CA THR F 20 79.46 -17.59 23.81
C THR F 20 79.18 -16.76 22.57
N PRO F 21 79.97 -16.86 21.51
CA PRO F 21 79.73 -16.04 20.31
C PRO F 21 78.52 -16.52 19.53
N LEU F 22 77.70 -15.57 19.10
CA LEU F 22 76.52 -15.90 18.31
C LEU F 22 76.82 -15.81 16.81
N LEU F 23 77.22 -14.63 16.32
CA LEU F 23 77.40 -14.47 14.89
C LEU F 23 78.31 -13.29 14.57
N TYR F 24 78.75 -13.26 13.32
CA TYR F 24 79.44 -12.12 12.73
C TYR F 24 78.48 -11.30 11.88
N VAL F 25 78.81 -10.02 11.72
CA VAL F 25 78.11 -9.16 10.79
C VAL F 25 79.12 -8.64 9.78
N HIS F 26 78.61 -8.19 8.64
CA HIS F 26 79.46 -7.71 7.56
C HIS F 26 78.86 -6.45 6.95
N ALA F 27 79.70 -5.43 6.77
CA ALA F 27 79.28 -4.16 6.21
C ALA F 27 80.23 -3.78 5.07
N LEU F 28 79.78 -3.96 3.84
CA LEU F 28 80.56 -3.53 2.69
C LEU F 28 80.53 -2.01 2.58
N ARG F 29 81.65 -1.44 2.13
CA ARG F 29 81.87 -0.01 2.17
C ARG F 29 81.74 0.60 0.78
N ASP F 30 81.82 1.92 0.75
CA ASP F 30 81.71 2.70 -0.48
C ASP F 30 82.98 3.42 -0.88
N ALA F 31 83.72 3.97 0.08
CA ALA F 31 84.92 4.75 -0.16
C ALA F 31 86.07 4.18 0.66
N PRO F 32 87.34 4.34 0.17
CA PRO F 32 88.52 3.86 0.92
C PRO F 32 88.95 4.77 2.08
N GLU F 33 87.99 5.19 2.89
CA GLU F 33 88.27 5.96 4.10
C GLU F 33 87.37 5.55 5.25
N GLU F 34 86.58 4.48 5.09
CA GLU F 34 85.49 4.15 6.00
C GLU F 34 85.81 2.91 6.80
N VAL F 35 85.55 2.97 8.10
CA VAL F 35 85.65 1.84 9.00
C VAL F 35 84.26 1.55 9.54
N PRO F 36 83.73 0.33 9.40
CA PRO F 36 82.35 0.06 9.81
C PRO F 36 82.21 -0.06 11.33
N SER F 37 81.62 0.96 11.93
CA SER F 37 81.18 0.87 13.32
C SER F 37 79.92 0.02 13.39
N PHE F 38 79.61 -0.48 14.59
CA PHE F 38 78.44 -1.31 14.80
C PHE F 38 77.86 -1.03 16.17
N ARG F 39 76.71 -0.37 16.21
CA ARG F 39 76.00 -0.10 17.45
C ARG F 39 74.71 -0.91 17.47
N LEU F 40 74.36 -1.42 18.66
CA LEU F 40 73.14 -2.18 18.82
C LEU F 40 71.98 -1.29 19.24
N GLY F 41 70.77 -1.74 18.93
CA GLY F 41 69.58 -1.09 19.44
C GLY F 41 69.36 -1.41 20.90
N GLN F 42 68.70 -0.47 21.59
CA GLN F 42 68.51 -0.57 23.04
C GLN F 42 67.17 -1.19 23.41
N HIS F 43 66.59 -2.00 22.53
CA HIS F 43 65.32 -2.64 22.80
C HIS F 43 65.29 -4.02 22.19
N LEU F 44 65.02 -5.03 23.01
CA LEU F 44 64.75 -6.36 22.50
C LEU F 44 63.34 -6.40 21.92
N TYR F 45 63.21 -6.11 20.63
CA TYR F 45 61.89 -6.09 20.00
C TYR F 45 61.34 -7.51 19.87
N GLY F 46 60.02 -7.60 19.80
CA GLY F 46 59.36 -8.89 19.75
C GLY F 46 58.62 -9.14 18.46
N THR F 47 57.31 -9.34 18.55
CA THR F 47 56.47 -9.59 17.39
C THR F 47 55.76 -8.30 16.98
N TYR F 48 55.88 -7.95 15.69
CA TYR F 48 55.10 -6.89 15.03
C TYR F 48 55.41 -5.53 15.62
N ARG F 49 56.71 -5.25 15.79
CA ARG F 49 57.27 -3.99 16.31
C ARG F 49 56.71 -3.68 17.70
N THR F 50 57.09 -4.55 18.64
CA THR F 50 56.68 -4.43 20.04
C THR F 50 57.91 -4.47 20.93
N ARG F 51 58.11 -3.41 21.70
CA ARG F 51 59.22 -3.39 22.65
C ARG F 51 58.93 -4.28 23.83
N LEU F 52 59.93 -5.04 24.27
CA LEU F 52 59.78 -5.93 25.40
C LEU F 52 60.65 -5.50 26.59
N HIS F 53 61.95 -5.37 26.39
CA HIS F 53 62.86 -5.01 27.46
C HIS F 53 64.15 -4.51 26.83
N GLU F 54 64.88 -3.69 27.59
CA GLU F 54 66.15 -3.14 27.12
C GLU F 54 67.19 -4.25 27.00
N ASN F 55 68.05 -4.15 25.99
CA ASN F 55 69.06 -5.16 25.72
C ASN F 55 70.08 -5.20 26.85
N ASN F 56 70.14 -6.33 27.56
CA ASN F 56 71.05 -6.49 28.67
C ASN F 56 71.80 -7.81 28.63
N TRP F 57 71.74 -8.54 27.53
CA TRP F 57 72.36 -9.86 27.47
C TRP F 57 73.31 -10.05 26.30
N ILE F 58 73.00 -9.47 25.15
CA ILE F 58 73.77 -9.70 23.93
C ILE F 58 74.64 -8.47 23.67
N CYS F 59 75.95 -8.67 23.67
CA CYS F 59 76.92 -7.60 23.45
C CYS F 59 77.56 -7.74 22.08
N ILE F 60 78.33 -6.72 21.70
CA ILE F 60 78.85 -6.60 20.35
C ILE F 60 80.30 -6.14 20.39
N GLN F 61 81.07 -6.63 19.43
CA GLN F 61 82.43 -6.17 19.15
C GLN F 61 82.38 -5.34 17.87
N GLU F 62 82.70 -4.04 17.99
CA GLU F 62 82.59 -3.11 16.87
C GLU F 62 83.64 -3.35 15.79
N ASP F 63 84.80 -3.88 16.16
CA ASP F 63 85.89 -4.03 15.20
C ASP F 63 85.61 -5.16 14.22
N THR F 64 85.47 -6.37 14.72
CA THR F 64 85.15 -7.52 13.87
C THR F 64 83.65 -7.67 13.64
N GLY F 65 82.82 -6.89 14.33
CA GLY F 65 81.39 -6.99 14.22
C GLY F 65 80.85 -8.30 14.75
N LEU F 66 80.98 -8.52 16.05
CA LEU F 66 80.68 -9.81 16.66
C LEU F 66 79.53 -9.66 17.65
N LEU F 67 78.42 -10.32 17.37
CA LEU F 67 77.34 -10.46 18.34
C LEU F 67 77.62 -11.71 19.17
N TYR F 68 77.68 -11.53 20.49
CA TYR F 68 78.01 -12.60 21.43
C TYR F 68 77.19 -12.39 22.69
N LEU F 69 77.31 -13.33 23.62
CA LEU F 69 76.53 -13.31 24.86
C LEU F 69 77.36 -12.71 25.99
N ASN F 70 76.83 -11.65 26.59
CA ASN F 70 77.46 -11.05 27.77
C ASN F 70 77.00 -11.73 29.05
N ARG F 71 75.72 -12.00 29.17
CA ARG F 71 75.15 -12.65 30.35
C ARG F 71 74.49 -13.96 29.95
N SER F 72 74.02 -14.68 30.96
CA SER F 72 73.41 -15.99 30.78
C SER F 72 71.89 -15.85 30.69
N LEU F 73 71.20 -17.00 30.68
CA LEU F 73 69.75 -17.04 30.58
C LEU F 73 69.21 -18.03 31.59
N ASP F 74 67.91 -17.93 31.86
CA ASP F 74 67.17 -18.93 32.63
C ASP F 74 65.70 -18.85 32.24
N HIS F 75 64.90 -19.75 32.83
CA HIS F 75 63.47 -19.79 32.49
C HIS F 75 62.73 -18.56 33.01
N SER F 76 63.21 -17.97 34.10
CA SER F 76 62.54 -16.79 34.65
C SER F 76 62.69 -15.59 33.73
N SER F 77 63.84 -15.42 33.09
CA SER F 77 64.05 -14.28 32.21
C SER F 77 63.28 -14.40 30.90
N TRP F 78 62.92 -15.61 30.48
CA TRP F 78 62.12 -15.77 29.27
C TRP F 78 60.62 -15.81 29.56
N GLU F 79 60.22 -16.28 30.74
CA GLU F 79 58.84 -16.06 31.16
C GLU F 79 58.60 -14.59 31.50
N LYS F 80 59.65 -13.83 31.82
CA LYS F 80 59.53 -12.39 31.94
C LYS F 80 59.22 -11.75 30.59
N LEU F 81 59.78 -12.30 29.52
CA LEU F 81 59.58 -11.72 28.19
C LEU F 81 58.27 -12.16 27.56
N SER F 82 57.87 -13.42 27.78
CA SER F 82 56.70 -13.95 27.10
C SER F 82 55.39 -13.39 27.67
N VAL F 83 55.42 -12.77 28.85
CA VAL F 83 54.24 -12.09 29.36
C VAL F 83 54.01 -10.79 28.58
N ARG F 84 55.08 -10.05 28.30
CA ARG F 84 55.00 -8.73 27.67
C ARG F 84 54.72 -8.78 26.17
N ASN F 85 54.46 -9.96 25.60
CA ASN F 85 54.30 -10.11 24.15
C ASN F 85 52.91 -9.70 23.68
N HIS F 86 52.02 -9.30 24.60
CA HIS F 86 50.67 -8.80 24.33
C HIS F 86 49.81 -9.83 23.59
N GLY F 87 49.64 -10.98 24.23
CA GLY F 87 48.78 -12.03 23.71
C GLY F 87 49.36 -12.83 22.57
N PHE F 88 50.65 -12.71 22.30
CA PHE F 88 51.25 -13.46 21.22
C PHE F 88 52.25 -14.49 21.77
N PRO F 89 52.36 -15.65 21.15
CA PRO F 89 53.38 -16.62 21.58
C PRO F 89 54.77 -16.15 21.21
N LEU F 90 55.69 -16.24 22.17
CA LEU F 90 57.07 -15.81 21.97
C LEU F 90 57.78 -16.80 21.08
N LEU F 91 57.99 -16.44 19.81
CA LEU F 91 58.63 -17.32 18.85
C LEU F 91 59.94 -16.77 18.32
N THR F 92 60.04 -15.46 18.09
CA THR F 92 61.26 -14.86 17.57
C THR F 92 61.34 -13.41 18.05
N VAL F 93 62.45 -13.06 18.68
CA VAL F 93 62.75 -11.68 19.02
C VAL F 93 63.72 -11.14 17.99
N TYR F 94 63.93 -9.82 17.97
CA TYR F 94 64.96 -9.28 17.10
C TYR F 94 65.53 -8.00 17.69
N LEU F 95 66.79 -7.76 17.35
CA LEU F 95 67.51 -6.53 17.66
C LEU F 95 67.65 -5.68 16.41
N LYS F 96 67.95 -4.41 16.64
CA LYS F 96 68.32 -3.49 15.57
C LYS F 96 69.81 -3.22 15.64
N VAL F 97 70.47 -3.19 14.48
CA VAL F 97 71.89 -2.93 14.38
C VAL F 97 72.06 -1.72 13.48
N PHE F 98 72.59 -0.64 14.05
CA PHE F 98 73.00 0.54 13.32
C PHE F 98 74.48 0.40 12.96
N LEU F 99 74.96 1.29 12.08
CA LEU F 99 76.37 1.27 11.77
C LEU F 99 77.02 2.64 11.70
N SER F 100 76.25 3.73 11.65
CA SER F 100 76.82 5.08 11.68
C SER F 100 75.80 6.07 12.24
N CYS F 109 64.45 1.95 11.20
CA CYS F 109 65.43 0.96 10.78
C CYS F 109 65.10 0.34 9.43
N GLN F 110 65.85 0.74 8.40
CA GLN F 110 65.69 0.17 7.06
C GLN F 110 67.06 -0.04 6.45
N TRP F 111 67.10 -0.95 5.47
CA TRP F 111 68.28 -1.10 4.63
C TRP F 111 68.48 0.16 3.81
N PRO F 112 69.73 0.63 3.61
CA PRO F 112 71.04 0.12 4.03
C PRO F 112 71.55 0.67 5.35
N GLY F 113 70.83 1.63 5.94
CA GLY F 113 71.31 2.29 7.15
C GLY F 113 71.15 1.47 8.41
N CYS F 114 70.42 0.36 8.35
CA CYS F 114 70.16 -0.46 9.52
C CYS F 114 69.89 -1.89 9.10
N ALA F 115 70.07 -2.81 10.05
CA ALA F 115 69.79 -4.21 9.79
C ALA F 115 69.30 -4.87 11.07
N ARG F 116 68.19 -5.59 11.00
CA ARG F 116 67.64 -6.23 12.18
C ARG F 116 68.03 -7.70 12.22
N VAL F 117 68.39 -8.16 13.41
CA VAL F 117 68.93 -9.50 13.63
C VAL F 117 67.91 -10.29 14.44
N TYR F 118 67.41 -11.37 13.85
CA TYR F 118 66.41 -12.20 14.51
C TYR F 118 67.08 -13.22 15.43
N PHE F 119 66.29 -13.71 16.39
CA PHE F 119 66.70 -14.73 17.34
C PHE F 119 65.50 -15.60 17.65
N SER F 120 65.57 -16.87 17.28
CA SER F 120 64.52 -17.82 17.62
C SER F 120 64.90 -18.54 18.91
N PHE F 121 64.02 -18.46 19.91
CA PHE F 121 64.27 -19.06 21.21
C PHE F 121 63.55 -20.40 21.33
N PHE F 122 64.25 -21.38 21.88
CA PHE F 122 63.71 -22.71 22.14
C PHE F 122 63.57 -22.93 23.63
N ASN F 123 62.47 -23.59 24.02
CA ASN F 123 62.23 -23.83 25.44
C ASN F 123 63.14 -24.92 25.99
N THR F 124 63.62 -25.81 25.12
CA THR F 124 64.52 -26.88 25.54
C THR F 124 65.92 -26.34 25.77
N SER F 125 66.78 -27.20 26.30
CA SER F 125 68.17 -26.84 26.54
C SER F 125 68.99 -27.09 25.27
N PHE F 126 70.31 -27.01 25.38
CA PHE F 126 71.14 -27.25 24.22
C PHE F 126 71.27 -28.74 23.97
N PRO F 127 70.97 -29.23 22.77
CA PRO F 127 71.00 -30.67 22.51
C PRO F 127 72.42 -31.21 22.38
N ALA F 128 72.53 -32.53 22.50
CA ALA F 128 73.83 -33.19 22.51
C ALA F 128 74.45 -33.16 21.11
N CYS F 129 75.77 -33.39 21.08
CA CYS F 129 76.52 -33.31 19.83
C CYS F 129 76.17 -34.46 18.89
N SER F 130 75.81 -35.62 19.44
CA SER F 130 75.38 -36.75 18.63
C SER F 130 73.89 -36.69 18.29
N SER F 131 73.14 -35.79 18.91
CA SER F 131 71.71 -35.65 18.65
C SER F 131 71.40 -34.71 17.49
N LEU F 132 72.41 -34.07 16.92
CA LEU F 132 72.22 -33.07 15.88
C LEU F 132 72.51 -33.67 14.52
N LYS F 133 71.54 -33.56 13.61
CA LYS F 133 71.78 -33.89 12.22
C LYS F 133 72.75 -32.89 11.60
N PRO F 134 73.55 -33.31 10.60
CA PRO F 134 74.51 -32.37 9.99
C PRO F 134 73.86 -31.22 9.24
N ARG F 135 72.61 -31.38 8.78
CA ARG F 135 71.89 -30.27 8.15
C ARG F 135 71.68 -29.11 9.12
N GLU F 136 71.46 -29.42 10.40
CA GLU F 136 71.39 -28.40 11.44
C GLU F 136 72.76 -28.11 12.06
N LEU F 137 73.83 -28.66 11.50
CA LEU F 137 75.18 -28.34 11.92
C LEU F 137 75.91 -27.40 10.97
N CYS F 138 75.43 -27.25 9.73
CA CYS F 138 76.13 -26.49 8.71
C CYS F 138 75.54 -25.09 8.50
N PHE F 139 74.27 -25.02 8.16
CA PHE F 139 73.67 -23.77 7.74
C PHE F 139 72.32 -23.57 8.43
N PRO F 140 71.93 -22.31 8.69
CA PRO F 140 70.64 -22.06 9.37
C PRO F 140 69.42 -22.40 8.53
N GLU F 141 68.23 -22.22 9.11
CA GLU F 141 66.99 -22.57 8.41
C GLU F 141 66.67 -21.55 7.33
N THR F 142 66.87 -20.26 7.62
CA THR F 142 66.62 -19.21 6.65
C THR F 142 67.90 -18.98 5.85
N ARG F 143 67.88 -19.36 4.58
CA ARG F 143 69.04 -19.22 3.72
C ARG F 143 69.28 -17.75 3.40
N PRO F 144 70.54 -17.32 3.30
CA PRO F 144 70.82 -15.89 3.09
C PRO F 144 70.58 -15.47 1.65
N SER F 145 70.63 -14.15 1.46
CA SER F 145 70.57 -13.54 0.14
C SER F 145 71.31 -12.22 0.22
N PHE F 146 72.36 -12.07 -0.57
CA PHE F 146 73.33 -11.01 -0.36
C PHE F 146 73.14 -9.86 -1.35
N ARG F 147 73.53 -8.67 -0.89
CA ARG F 147 73.28 -7.44 -1.62
C ARG F 147 74.60 -6.69 -1.79
N ILE F 148 75.04 -6.53 -3.03
CA ILE F 148 76.28 -5.83 -3.34
C ILE F 148 75.95 -4.75 -4.37
N ARG F 149 76.25 -3.50 -4.04
CA ARG F 149 76.12 -2.42 -5.02
C ARG F 149 77.23 -2.52 -6.04
N GLU F 150 76.92 -2.19 -7.29
CA GLU F 150 77.94 -2.24 -8.32
C GLU F 150 78.90 -1.06 -8.18
N ASN F 151 80.08 -1.22 -8.80
CA ASN F 151 81.12 -0.18 -8.88
C ASN F 151 81.58 0.28 -7.49
N ARG F 152 81.75 -0.68 -6.59
CA ARG F 152 82.15 -0.43 -5.21
C ARG F 152 83.38 -1.27 -4.88
N PRO F 153 84.25 -0.77 -4.01
CA PRO F 153 85.46 -1.53 -3.63
C PRO F 153 85.10 -2.78 -2.84
N PRO F 154 85.50 -3.95 -3.32
CA PRO F 154 85.02 -5.20 -2.74
C PRO F 154 85.66 -5.52 -1.40
N GLY F 155 84.94 -6.32 -0.62
CA GLY F 155 85.40 -6.72 0.71
C GLY F 155 84.82 -8.07 1.09
N THR F 156 84.67 -8.28 2.40
CA THR F 156 84.21 -9.54 2.96
C THR F 156 82.74 -9.42 3.35
N PHE F 157 81.92 -10.39 2.92
CA PHE F 157 80.48 -10.29 3.16
C PHE F 157 79.84 -11.51 3.82
N HIS F 158 80.58 -12.57 4.10
CA HIS F 158 79.97 -13.78 4.67
C HIS F 158 81.03 -14.60 5.38
N GLN F 159 80.59 -15.37 6.37
CA GLN F 159 81.45 -16.28 7.12
C GLN F 159 80.64 -17.54 7.43
N PHE F 160 81.31 -18.70 7.40
CA PHE F 160 80.59 -19.97 7.39
C PHE F 160 80.29 -20.56 8.76
N ARG F 161 81.19 -20.39 9.73
CA ARG F 161 81.13 -21.20 10.95
C ARG F 161 79.99 -20.78 11.85
N LEU F 162 79.10 -21.72 12.15
CA LEU F 162 78.10 -21.54 13.20
C LEU F 162 78.82 -21.53 14.54
N LEU F 163 78.99 -20.35 15.12
CA LEU F 163 79.83 -20.12 16.29
C LEU F 163 79.41 -20.87 17.57
N PRO F 164 78.11 -20.97 17.96
CA PRO F 164 77.80 -21.82 19.12
C PRO F 164 77.98 -23.30 18.86
N VAL F 165 77.89 -23.74 17.59
CA VAL F 165 78.05 -25.16 17.27
C VAL F 165 79.49 -25.58 17.48
N GLN F 166 80.45 -24.82 16.93
CA GLN F 166 81.85 -25.16 17.19
C GLN F 166 82.30 -24.75 18.59
N PHE F 167 81.56 -23.86 19.26
CA PHE F 167 81.90 -23.55 20.64
C PHE F 167 81.47 -24.67 21.58
N LEU F 168 80.38 -25.38 21.25
CA LEU F 168 79.85 -26.41 22.13
C LEU F 168 80.02 -27.83 21.58
N CYS F 169 80.42 -27.99 20.32
CA CYS F 169 80.82 -29.29 19.78
C CYS F 169 82.10 -29.12 18.98
N PRO F 170 83.23 -28.88 19.65
CA PRO F 170 84.45 -28.49 18.92
C PRO F 170 85.22 -29.63 18.29
N ASN F 171 84.78 -30.87 18.46
CA ASN F 171 85.56 -32.03 18.03
C ASN F 171 85.07 -32.63 16.72
N ILE F 172 84.20 -31.93 15.98
CA ILE F 172 83.67 -32.42 14.71
C ILE F 172 84.37 -31.65 13.59
N SER F 173 85.01 -32.38 12.68
CA SER F 173 85.70 -31.77 11.56
C SER F 173 84.68 -31.38 10.50
N VAL F 174 84.42 -30.08 10.37
CA VAL F 174 83.44 -29.54 9.44
C VAL F 174 84.17 -28.64 8.45
N ALA F 175 84.04 -28.95 7.17
CA ALA F 175 84.67 -28.17 6.11
C ALA F 175 83.62 -27.52 5.22
N TYR F 176 83.99 -26.39 4.62
CA TYR F 176 83.13 -25.65 3.72
C TYR F 176 83.86 -25.36 2.42
N ARG F 177 83.11 -25.36 1.32
CA ARG F 177 83.72 -25.23 0.01
C ARG F 177 82.75 -24.53 -0.94
N LEU F 178 83.31 -23.74 -1.86
CA LEU F 178 82.55 -23.20 -2.98
C LEU F 178 82.96 -23.90 -4.26
N LEU F 179 82.11 -23.77 -5.28
CA LEU F 179 82.39 -24.40 -6.57
C LEU F 179 83.25 -23.50 -7.44
N GLY F 183 86.72 -18.10 -13.08
CA GLY F 183 86.65 -16.70 -13.46
C GLY F 183 85.62 -15.93 -12.66
N LEU F 184 85.04 -16.59 -11.67
CA LEU F 184 84.06 -15.92 -10.81
C LEU F 184 84.75 -14.92 -9.90
N PRO F 185 84.13 -13.77 -9.63
CA PRO F 185 84.80 -12.74 -8.83
C PRO F 185 84.85 -13.04 -7.34
N PHE F 186 84.18 -14.08 -6.87
CA PHE F 186 84.16 -14.41 -5.45
C PHE F 186 85.27 -15.40 -5.13
N ARG F 187 85.62 -15.45 -3.84
CA ARG F 187 86.59 -16.42 -3.38
C ARG F 187 86.35 -16.73 -1.90
N CYS F 188 86.59 -17.99 -1.55
CA CYS F 188 86.60 -18.45 -0.18
C CYS F 188 88.07 -18.52 0.27
N ALA F 189 88.38 -17.83 1.35
CA ALA F 189 89.77 -17.73 1.78
C ALA F 189 90.24 -19.06 2.38
N PRO F 190 91.50 -19.43 2.17
CA PRO F 190 92.02 -20.66 2.79
C PRO F 190 92.34 -20.44 4.26
N ASP F 191 92.03 -21.46 5.07
CA ASP F 191 92.28 -21.53 6.52
C ASP F 191 91.56 -20.44 7.31
N SER F 192 90.55 -19.81 6.71
CA SER F 192 89.69 -18.83 7.37
C SER F 192 88.46 -18.71 6.48
N LEU F 193 87.28 -18.99 7.04
CA LEU F 193 86.10 -19.24 6.23
C LEU F 193 85.32 -17.97 5.89
N GLU F 194 86.00 -16.83 5.81
CA GLU F 194 85.39 -15.64 5.23
C GLU F 194 85.26 -15.79 3.72
N VAL F 195 84.30 -15.07 3.15
CA VAL F 195 84.06 -15.05 1.71
C VAL F 195 84.22 -13.61 1.24
N SER F 196 85.06 -13.41 0.23
CA SER F 196 85.32 -12.07 -0.27
C SER F 196 85.11 -12.04 -1.77
N THR F 197 85.21 -10.83 -2.33
CA THR F 197 85.07 -10.60 -3.76
C THR F 197 86.37 -9.99 -4.27
N ARG F 198 86.84 -10.49 -5.42
CA ARG F 198 88.15 -10.07 -5.93
C ARG F 198 88.11 -8.66 -6.52
N TRP F 199 87.32 -8.47 -7.56
CA TRP F 199 87.24 -7.19 -8.25
C TRP F 199 85.84 -6.62 -8.14
N ALA F 200 85.71 -5.33 -8.46
CA ALA F 200 84.43 -4.63 -8.38
C ALA F 200 83.48 -5.14 -9.45
N LEU F 201 82.19 -5.03 -9.16
CA LEU F 201 81.16 -5.60 -10.01
C LEU F 201 80.41 -4.53 -10.79
N ASP F 202 79.75 -4.97 -11.86
CA ASP F 202 78.80 -4.15 -12.60
C ASP F 202 77.61 -5.02 -12.94
N ARG F 203 76.41 -4.48 -12.68
CA ARG F 203 75.17 -5.18 -13.00
C ARG F 203 75.00 -5.36 -14.50
N GLU F 204 75.48 -4.38 -15.29
CA GLU F 204 75.22 -4.35 -16.72
C GLU F 204 75.93 -5.46 -17.50
N GLN F 205 76.83 -6.20 -16.88
CA GLN F 205 77.41 -7.40 -17.47
C GLN F 205 76.72 -8.66 -17.00
N ARG F 206 76.47 -8.77 -15.70
CA ARG F 206 75.72 -9.87 -15.11
C ARG F 206 75.15 -9.39 -13.79
N GLU F 207 73.91 -9.79 -13.50
CA GLU F 207 73.19 -9.28 -12.34
C GLU F 207 72.99 -10.29 -11.23
N LYS F 208 72.97 -11.58 -11.53
CA LYS F 208 72.72 -12.61 -10.53
C LYS F 208 73.84 -13.63 -10.52
N TYR F 209 74.21 -14.06 -9.33
CA TYR F 209 75.21 -15.12 -9.13
C TYR F 209 74.60 -16.15 -8.20
N GLU F 210 74.22 -17.30 -8.74
CA GLU F 210 73.81 -18.43 -7.93
C GLU F 210 75.00 -19.37 -7.77
N LEU F 211 75.36 -19.66 -6.52
CA LEU F 211 76.47 -20.54 -6.19
C LEU F 211 75.94 -21.67 -5.32
N VAL F 212 76.81 -22.63 -5.02
CA VAL F 212 76.46 -23.73 -4.13
C VAL F 212 77.52 -23.82 -3.05
N ALA F 213 77.12 -23.61 -1.81
CA ALA F 213 77.98 -23.80 -0.65
C ALA F 213 77.89 -25.27 -0.25
N VAL F 214 79.05 -25.91 -0.10
CA VAL F 214 79.11 -27.34 0.18
C VAL F 214 79.71 -27.53 1.57
N CYS F 215 78.95 -28.19 2.45
CA CYS F 215 79.38 -28.50 3.80
C CYS F 215 79.68 -29.98 3.92
N THR F 216 80.83 -30.29 4.50
CA THR F 216 81.29 -31.66 4.69
C THR F 216 81.46 -31.91 6.18
N VAL F 217 80.72 -32.89 6.70
CA VAL F 217 80.76 -33.24 8.12
C VAL F 217 81.38 -34.62 8.25
N HIS F 218 82.38 -34.74 9.14
CA HIS F 218 83.19 -35.94 9.37
C HIS F 218 83.84 -36.48 8.10
N GLU F 223 79.56 -38.81 8.38
CA GLU F 223 80.04 -38.02 7.26
C GLU F 223 78.93 -37.73 6.27
N GLU F 224 78.67 -36.45 6.01
CA GLU F 224 77.62 -36.07 5.08
C GLU F 224 78.06 -34.82 4.32
N VAL F 225 77.79 -34.83 3.01
CA VAL F 225 78.04 -33.69 2.13
C VAL F 225 76.70 -33.07 1.79
N VAL F 226 76.53 -31.80 2.16
CA VAL F 226 75.27 -31.08 2.00
C VAL F 226 75.51 -29.90 1.08
N MET F 227 74.62 -29.72 0.09
CA MET F 227 74.69 -28.61 -0.84
C MET F 227 73.60 -27.60 -0.54
N VAL F 228 73.95 -26.32 -0.54
CA VAL F 228 73.02 -25.25 -0.22
C VAL F 228 73.12 -24.16 -1.29
N PRO F 229 71.99 -23.70 -1.85
CA PRO F 229 72.03 -22.58 -2.80
C PRO F 229 72.51 -21.29 -2.14
N PHE F 230 73.13 -20.43 -2.95
CA PHE F 230 73.89 -19.28 -2.45
C PHE F 230 73.65 -18.12 -3.40
N PRO F 231 72.61 -17.33 -3.18
CA PRO F 231 72.28 -16.25 -4.12
C PRO F 231 72.95 -14.92 -3.79
N VAL F 232 73.47 -14.28 -4.83
CA VAL F 232 74.04 -12.93 -4.75
C VAL F 232 73.40 -12.09 -5.85
N THR F 233 72.84 -10.95 -5.47
CA THR F 233 72.20 -10.05 -6.41
C THR F 233 72.97 -8.74 -6.43
N VAL F 234 73.36 -8.30 -7.62
CA VAL F 234 74.15 -7.09 -7.79
C VAL F 234 73.22 -5.91 -8.01
N TYR F 235 73.37 -4.86 -7.21
CA TYR F 235 72.51 -3.70 -7.29
C TYR F 235 73.15 -2.59 -8.11
N ASP F 236 72.31 -1.69 -8.61
CA ASP F 236 72.66 -0.80 -9.69
C ASP F 236 72.78 0.65 -9.20
N GLU F 237 73.56 1.43 -9.95
CA GLU F 237 73.56 2.87 -9.89
C GLU F 237 73.21 3.41 -11.27
N ASP F 238 73.01 4.74 -11.34
CA ASP F 238 72.64 5.38 -12.61
C ASP F 238 73.93 5.70 -13.36
N ASP F 239 74.45 4.69 -14.05
CA ASP F 239 75.71 4.79 -14.77
C ASP F 239 75.52 4.70 -16.29
N SER F 240 74.33 5.06 -16.78
CA SER F 240 74.05 4.99 -18.21
C SER F 240 73.23 6.18 -18.64
N ALA F 241 73.84 7.03 -19.46
CA ALA F 241 73.14 8.06 -20.18
C ALA F 241 72.18 7.43 -21.20
N PRO F 242 71.07 8.09 -21.53
CA PRO F 242 70.12 7.49 -22.46
C PRO F 242 70.65 7.46 -23.88
N THR F 243 70.09 6.55 -24.67
CA THR F 243 70.65 6.23 -25.98
C THR F 243 69.50 6.04 -26.97
N PHE F 244 69.70 6.51 -28.20
CA PHE F 244 68.80 6.20 -29.29
C PHE F 244 68.89 4.73 -29.65
N PRO F 245 67.82 4.13 -30.22
CA PRO F 245 67.91 2.74 -30.67
C PRO F 245 68.89 2.54 -31.81
N ALA F 246 68.70 3.24 -32.94
CA ALA F 246 69.73 3.30 -33.99
C ALA F 246 69.56 4.64 -34.71
N GLY F 247 70.27 5.66 -34.20
CA GLY F 247 70.45 6.93 -34.89
C GLY F 247 69.23 7.80 -35.11
N VAL F 248 68.03 7.32 -34.81
CA VAL F 248 66.80 8.04 -35.16
C VAL F 248 66.55 9.12 -34.12
N ASP F 249 66.66 10.38 -34.54
CA ASP F 249 66.37 11.51 -33.67
C ASP F 249 65.13 12.29 -34.06
N THR F 250 64.59 12.05 -35.25
CA THR F 250 63.44 12.79 -35.76
C THR F 250 62.30 11.82 -36.05
N ALA F 251 61.08 12.31 -35.90
CA ALA F 251 59.89 11.55 -36.27
C ALA F 251 58.91 12.49 -36.96
N SER F 252 58.53 12.15 -38.18
CA SER F 252 57.67 12.99 -39.01
C SER F 252 56.30 12.34 -39.14
N ALA F 253 55.25 13.16 -39.00
CA ALA F 253 53.90 12.67 -39.10
C ALA F 253 52.99 13.79 -39.61
N VAL F 254 51.92 13.40 -40.29
CA VAL F 254 51.01 14.33 -40.95
C VAL F 254 49.65 14.25 -40.27
N VAL F 255 49.14 15.39 -39.83
CA VAL F 255 47.82 15.48 -39.20
C VAL F 255 46.87 15.98 -40.28
N GLU F 256 46.14 15.06 -40.91
CA GLU F 256 45.25 15.42 -42.00
C GLU F 256 43.79 15.09 -41.73
N PHE F 257 43.47 13.85 -41.35
CA PHE F 257 42.09 13.39 -41.32
C PHE F 257 41.51 13.18 -39.93
N LYS F 258 42.32 12.90 -38.91
CA LYS F 258 41.76 12.45 -37.64
C LYS F 258 41.27 13.63 -36.80
N ARG F 259 42.18 14.49 -36.36
CA ARG F 259 41.92 15.77 -35.69
C ARG F 259 41.10 15.64 -34.41
N LYS F 260 41.09 14.48 -33.74
CA LYS F 260 40.28 14.31 -32.55
C LYS F 260 41.04 14.89 -31.35
N GLU F 261 40.45 14.80 -30.16
CA GLU F 261 40.99 15.47 -28.97
C GLU F 261 42.30 14.84 -28.51
N ASP F 262 42.44 13.52 -28.62
CA ASP F 262 43.65 12.84 -28.19
C ASP F 262 43.97 11.71 -29.17
N THR F 263 44.87 12.00 -30.11
CA THR F 263 45.32 11.04 -31.11
C THR F 263 46.83 11.03 -31.10
N VAL F 264 47.42 9.83 -31.09
CA VAL F 264 48.87 9.68 -31.07
C VAL F 264 49.41 10.04 -32.44
N VAL F 265 50.17 11.14 -32.52
CA VAL F 265 50.67 11.65 -33.78
C VAL F 265 52.00 10.98 -34.13
N ALA F 266 52.97 11.06 -33.22
CA ALA F 266 54.29 10.48 -33.45
C ALA F 266 54.80 9.84 -32.17
N THR F 267 55.73 8.90 -32.32
CA THR F 267 56.22 8.09 -31.21
C THR F 267 57.65 7.68 -31.48
N LEU F 268 58.53 7.80 -30.48
CA LEU F 268 59.90 7.35 -30.63
C LEU F 268 60.43 6.80 -29.31
N ARG F 269 61.36 5.85 -29.42
CA ARG F 269 61.95 5.15 -28.29
C ARG F 269 63.21 5.82 -27.81
N VAL F 270 63.52 5.63 -26.53
CA VAL F 270 64.77 6.03 -25.91
C VAL F 270 65.25 4.86 -25.06
N PHE F 271 66.46 4.37 -25.35
CA PHE F 271 67.01 3.21 -24.65
C PHE F 271 67.87 3.69 -23.49
N ASP F 272 67.73 3.04 -22.34
CA ASP F 272 68.53 3.35 -21.15
C ASP F 272 68.87 2.04 -20.47
N ALA F 273 70.14 1.84 -20.14
CA ALA F 273 70.52 0.67 -19.37
C ALA F 273 70.25 0.86 -17.88
N ASP F 274 70.06 2.10 -17.45
CA ASP F 274 69.76 2.40 -16.06
C ASP F 274 68.35 1.94 -15.68
N VAL F 275 68.25 1.37 -14.47
CA VAL F 275 66.99 0.92 -13.91
C VAL F 275 66.58 1.70 -12.66
N VAL F 276 67.55 2.20 -11.90
CA VAL F 276 67.46 2.79 -10.56
C VAL F 276 66.34 3.83 -10.37
N PRO F 277 66.07 4.78 -11.32
CA PRO F 277 64.85 5.59 -11.14
C PRO F 277 63.60 4.77 -11.39
N ALA F 278 63.16 4.03 -10.37
CA ALA F 278 62.06 3.09 -10.51
C ALA F 278 60.73 3.84 -10.56
N SER F 279 59.64 3.06 -10.59
CA SER F 279 58.33 3.56 -11.01
C SER F 279 57.75 4.60 -10.05
N GLY F 280 58.24 4.66 -8.82
CA GLY F 280 57.84 5.73 -7.93
C GLY F 280 58.52 7.04 -8.26
N GLU F 281 59.83 6.99 -8.46
CA GLU F 281 60.62 8.20 -8.71
C GLU F 281 60.97 8.39 -10.19
N LEU F 282 60.35 7.63 -11.10
CA LEU F 282 60.64 7.83 -12.52
C LEU F 282 59.98 9.11 -13.04
N VAL F 283 58.90 9.54 -12.40
CA VAL F 283 58.26 10.80 -12.78
C VAL F 283 59.14 11.97 -12.38
N ARG F 284 59.81 11.87 -11.24
CA ARG F 284 60.60 12.98 -10.71
C ARG F 284 61.96 13.12 -11.37
N ARG F 285 62.46 12.08 -12.06
CA ARG F 285 63.83 12.09 -12.56
C ARG F 285 63.90 12.11 -14.08
N TYR F 286 63.29 11.16 -14.77
CA TYR F 286 63.24 11.20 -16.22
C TYR F 286 62.27 12.29 -16.65
N THR F 287 62.82 13.44 -17.01
CA THR F 287 62.05 14.66 -17.23
C THR F 287 61.92 14.94 -18.71
N SER F 288 60.69 15.16 -19.16
CA SER F 288 60.38 15.49 -20.55
C SER F 288 59.85 16.91 -20.60
N THR F 289 60.56 17.80 -21.27
CA THR F 289 60.18 19.21 -21.37
C THR F 289 59.98 19.59 -22.83
N LEU F 290 58.77 19.98 -23.19
CA LEU F 290 58.50 20.48 -24.53
C LEU F 290 59.00 21.91 -24.65
N LEU F 291 59.94 22.14 -25.56
CA LEU F 291 60.60 23.44 -25.62
C LEU F 291 59.67 24.48 -26.26
N PRO F 292 59.68 25.73 -25.75
CA PRO F 292 58.69 26.72 -26.19
C PRO F 292 59.02 27.35 -27.53
N GLY F 293 58.23 28.35 -27.90
CA GLY F 293 58.44 29.11 -29.12
C GLY F 293 57.16 29.50 -29.83
N ASP F 294 56.14 28.64 -29.74
CA ASP F 294 54.84 28.89 -30.37
C ASP F 294 53.74 28.40 -29.46
N THR F 295 52.77 29.26 -29.18
CA THR F 295 51.69 28.90 -28.28
C THR F 295 50.68 27.95 -28.92
N TRP F 296 50.64 27.86 -30.24
CA TRP F 296 49.72 26.93 -30.91
C TRP F 296 50.13 25.49 -30.68
N ALA F 297 51.44 25.22 -30.65
CA ALA F 297 51.92 23.88 -30.34
C ALA F 297 51.59 23.49 -28.90
N GLN F 298 51.86 24.38 -27.95
CA GLN F 298 51.61 24.06 -26.56
C GLN F 298 50.12 24.08 -26.20
N GLN F 299 49.29 24.70 -27.02
CA GLN F 299 47.85 24.59 -26.82
C GLN F 299 47.21 23.47 -27.61
N THR F 300 47.90 22.89 -28.59
CA THR F 300 47.36 21.77 -29.36
C THR F 300 48.11 20.46 -29.19
N PHE F 301 49.34 20.47 -28.66
CA PHE F 301 50.11 19.25 -28.53
C PHE F 301 50.63 19.11 -27.10
N ARG F 302 50.87 17.86 -26.70
CA ARG F 302 51.49 17.54 -25.43
C ARG F 302 52.40 16.34 -25.63
N VAL F 303 53.37 16.20 -24.73
CA VAL F 303 54.38 15.14 -24.81
C VAL F 303 54.06 14.13 -23.71
N GLU F 304 53.59 12.95 -24.11
CA GLU F 304 53.27 11.88 -23.17
C GLU F 304 54.42 10.89 -23.12
N HIS F 305 54.73 10.41 -21.92
CA HIS F 305 55.90 9.59 -21.65
C HIS F 305 55.54 8.37 -20.83
N TRP F 306 56.01 7.18 -21.25
CA TRP F 306 55.96 6.06 -20.33
C TRP F 306 57.08 5.08 -20.59
N PRO F 307 57.59 4.43 -19.56
CA PRO F 307 58.64 3.42 -19.75
C PRO F 307 58.08 2.01 -19.89
N ASN F 308 58.97 1.09 -20.21
CA ASN F 308 58.69 -0.33 -20.19
C ASN F 308 60.03 -1.05 -20.13
N GLU F 309 60.11 -2.12 -19.36
CA GLU F 309 61.38 -2.82 -19.19
C GLU F 309 61.49 -3.98 -20.16
N THR F 310 62.66 -4.09 -20.80
CA THR F 310 63.00 -5.18 -21.70
C THR F 310 64.24 -5.89 -21.18
N SER F 311 64.59 -7.01 -21.81
CA SER F 311 65.73 -7.81 -21.43
C SER F 311 66.70 -7.90 -22.60
N VAL F 312 67.96 -7.58 -22.34
CA VAL F 312 69.01 -7.59 -23.35
C VAL F 312 70.12 -8.51 -22.87
N GLN F 313 70.87 -9.08 -23.82
CA GLN F 313 71.95 -9.99 -23.52
C GLN F 313 73.28 -9.23 -23.44
N ALA F 314 74.15 -9.66 -22.53
CA ALA F 314 75.47 -9.08 -22.37
C ALA F 314 76.59 -10.05 -22.72
N ASN F 315 76.65 -11.20 -22.04
CA ASN F 315 77.65 -12.22 -22.30
C ASN F 315 77.04 -13.61 -22.24
N GLY F 316 75.87 -13.78 -22.87
CA GLY F 316 75.15 -15.03 -22.81
C GLY F 316 74.13 -15.12 -21.70
N SER F 317 73.97 -14.07 -20.91
CA SER F 317 73.00 -13.98 -19.84
C SER F 317 71.89 -13.00 -20.26
N PHE F 318 71.00 -12.69 -19.33
CA PHE F 318 69.89 -11.76 -19.59
C PHE F 318 69.86 -10.72 -18.48
N VAL F 319 70.24 -9.50 -18.81
CA VAL F 319 70.06 -8.37 -17.92
C VAL F 319 68.84 -7.60 -18.41
N ARG F 320 68.35 -6.67 -17.59
CA ARG F 320 67.16 -5.92 -17.94
C ARG F 320 67.47 -4.42 -17.96
N ALA F 321 66.75 -3.72 -18.84
CA ALA F 321 66.98 -2.30 -19.07
C ALA F 321 65.64 -1.65 -19.41
N THR F 322 65.64 -0.32 -19.46
CA THR F 322 64.42 0.43 -19.68
C THR F 322 64.36 1.00 -21.09
N VAL F 323 63.15 1.04 -21.63
CA VAL F 323 62.85 1.61 -22.94
C VAL F 323 61.73 2.61 -22.70
N HIS F 324 62.03 3.90 -22.86
CA HIS F 324 61.08 4.96 -22.63
C HIS F 324 60.45 5.34 -23.97
N ASP F 325 59.13 5.15 -24.09
CA ASP F 325 58.40 5.63 -25.25
C ASP F 325 57.94 7.05 -25.00
N TYR F 326 58.38 7.98 -25.87
CA TYR F 326 57.91 9.35 -25.89
C TYR F 326 57.02 9.52 -27.11
N ARG F 327 55.77 9.91 -26.88
CA ARG F 327 54.84 10.17 -27.98
C ARG F 327 54.25 11.57 -27.84
N LEU F 328 53.69 12.04 -28.94
CA LEU F 328 53.20 13.41 -29.08
C LEU F 328 51.72 13.34 -29.41
N VAL F 329 50.89 13.84 -28.49
CA VAL F 329 49.45 13.62 -28.52
C VAL F 329 48.74 14.96 -28.68
N LEU F 330 47.70 14.98 -29.52
CA LEU F 330 46.83 16.13 -29.67
C LEU F 330 46.15 16.51 -28.36
N ASN F 331 45.70 17.76 -28.28
CA ASN F 331 45.09 18.29 -27.06
C ASN F 331 43.68 18.82 -27.26
N ARG F 332 43.28 19.12 -28.49
CA ARG F 332 41.94 19.62 -28.77
C ARG F 332 41.57 19.27 -30.20
N ASN F 333 40.28 19.40 -30.52
CA ASN F 333 39.80 19.18 -31.88
C ASN F 333 40.32 20.29 -32.79
N LEU F 334 41.22 19.94 -33.70
CA LEU F 334 41.74 20.92 -34.66
C LEU F 334 40.67 21.29 -35.69
N SER F 335 40.65 22.56 -36.07
CA SER F 335 39.73 23.01 -37.10
C SER F 335 40.24 22.57 -38.47
N ILE F 336 39.37 22.71 -39.47
CA ILE F 336 39.73 22.28 -40.82
C ILE F 336 40.60 23.35 -41.51
N SER F 337 40.45 24.61 -41.12
CA SER F 337 41.13 25.71 -41.77
C SER F 337 42.62 25.84 -41.40
N GLU F 338 43.21 24.83 -40.78
CA GLU F 338 44.63 24.89 -40.44
C GLU F 338 45.47 24.37 -41.60
N ASN F 339 46.47 25.15 -41.98
CA ASN F 339 47.36 24.87 -43.12
C ASN F 339 48.82 25.12 -42.71
N ARG F 340 49.25 24.51 -41.61
CA ARG F 340 50.55 24.84 -41.05
C ARG F 340 51.48 23.63 -41.05
N THR F 341 52.75 23.92 -40.79
CA THR F 341 53.77 22.88 -40.59
C THR F 341 54.84 23.44 -39.66
N MET F 342 55.34 22.57 -38.79
CA MET F 342 56.25 22.99 -37.72
C MET F 342 57.24 21.88 -37.40
N GLN F 343 58.23 22.23 -36.60
CA GLN F 343 59.18 21.29 -36.01
C GLN F 343 59.25 21.58 -34.52
N LEU F 344 59.15 20.52 -33.73
CA LEU F 344 59.05 20.61 -32.27
C LEU F 344 60.25 19.94 -31.62
N ALA F 345 60.68 20.51 -30.50
CA ALA F 345 61.88 20.08 -29.80
C ALA F 345 61.52 19.65 -28.38
N VAL F 346 61.95 18.45 -28.00
CA VAL F 346 61.66 17.87 -26.69
C VAL F 346 62.98 17.59 -25.98
N LEU F 347 63.06 17.97 -24.71
CA LEU F 347 64.26 17.78 -23.90
C LEU F 347 64.03 16.61 -22.95
N VAL F 348 65.00 15.69 -22.90
CA VAL F 348 64.94 14.50 -22.05
C VAL F 348 66.09 14.58 -21.06
N ASN F 349 65.76 14.48 -19.77
CA ASN F 349 66.73 14.63 -18.69
C ASN F 349 66.75 13.35 -17.85
N ASP F 350 67.94 12.74 -17.77
CA ASP F 350 68.22 11.51 -17.03
C ASP F 350 69.02 11.92 -15.79
N SER F 351 68.32 12.31 -14.74
CA SER F 351 68.99 12.84 -13.54
C SER F 351 69.58 11.74 -12.67
N GLY F 359 74.30 12.84 -20.90
CA GLY F 359 73.23 12.51 -19.99
C GLY F 359 71.90 13.16 -20.33
N VAL F 360 71.95 14.17 -21.20
CA VAL F 360 70.79 14.94 -21.60
C VAL F 360 70.56 14.71 -23.09
N LEU F 361 69.30 14.57 -23.50
CA LEU F 361 68.95 14.15 -24.85
C LEU F 361 67.98 15.15 -25.47
N LEU F 362 68.02 15.26 -26.80
CA LEU F 362 67.18 16.18 -27.55
C LEU F 362 66.42 15.41 -28.63
N LEU F 363 65.14 15.73 -28.79
CA LEU F 363 64.25 15.03 -29.70
C LEU F 363 63.58 16.02 -30.63
N HIS F 364 63.27 15.57 -31.84
CA HIS F 364 62.68 16.42 -32.87
C HIS F 364 61.45 15.75 -33.47
N PHE F 365 60.44 16.57 -33.78
CA PHE F 365 59.19 16.11 -34.39
C PHE F 365 58.82 17.04 -35.53
N ASN F 366 58.73 16.51 -36.75
CA ASN F 366 58.19 17.26 -37.86
C ASN F 366 56.69 17.02 -37.95
N VAL F 367 55.90 18.08 -37.83
CA VAL F 367 54.45 17.98 -37.86
C VAL F 367 53.95 18.81 -39.05
N SER F 368 52.90 18.32 -39.70
CA SER F 368 52.31 18.97 -40.86
C SER F 368 50.80 18.84 -40.79
N VAL F 369 50.12 19.93 -40.46
CA VAL F 369 48.67 19.96 -40.35
C VAL F 369 48.14 20.56 -41.66
N LEU F 370 47.58 19.70 -42.51
CA LEU F 370 47.02 19.95 -43.83
C LEU F 370 45.51 20.16 -43.74
N PRO F 371 44.98 21.15 -44.45
CA PRO F 371 43.53 21.38 -44.45
C PRO F 371 42.81 20.32 -45.29
N VAL F 372 41.49 20.29 -45.12
CA VAL F 372 40.64 19.28 -45.75
C VAL F 372 39.64 19.99 -46.66
N SER F 373 39.58 19.56 -47.92
CA SER F 373 38.50 19.98 -48.79
C SER F 373 37.30 19.07 -48.57
N LEU F 374 36.10 19.64 -48.62
CA LEU F 374 34.89 18.92 -48.26
C LEU F 374 33.85 18.97 -49.37
N HIS F 375 34.32 18.90 -50.62
CA HIS F 375 33.41 18.96 -51.75
C HIS F 375 32.68 17.64 -51.94
N LEU F 376 31.62 17.69 -52.73
CA LEU F 376 30.71 16.57 -52.95
C LEU F 376 30.67 16.20 -54.43
N PRO F 377 30.17 15.02 -54.77
CA PRO F 377 29.83 14.74 -56.18
C PRO F 377 28.74 15.68 -56.69
N SER F 378 28.78 15.93 -57.99
CA SER F 378 27.93 16.97 -58.58
C SER F 378 26.47 16.53 -58.71
N THR F 379 26.20 15.24 -58.81
CA THR F 379 24.85 14.77 -59.06
C THR F 379 24.59 13.48 -58.29
N TYR F 380 23.49 13.45 -57.56
CA TYR F 380 23.00 12.27 -56.88
C TYR F 380 21.71 11.83 -57.55
N SER F 381 21.75 10.72 -58.27
CA SER F 381 20.60 10.20 -59.01
C SER F 381 20.17 8.88 -58.38
N LEU F 382 18.93 8.83 -57.92
CA LEU F 382 18.39 7.66 -57.23
C LEU F 382 16.88 7.70 -57.32
N SER F 383 16.25 6.58 -56.96
CA SER F 383 14.80 6.43 -57.10
C SER F 383 14.21 5.90 -55.80
N VAL F 384 12.88 5.76 -55.81
CA VAL F 384 12.12 5.28 -54.65
C VAL F 384 10.79 4.73 -55.18
N SER F 385 10.32 3.64 -54.57
CA SER F 385 9.03 3.07 -54.94
C SER F 385 7.89 3.93 -54.41
N ARG F 386 6.74 3.80 -55.06
CA ARG F 386 5.55 4.52 -54.61
C ARG F 386 4.83 3.81 -53.47
N ARG F 387 5.09 2.52 -53.29
CA ARG F 387 4.42 1.74 -52.26
C ARG F 387 5.13 1.86 -50.90
N ALA F 388 6.22 2.62 -50.84
CA ALA F 388 7.04 2.72 -49.64
C ALA F 388 6.31 3.50 -48.54
N ARG F 389 6.84 3.39 -47.33
CA ARG F 389 6.23 3.91 -46.13
C ARG F 389 7.17 4.92 -45.47
N ARG F 390 6.74 5.45 -44.33
CA ARG F 390 7.51 6.46 -43.63
C ARG F 390 8.73 5.83 -42.96
N PHE F 391 9.84 6.57 -42.92
CA PHE F 391 11.15 6.14 -42.41
C PHE F 391 11.65 4.90 -43.16
N ALA F 392 11.89 5.09 -44.45
CA ALA F 392 12.46 4.06 -45.30
C ALA F 392 13.76 4.61 -45.89
N GLN F 393 14.88 3.94 -45.59
CA GLN F 393 16.17 4.43 -46.06
C GLN F 393 16.34 4.18 -47.54
N ILE F 394 16.82 5.20 -48.26
CA ILE F 394 17.03 5.13 -49.70
C ILE F 394 18.52 5.13 -50.04
N GLY F 395 19.22 6.20 -49.68
CA GLY F 395 20.62 6.32 -50.04
C GLY F 395 21.37 7.15 -49.02
N LYS F 396 22.66 7.31 -49.28
CA LYS F 396 23.56 8.05 -48.40
C LYS F 396 24.15 9.24 -49.14
N VAL F 397 24.19 10.37 -48.44
CA VAL F 397 24.99 11.52 -48.84
C VAL F 397 26.25 11.48 -47.99
N CYS F 398 27.41 11.74 -48.61
CA CYS F 398 28.67 11.63 -47.88
C CYS F 398 29.72 12.50 -48.55
N VAL F 399 30.43 13.30 -47.74
CA VAL F 399 31.66 13.94 -48.20
C VAL F 399 32.67 12.84 -48.52
N GLU F 400 33.45 13.04 -49.59
CA GLU F 400 34.11 11.97 -50.35
C GLU F 400 35.03 11.09 -49.49
N ASN F 401 35.80 11.70 -48.60
CA ASN F 401 36.64 10.94 -47.67
C ASN F 401 35.82 10.54 -46.45
N CYS F 402 34.90 9.59 -46.68
CA CYS F 402 33.82 9.25 -45.75
C CYS F 402 34.29 8.73 -44.40
N GLN F 403 34.92 7.56 -44.38
CA GLN F 403 35.25 6.88 -43.14
C GLN F 403 36.64 7.21 -42.62
N ALA F 404 37.12 8.42 -42.89
CA ALA F 404 38.40 8.87 -42.38
C ALA F 404 38.29 10.07 -41.45
N PHE F 405 37.12 10.71 -41.37
CA PHE F 405 36.94 11.78 -40.40
C PHE F 405 36.75 11.19 -39.02
N SER F 406 37.40 11.80 -38.03
CA SER F 406 37.27 11.35 -36.65
C SER F 406 36.70 12.41 -35.74
N GLY F 407 37.29 13.60 -35.71
CA GLY F 407 36.85 14.63 -34.78
C GLY F 407 36.26 15.86 -35.44
N ILE F 408 35.45 15.67 -36.48
CA ILE F 408 34.87 16.78 -37.25
C ILE F 408 33.38 16.57 -37.38
N ASN F 409 32.59 17.57 -36.98
CA ASN F 409 31.15 17.54 -37.07
C ASN F 409 30.70 18.12 -38.41
N VAL F 410 30.01 17.31 -39.22
CA VAL F 410 29.54 17.72 -40.54
C VAL F 410 28.08 17.29 -40.65
N GLN F 411 27.16 18.26 -40.61
CA GLN F 411 25.73 17.98 -40.73
C GLN F 411 25.24 18.30 -42.13
N TYR F 412 24.17 17.63 -42.54
CA TYR F 412 23.60 17.77 -43.86
C TYR F 412 22.15 18.23 -43.75
N LYS F 413 21.71 19.01 -44.73
CA LYS F 413 20.33 19.53 -44.77
C LYS F 413 19.75 19.31 -46.16
N LEU F 414 18.49 19.72 -46.32
CA LEU F 414 17.80 19.71 -47.61
C LEU F 414 17.18 21.07 -47.87
N HIS F 415 17.06 21.40 -49.15
CA HIS F 415 16.41 22.64 -49.58
C HIS F 415 15.60 22.33 -50.83
N SER F 416 14.29 22.21 -50.68
CA SER F 416 13.42 21.94 -51.82
C SER F 416 13.27 23.18 -52.68
N SER F 417 13.43 23.02 -53.99
CA SER F 417 13.31 24.15 -54.89
C SER F 417 11.85 24.49 -55.19
N GLY F 418 11.00 23.47 -55.29
CA GLY F 418 9.59 23.72 -55.54
C GLY F 418 8.83 24.21 -54.33
N ALA F 419 9.31 23.83 -53.13
CA ALA F 419 8.73 24.21 -51.83
C ALA F 419 7.26 23.81 -51.70
N ASN F 420 6.89 22.69 -52.32
CA ASN F 420 5.50 22.22 -52.31
C ASN F 420 5.46 20.73 -51.98
N CYS F 421 6.55 20.03 -52.27
CA CYS F 421 6.54 18.57 -52.33
C CYS F 421 7.51 17.95 -51.33
N SER F 422 7.47 18.40 -50.07
CA SER F 422 8.35 17.90 -49.03
C SER F 422 8.09 16.44 -48.73
N THR F 423 9.00 15.57 -49.15
CA THR F 423 8.86 14.12 -48.99
C THR F 423 10.03 13.51 -48.25
N LEU F 424 11.26 13.92 -48.55
CA LEU F 424 12.44 13.28 -48.02
C LEU F 424 12.99 14.05 -46.82
N GLY F 425 13.88 13.38 -46.09
CA GLY F 425 14.52 13.99 -44.94
C GLY F 425 15.89 13.39 -44.74
N VAL F 426 16.72 14.13 -44.01
CA VAL F 426 18.13 13.79 -43.80
C VAL F 426 18.43 13.85 -42.32
N VAL F 427 18.94 12.75 -41.78
CA VAL F 427 19.57 12.76 -40.46
C VAL F 427 21.04 12.44 -40.64
N THR F 428 21.84 12.94 -39.69
CA THR F 428 23.30 12.87 -39.76
C THR F 428 23.77 11.75 -38.84
N SER F 429 24.08 10.60 -39.41
CA SER F 429 24.75 9.53 -38.68
C SER F 429 26.20 9.93 -38.47
N ALA F 430 26.57 10.20 -37.21
CA ALA F 430 27.91 10.63 -36.86
C ALA F 430 28.90 9.47 -36.74
N GLU F 431 28.46 8.24 -36.97
CA GLU F 431 29.37 7.11 -36.98
C GLU F 431 30.30 7.17 -38.19
N ASP F 432 29.74 7.35 -39.37
CA ASP F 432 30.50 7.57 -40.59
C ASP F 432 30.56 9.04 -40.99
N THR F 433 29.89 9.91 -40.23
CA THR F 433 29.61 11.31 -40.57
C THR F 433 29.00 11.42 -41.96
N SER F 434 27.88 10.73 -42.15
CA SER F 434 27.17 10.71 -43.41
C SER F 434 25.68 10.89 -43.15
N GLY F 435 24.96 11.39 -44.14
CA GLY F 435 23.54 11.67 -44.01
C GLY F 435 22.72 10.62 -44.73
N ILE F 436 21.57 10.29 -44.16
CA ILE F 436 20.73 9.21 -44.64
C ILE F 436 19.45 9.80 -45.21
N LEU F 437 19.12 9.43 -46.45
CA LEU F 437 17.89 9.89 -47.09
C LEU F 437 16.75 8.95 -46.72
N PHE F 438 15.73 9.49 -46.05
CA PHE F 438 14.58 8.67 -45.66
C PHE F 438 13.28 9.37 -46.00
N VAL F 439 12.28 8.58 -46.40
CA VAL F 439 10.97 9.10 -46.74
C VAL F 439 10.27 9.56 -45.47
N ASN F 440 9.92 10.84 -45.42
CA ASN F 440 9.28 11.42 -44.26
C ASN F 440 7.77 11.57 -44.40
N ASP F 441 7.29 11.92 -45.58
CA ASP F 441 5.86 12.18 -45.81
C ASP F 441 5.34 11.24 -46.88
N THR F 442 4.33 10.45 -46.52
CA THR F 442 3.74 9.49 -47.44
C THR F 442 2.71 10.14 -48.36
N LYS F 443 2.10 11.24 -47.92
CA LYS F 443 1.06 11.90 -48.71
C LYS F 443 1.62 12.55 -49.96
N ALA F 444 2.75 13.25 -49.82
CA ALA F 444 3.36 13.91 -50.97
C ALA F 444 4.00 12.93 -51.94
N LEU F 445 4.29 11.70 -51.49
CA LEU F 445 4.92 10.72 -52.36
C LEU F 445 3.91 10.05 -53.28
N ARG F 446 2.64 9.96 -52.86
CA ARG F 446 1.61 9.29 -53.63
C ARG F 446 0.93 10.22 -54.64
N ARG F 447 1.18 11.52 -54.57
CA ARG F 447 0.59 12.46 -55.50
C ARG F 447 1.22 12.30 -56.88
N PRO F 448 0.43 12.37 -57.96
CA PRO F 448 0.99 12.30 -59.30
C PRO F 448 1.62 13.59 -59.78
N LYS F 449 1.51 14.68 -59.01
CA LYS F 449 2.12 15.95 -59.37
C LYS F 449 3.57 16.04 -58.94
N CYS F 450 3.89 15.50 -57.77
CA CYS F 450 5.26 15.55 -57.23
C CYS F 450 5.98 14.25 -57.56
N ALA F 451 6.24 14.07 -58.85
CA ALA F 451 6.81 12.82 -59.35
C ALA F 451 8.28 12.91 -59.71
N GLU F 452 8.85 14.12 -59.81
CA GLU F 452 10.27 14.29 -60.07
C GLU F 452 10.76 15.39 -59.14
N LEU F 453 11.50 15.02 -58.10
CA LEU F 453 11.85 15.95 -57.04
C LEU F 453 13.29 16.40 -57.19
N HIS F 454 13.49 17.70 -56.96
CA HIS F 454 14.77 18.37 -57.11
C HIS F 454 15.15 19.01 -55.78
N TYR F 455 16.25 18.54 -55.18
CA TYR F 455 16.71 19.03 -53.89
C TYR F 455 18.14 19.55 -54.02
N MET F 456 18.50 20.44 -53.11
CA MET F 456 19.84 21.02 -53.04
C MET F 456 20.43 20.62 -51.69
N VAL F 457 21.23 19.56 -51.68
CA VAL F 457 21.80 19.04 -50.44
C VAL F 457 22.96 19.93 -50.03
N VAL F 458 22.95 20.39 -48.79
CA VAL F 458 23.96 21.31 -48.27
C VAL F 458 24.71 20.62 -47.15
N ALA F 459 26.04 20.53 -47.31
CA ALA F 459 26.92 19.91 -46.33
C ALA F 459 27.58 21.02 -45.52
N THR F 460 27.24 21.09 -44.24
CA THR F 460 27.67 22.19 -43.38
C THR F 460 28.85 21.77 -42.52
N ASP F 461 29.23 22.64 -41.59
CA ASP F 461 30.29 22.36 -40.64
C ASP F 461 30.00 23.18 -39.39
N GLN F 462 30.40 22.65 -38.23
CA GLN F 462 29.97 23.24 -36.97
C GLN F 462 30.93 24.31 -36.45
N GLN F 463 32.23 24.01 -36.42
CA GLN F 463 33.19 24.98 -35.90
C GLN F 463 33.40 26.14 -36.86
N THR F 464 33.63 25.86 -38.13
CA THR F 464 33.77 26.86 -39.16
C THR F 464 32.52 26.80 -40.03
N SER F 465 32.11 27.93 -40.61
CA SER F 465 30.90 27.96 -41.41
C SER F 465 31.12 27.56 -42.87
N ARG F 466 32.21 26.85 -43.18
CA ARG F 466 32.45 26.37 -44.53
C ARG F 466 31.44 25.29 -44.89
N GLN F 467 31.02 25.28 -46.17
CA GLN F 467 29.96 24.37 -46.59
C GLN F 467 30.18 23.97 -48.04
N ALA F 468 29.34 23.05 -48.50
CA ALA F 468 29.32 22.63 -49.89
C ALA F 468 27.89 22.28 -50.25
N GLN F 469 27.65 22.05 -51.53
CA GLN F 469 26.28 21.76 -51.97
C GLN F 469 26.31 20.87 -53.21
N ALA F 470 25.21 20.16 -53.40
CA ALA F 470 25.09 19.20 -54.50
C ALA F 470 23.63 19.06 -54.90
N GLN F 471 23.42 18.50 -56.08
CA GLN F 471 22.09 18.32 -56.65
C GLN F 471 21.57 16.92 -56.33
N LEU F 472 20.28 16.84 -55.99
CA LEU F 472 19.63 15.57 -55.70
C LEU F 472 18.37 15.48 -56.55
N LEU F 473 18.43 14.72 -57.64
CA LEU F 473 17.26 14.41 -58.45
C LEU F 473 16.76 13.03 -58.03
N VAL F 474 15.48 12.94 -57.69
CA VAL F 474 14.89 11.65 -57.30
C VAL F 474 13.55 11.47 -57.99
N THR F 475 13.39 10.33 -58.65
CA THR F 475 12.18 9.99 -59.39
C THR F 475 11.37 8.98 -58.59
N VAL F 476 10.10 9.27 -58.42
CA VAL F 476 9.19 8.44 -57.64
C VAL F 476 8.47 7.53 -58.63
N GLU F 477 8.74 6.23 -58.56
CA GLU F 477 8.38 5.28 -59.60
C GLU F 477 7.58 4.12 -59.03
N GLY F 478 6.51 3.74 -59.72
CA GLY F 478 5.83 2.51 -59.42
C GLY F 478 4.33 2.63 -59.60
N SER F 479 3.65 1.54 -59.26
CA SER F 479 2.20 1.53 -59.14
C SER F 479 1.84 1.77 -57.67
N TYR F 480 0.58 1.53 -57.31
CA TYR F 480 0.13 1.65 -55.93
C TYR F 480 -0.92 0.59 -55.64
N VAL F 481 -0.73 -0.15 -54.55
CA VAL F 481 -1.69 -1.14 -54.07
C VAL F 481 -2.10 -0.72 -52.66
N ALA F 482 -3.41 -0.76 -52.39
CA ALA F 482 -3.90 -0.38 -51.08
C ALA F 482 -3.51 -1.42 -50.03
N GLU F 483 -3.55 -1.00 -48.77
CA GLU F 483 -3.06 -1.81 -47.67
C GLU F 483 -4.20 -2.55 -46.98
N GLU F 484 -3.89 -3.72 -46.43
CA GLU F 484 -4.88 -4.52 -45.73
C GLU F 484 -5.17 -3.95 -44.35
N ALA F 485 -6.43 -3.99 -43.95
CA ALA F 485 -6.85 -3.54 -42.62
C ALA F 485 -6.48 -4.53 -41.52
N GLY F 486 -6.13 -5.76 -41.88
CA GLY F 486 -5.71 -6.75 -40.90
C GLY F 486 -4.22 -6.79 -40.63
N CYS F 487 -3.46 -5.83 -41.14
CA CYS F 487 -2.03 -5.75 -40.91
C CYS F 487 -1.71 -4.88 -39.71
N PRO F 488 -0.69 -5.27 -38.92
CA PRO F 488 -0.22 -4.41 -37.84
C PRO F 488 0.64 -3.27 -38.33
N LEU F 489 1.19 -2.48 -37.41
CA LEU F 489 1.91 -1.28 -37.80
C LEU F 489 3.40 -1.55 -37.95
N SER F 490 3.89 -2.68 -37.45
CA SER F 490 5.29 -3.08 -37.53
C SER F 490 5.43 -4.43 -38.21
N CYS F 491 6.61 -4.66 -38.78
CA CYS F 491 6.94 -5.97 -39.34
C CYS F 491 7.17 -7.03 -38.26
N ALA F 492 7.69 -6.64 -37.10
CA ALA F 492 8.12 -7.60 -36.09
C ALA F 492 6.96 -8.26 -35.36
N VAL F 493 5.73 -7.80 -35.54
CA VAL F 493 4.59 -8.40 -34.87
C VAL F 493 4.29 -9.76 -35.48
N SER F 494 4.57 -9.93 -36.77
CA SER F 494 4.41 -11.22 -37.42
C SER F 494 5.39 -12.24 -36.87
N LYS F 495 5.01 -13.51 -36.97
CA LYS F 495 5.74 -14.57 -36.27
C LYS F 495 6.28 -15.61 -37.24
N ARG F 496 5.50 -15.96 -38.26
CA ARG F 496 5.90 -16.96 -39.24
C ARG F 496 6.42 -16.28 -40.50
N ARG F 497 6.72 -17.10 -41.51
CA ARG F 497 7.22 -16.56 -42.77
C ARG F 497 6.10 -16.04 -43.65
N LEU F 498 4.98 -16.79 -43.70
CA LEU F 498 3.88 -16.43 -44.59
C LEU F 498 3.16 -15.19 -44.09
N GLU F 499 3.06 -15.01 -42.78
CA GLU F 499 2.45 -13.80 -42.25
C GLU F 499 3.42 -12.63 -42.24
N CYS F 500 4.70 -12.87 -42.55
CA CYS F 500 5.66 -11.78 -42.68
C CYS F 500 5.71 -11.26 -44.12
N GLU F 501 5.85 -12.17 -45.09
CA GLU F 501 6.05 -11.75 -46.46
C GLU F 501 4.78 -11.32 -47.17
N GLU F 502 3.61 -11.60 -46.62
CA GLU F 502 2.34 -11.23 -47.23
C GLU F 502 1.74 -9.97 -46.61
N CYS F 503 2.55 -9.19 -45.90
CA CYS F 503 2.07 -7.98 -45.23
C CYS F 503 3.23 -7.02 -45.05
N GLY F 504 2.91 -5.74 -44.91
CA GLY F 504 3.89 -4.69 -44.79
C GLY F 504 3.93 -4.09 -43.40
N GLY F 505 5.00 -3.35 -43.15
CA GLY F 505 5.24 -2.68 -41.88
C GLY F 505 5.49 -1.21 -42.09
N LEU F 506 6.37 -0.66 -41.24
CA LEU F 506 6.65 0.77 -41.25
C LEU F 506 7.95 1.11 -41.96
N GLY F 507 9.06 0.47 -41.62
CA GLY F 507 10.33 0.88 -42.19
C GLY F 507 10.67 0.31 -43.55
N SER F 508 9.72 -0.33 -44.23
CA SER F 508 10.05 -1.05 -45.46
C SER F 508 10.28 -0.09 -46.61
N PRO F 509 11.25 -0.36 -47.48
CA PRO F 509 11.52 0.55 -48.60
C PRO F 509 10.67 0.24 -49.83
N THR F 510 10.04 -0.94 -49.86
CA THR F 510 9.25 -1.36 -51.01
C THR F 510 7.79 -1.63 -50.67
N GLY F 511 7.41 -1.60 -49.39
CA GLY F 511 6.04 -1.80 -48.99
C GLY F 511 5.76 -3.13 -48.34
N ARG F 512 6.67 -4.10 -48.46
CA ARG F 512 6.51 -5.40 -47.85
C ARG F 512 7.68 -5.70 -46.94
N CYS F 513 7.47 -6.64 -46.02
CA CYS F 513 8.48 -7.00 -45.04
C CYS F 513 9.32 -8.16 -45.56
N GLU F 514 10.51 -8.32 -44.97
CA GLU F 514 11.48 -9.32 -45.38
C GLU F 514 11.75 -10.28 -44.24
N TRP F 515 11.65 -11.57 -44.53
CA TRP F 515 11.85 -12.62 -43.55
C TRP F 515 13.26 -13.19 -43.68
N ARG F 516 14.06 -13.05 -42.62
CA ARG F 516 15.37 -13.69 -42.61
C ARG F 516 15.32 -14.94 -41.72
N GLN F 517 15.95 -16.00 -42.19
CA GLN F 517 15.92 -17.29 -41.49
C GLN F 517 17.28 -17.59 -40.87
N GLY F 518 17.26 -17.95 -39.59
CA GLY F 518 18.45 -18.32 -38.88
C GLY F 518 18.80 -19.78 -39.05
N ASP F 519 18.97 -20.48 -37.94
CA ASP F 519 19.43 -21.86 -37.94
C ASP F 519 19.00 -22.52 -36.63
N GLY F 520 19.34 -23.80 -36.49
CA GLY F 520 19.00 -24.54 -35.30
C GLY F 520 20.17 -24.78 -34.36
N LYS F 521 21.01 -23.75 -34.17
CA LYS F 521 22.20 -23.87 -33.34
C LYS F 521 22.03 -23.28 -31.95
N GLY F 522 20.80 -23.26 -31.43
CA GLY F 522 20.60 -22.74 -30.09
C GLY F 522 20.60 -21.23 -30.06
N ILE F 523 21.08 -20.68 -28.94
CA ILE F 523 21.12 -19.24 -28.73
C ILE F 523 22.26 -18.67 -29.55
N THR F 524 21.93 -18.11 -30.71
CA THR F 524 22.91 -17.59 -31.65
C THR F 524 22.54 -16.17 -32.06
N ARG F 525 23.47 -15.49 -32.71
CA ARG F 525 23.24 -14.18 -33.30
C ARG F 525 22.42 -14.25 -34.57
N ASN F 526 22.29 -15.43 -35.18
CA ASN F 526 21.52 -15.62 -36.41
C ASN F 526 20.19 -16.24 -36.02
N PHE F 527 19.25 -15.37 -35.63
CA PHE F 527 17.91 -15.80 -35.23
C PHE F 527 16.91 -15.34 -36.29
N SER F 528 15.97 -16.21 -36.63
CA SER F 528 15.03 -15.93 -37.70
C SER F 528 14.00 -14.89 -37.26
N THR F 529 13.80 -13.87 -38.08
CA THR F 529 12.89 -12.79 -37.71
C THR F 529 12.32 -12.13 -38.96
N CYS F 530 11.36 -11.22 -38.72
CA CYS F 530 10.74 -10.44 -39.77
C CYS F 530 11.16 -8.99 -39.62
N SER F 531 11.88 -8.46 -40.60
CA SER F 531 12.48 -7.15 -40.52
C SER F 531 12.06 -6.33 -41.73
N PRO F 532 12.05 -4.99 -41.62
CA PRO F 532 11.82 -4.16 -42.82
C PRO F 532 12.91 -4.33 -43.87
N SER F 533 14.16 -4.14 -43.47
CA SER F 533 15.31 -4.31 -44.35
C SER F 533 16.29 -5.25 -43.67
N THR F 534 16.64 -6.35 -44.35
CA THR F 534 17.59 -7.30 -43.80
C THR F 534 19.03 -6.80 -43.81
N LYS F 535 19.31 -5.63 -44.38
CA LYS F 535 20.62 -5.01 -44.28
C LYS F 535 20.68 -3.94 -43.21
N THR F 536 19.56 -3.59 -42.59
CA THR F 536 19.59 -2.49 -41.64
C THR F 536 18.97 -2.83 -40.29
N CYS F 537 17.85 -3.55 -40.27
CA CYS F 537 17.15 -3.77 -39.01
C CYS F 537 17.82 -4.81 -38.10
N PRO F 538 18.07 -6.11 -38.51
CA PRO F 538 18.68 -7.05 -37.57
C PRO F 538 20.21 -7.00 -37.60
N ASP F 539 20.76 -5.79 -37.52
CA ASP F 539 22.17 -5.52 -37.74
C ASP F 539 22.99 -5.45 -36.45
N GLY F 540 22.39 -5.03 -35.35
CA GLY F 540 23.11 -4.91 -34.11
C GLY F 540 23.44 -3.48 -33.76
N HIS F 541 23.00 -2.54 -34.61
CA HIS F 541 23.21 -1.12 -34.37
C HIS F 541 21.88 -0.40 -34.57
N CYS F 542 21.61 0.55 -33.69
CA CYS F 542 20.40 1.35 -33.72
C CYS F 542 20.76 2.74 -34.21
N ASP F 543 20.71 2.94 -35.52
CA ASP F 543 21.14 4.20 -36.12
C ASP F 543 20.06 5.27 -35.95
N VAL F 544 20.28 6.40 -36.61
CA VAL F 544 19.57 7.63 -36.30
C VAL F 544 18.16 7.57 -36.88
N VAL F 545 17.99 6.78 -37.94
CA VAL F 545 16.67 6.59 -38.54
C VAL F 545 15.79 5.70 -37.68
N GLU F 546 16.33 4.58 -37.20
CA GLU F 546 15.54 3.62 -36.43
C GLU F 546 15.16 4.12 -35.04
N THR F 547 15.90 5.08 -34.50
CA THR F 547 15.64 5.57 -33.15
C THR F 547 14.65 6.74 -33.12
N GLN F 548 14.03 7.07 -34.26
CA GLN F 548 13.06 8.16 -34.29
C GLN F 548 11.76 7.75 -33.61
N ASP F 549 11.09 6.75 -34.16
CA ASP F 549 9.86 6.22 -33.59
C ASP F 549 10.01 4.71 -33.46
N ILE F 550 9.70 4.16 -32.29
CA ILE F 550 9.97 2.75 -32.08
C ILE F 550 8.76 1.96 -32.56
N ASN F 551 8.67 1.78 -33.86
CA ASN F 551 7.80 0.81 -34.52
C ASN F 551 8.57 0.21 -35.68
N ILE F 552 9.68 0.86 -36.03
CA ILE F 552 10.46 0.54 -37.22
C ILE F 552 11.17 -0.79 -37.01
N CYS F 553 12.01 -0.85 -35.98
CA CYS F 553 12.86 -2.00 -35.73
C CYS F 553 13.06 -2.15 -34.23
N PRO F 554 12.16 -2.88 -33.55
CA PRO F 554 12.26 -3.02 -32.09
C PRO F 554 13.36 -3.99 -31.68
N GLN F 555 13.69 -4.94 -32.56
CA GLN F 555 14.69 -5.96 -32.31
C GLN F 555 16.13 -5.47 -32.50
N ASP F 556 16.31 -4.16 -32.59
CA ASP F 556 17.62 -3.52 -32.54
C ASP F 556 17.64 -2.32 -31.63
N CYS F 557 16.48 -1.89 -31.10
CA CYS F 557 16.39 -0.59 -30.46
C CYS F 557 15.56 -0.59 -29.17
N LEU F 558 15.09 -1.74 -28.68
CA LEU F 558 14.11 -1.67 -27.59
C LEU F 558 14.80 -1.52 -26.23
N ARG F 559 14.03 -1.02 -25.27
CA ARG F 559 14.42 -0.97 -23.86
C ARG F 559 13.34 -1.73 -23.10
N GLY F 560 13.47 -3.05 -23.03
CA GLY F 560 12.43 -3.86 -22.41
C GLY F 560 12.91 -5.19 -21.89
N SER F 561 12.12 -6.23 -22.12
CA SER F 561 12.44 -7.57 -21.64
C SER F 561 12.18 -8.57 -22.73
N ILE F 562 13.01 -9.62 -22.77
CA ILE F 562 12.89 -10.69 -23.74
C ILE F 562 12.52 -11.96 -23.00
N VAL F 563 11.44 -12.60 -23.42
CA VAL F 563 10.93 -13.81 -22.80
C VAL F 563 11.40 -15.00 -23.62
N GLY F 564 12.16 -15.88 -22.97
CA GLY F 564 12.74 -17.04 -23.62
C GLY F 564 14.23 -17.09 -23.40
N GLY F 565 14.85 -18.09 -24.02
CA GLY F 565 16.30 -18.21 -23.97
C GLY F 565 16.94 -17.17 -24.85
N HIS F 566 17.60 -16.18 -24.26
CA HIS F 566 18.09 -15.05 -25.02
C HIS F 566 19.46 -14.66 -24.50
N GLU F 567 19.95 -13.55 -25.04
CA GLU F 567 21.16 -12.88 -24.59
C GLU F 567 21.01 -11.42 -25.00
N PRO F 568 21.06 -10.49 -24.05
CA PRO F 568 20.61 -9.12 -24.33
C PRO F 568 21.62 -8.31 -25.11
N GLY F 569 21.10 -7.34 -25.87
CA GLY F 569 21.96 -6.39 -26.56
C GLY F 569 22.71 -5.51 -25.59
N GLU F 570 23.88 -5.06 -26.01
CA GLU F 570 24.80 -4.48 -25.04
C GLU F 570 24.43 -3.03 -24.69
N PRO F 571 24.08 -2.12 -25.64
CA PRO F 571 23.36 -0.91 -25.21
C PRO F 571 21.88 -1.20 -25.01
N ARG F 572 21.32 -1.97 -25.94
CA ARG F 572 19.90 -2.24 -26.09
C ARG F 572 19.73 -3.20 -27.26
N GLY F 573 18.58 -3.84 -27.31
CA GLY F 573 18.24 -4.72 -28.42
C GLY F 573 18.29 -6.17 -28.03
N ILE F 574 18.20 -7.03 -29.05
CA ILE F 574 18.33 -8.46 -28.89
C ILE F 574 19.65 -8.86 -29.53
N LYS F 575 20.61 -9.31 -28.71
CA LYS F 575 21.90 -9.74 -29.23
C LYS F 575 21.85 -11.18 -29.70
N ALA F 576 21.12 -12.03 -28.99
CA ALA F 576 20.97 -13.43 -29.41
C ALA F 576 19.64 -13.96 -28.89
N GLY F 577 19.04 -14.85 -29.69
CA GLY F 577 17.76 -15.44 -29.31
C GLY F 577 17.67 -16.87 -29.77
N TYR F 578 16.71 -17.60 -29.19
CA TYR F 578 16.54 -19.02 -29.45
C TYR F 578 15.31 -19.21 -30.32
N GLY F 579 15.52 -19.57 -31.58
CA GLY F 579 14.42 -19.79 -32.50
C GLY F 579 13.95 -18.50 -33.11
N THR F 580 12.63 -18.35 -33.26
CA THR F 580 12.04 -17.14 -33.82
C THR F 580 11.87 -16.09 -32.73
N CYS F 581 12.11 -14.83 -33.08
CA CYS F 581 11.96 -13.74 -32.14
C CYS F 581 11.04 -12.69 -32.73
N ASN F 582 9.87 -12.51 -32.12
CA ASN F 582 8.96 -11.43 -32.47
C ASN F 582 8.87 -10.44 -31.32
N CYS F 583 8.33 -9.25 -31.60
CA CYS F 583 8.37 -8.19 -30.60
C CYS F 583 7.11 -7.34 -30.65
N PHE F 584 6.56 -7.04 -29.48
CA PHE F 584 5.50 -6.06 -29.31
C PHE F 584 6.12 -4.79 -28.77
N PRO F 585 6.30 -3.75 -29.60
CA PRO F 585 6.93 -2.51 -29.10
C PRO F 585 5.97 -1.61 -28.34
N GLU F 586 4.66 -1.85 -28.44
CA GLU F 586 3.70 -1.07 -27.67
C GLU F 586 3.72 -1.43 -26.20
N GLU F 587 4.23 -2.61 -25.85
CA GLU F 587 4.37 -3.03 -24.46
C GLU F 587 5.82 -3.17 -24.04
N GLU F 588 6.77 -2.92 -24.96
CA GLU F 588 8.20 -3.12 -24.78
C GLU F 588 8.52 -4.56 -24.34
N LYS F 589 8.16 -5.50 -25.22
CA LYS F 589 8.38 -6.90 -24.88
C LYS F 589 8.76 -7.66 -26.15
N CYS F 590 9.61 -8.68 -26.00
CA CYS F 590 9.91 -9.56 -27.12
C CYS F 590 9.79 -11.00 -26.66
N PHE F 591 9.52 -11.89 -27.61
CA PHE F 591 9.43 -13.32 -27.37
C PHE F 591 10.42 -14.02 -28.30
N CYS F 592 11.31 -14.82 -27.72
CA CYS F 592 12.21 -15.68 -28.47
C CYS F 592 11.90 -17.13 -28.12
N GLU F 593 11.51 -17.90 -29.12
CA GLU F 593 10.89 -19.20 -28.93
C GLU F 593 10.94 -19.97 -30.25
N PRO F 594 11.22 -21.28 -30.23
CA PRO F 594 11.18 -22.04 -31.48
C PRO F 594 9.75 -22.31 -31.96
CA CA G . -70.31 20.36 30.01
CA CA H . -65.46 17.71 30.00
CA CA I . -61.75 14.58 34.03
CA CA J . -29.69 -25.46 15.22
C1 NAG K . -54.87 16.60 43.52
C2 NAG K . -54.84 16.60 45.04
C3 NAG K . -55.02 18.02 45.57
C4 NAG K . -53.97 18.94 44.98
C5 NAG K . -53.99 18.87 43.45
C6 NAG K . -52.85 19.63 42.81
C7 NAG K . -55.62 14.86 46.59
C8 NAG K . -56.76 14.04 47.06
N2 NAG K . -55.86 15.72 45.59
O3 NAG K . -54.93 18.01 46.99
O4 NAG K . -54.20 20.28 45.40
O5 NAG K . -53.87 17.50 43.01
O6 NAG K . -51.59 19.11 43.24
O7 NAG K . -54.50 14.78 47.10
C1 NAG L . -58.85 -8.66 47.69
C2 NAG L . -60.11 -9.48 47.43
C3 NAG L . -61.19 -9.12 48.43
C4 NAG L . -60.68 -9.25 49.86
C5 NAG L . -59.41 -8.42 50.04
C6 NAG L . -58.77 -8.59 51.40
C7 NAG L . -61.13 -10.26 45.33
C8 NAG L . -61.57 -9.89 43.96
N2 NAG L . -60.59 -9.28 46.06
O3 NAG L . -62.32 -9.97 48.25
O4 NAG L . -61.67 -8.80 50.78
O5 NAG L . -58.43 -8.83 49.07
O6 NAG L . -58.83 -9.95 51.83
O7 NAG L . -61.26 -11.40 45.78
C1 NAG M . -15.58 -31.34 27.44
C2 NAG M . -15.87 -30.39 28.60
C3 NAG M . -14.83 -29.29 28.65
C4 NAG M . -13.42 -29.87 28.69
C5 NAG M . -13.22 -30.82 27.52
C6 NAG M . -11.89 -31.54 27.55
C7 NAG M . -18.15 -30.00 29.45
C8 NAG M . -19.47 -29.34 29.18
N2 NAG M . -17.21 -29.84 28.50
O3 NAG M . -15.05 -28.47 29.80
O4 NAG M . -12.45 -28.83 28.63
O5 NAG M . -14.23 -31.84 27.54
O6 NAG M . -11.44 -31.74 28.89
O7 NAG M . -17.92 -30.64 30.46
C1 NAG N . -45.76 -20.50 52.31
C2 NAG N . -45.37 -21.98 52.41
C3 NAG N . -46.58 -22.82 52.84
C4 NAG N . -47.17 -22.28 54.13
C5 NAG N . -47.52 -20.80 53.96
C6 NAG N . -48.00 -20.16 55.25
C7 NAG N . -43.85 -23.37 51.05
C8 NAG N . -43.45 -23.76 49.67
N2 NAG N . -44.85 -22.47 51.14
O3 NAG N . -46.18 -24.18 53.02
O4 NAG N . -48.35 -23.00 54.47
O5 NAG N . -46.36 -20.08 53.57
O6 NAG N . -48.35 -21.14 56.23
O7 NAG N . -43.32 -23.83 52.05
C1 NAG O . -56.10 2.95 21.54
C2 NAG O . -54.87 2.08 21.25
C3 NAG O . -54.81 1.76 19.75
C4 NAG O . -56.12 1.13 19.29
C5 NAG O . -57.30 2.03 19.66
C6 NAG O . -58.64 1.41 19.35
C7 NAG O . -53.04 2.46 22.84
C8 NAG O . -51.80 3.24 23.13
N2 NAG O . -53.65 2.74 21.68
O3 NAG O . -53.73 0.86 19.52
O4 NAG O . -56.10 0.95 17.89
O5 NAG O . -57.29 2.28 21.08
O6 NAG O . -58.62 0.72 18.11
O7 NAG O . -53.49 1.63 23.62
C1 NAG P . -33.23 -10.32 35.33
C2 NAG P . -31.75 -9.99 35.12
C3 NAG P . -31.40 -9.97 33.63
C4 NAG P . -31.83 -11.26 32.96
C5 NAG P . -33.31 -11.51 33.21
C6 NAG P . -33.79 -12.82 32.65
C7 NAG P . -30.88 -8.62 36.96
C8 NAG P . -30.59 -7.23 37.45
N2 NAG P . -31.41 -8.72 35.75
O3 NAG P . -30.00 -9.77 33.48
O4 NAG P . -31.60 -11.18 31.56
O5 NAG P . -33.56 -11.54 34.62
O6 NAG P . -32.81 -13.84 32.78
O7 NAG P . -30.63 -9.61 37.65
CA CA Q . 77.97 -0.46 -13.43
CA CA R . 72.79 1.31 -14.18
CA CA S . 69.78 6.20 -16.82
CA CA T . 19.65 -1.27 -37.24
C1 NAG U . 68.13 17.84 -15.16
C2 NAG U . 68.64 19.23 -15.55
C3 NAG U . 69.56 19.78 -14.46
C4 NAG U . 68.85 19.79 -13.11
C5 NAG U . 68.31 18.40 -12.78
C6 NAG U . 67.45 18.38 -11.55
C7 NAG U . 69.11 20.13 -17.78
C8 NAG U . 69.89 19.97 -19.05
N2 NAG U . 69.32 19.21 -16.83
O3 NAG U . 69.98 21.10 -14.80
O4 NAG U . 69.75 20.21 -12.09
O5 NAG U . 67.49 17.92 -13.86
O6 NAG U . 66.32 19.25 -11.70
O7 NAG U . 68.31 21.05 -17.62
C1 NAG V . 62.44 17.33 -40.41
C2 NAG V . 63.07 16.48 -41.52
C3 NAG V . 64.48 16.96 -41.83
C4 NAG V . 64.48 18.44 -42.15
C5 NAG V . 63.82 19.23 -41.02
C6 NAG V . 63.69 20.71 -41.32
C7 NAG V . 62.87 14.08 -42.02
C8 NAG V . 62.92 12.69 -41.47
N2 NAG V . 63.07 15.07 -41.14
O3 NAG V . 65.02 16.23 -42.93
O4 NAG V . 65.82 18.90 -42.31
O5 NAG V . 62.49 18.73 -40.80
O6 NAG V . 63.34 20.93 -42.67
O7 NAG V . 62.66 14.31 -43.21
C1 NAG W . 9.61 15.09 -40.99
C2 NAG W . 10.64 16.12 -40.54
C3 NAG W . 10.24 16.71 -39.19
C4 NAG W . 8.83 17.29 -39.26
C5 NAG W . 7.86 16.21 -39.75
C6 NAG W . 6.46 16.74 -39.96
C7 NAG W . 13.01 15.95 -41.16
C8 NAG W . 14.30 15.21 -40.95
N2 NAG W . 11.97 15.51 -40.46
O3 NAG W . 11.17 17.74 -38.84
O4 NAG W . 8.43 17.74 -37.97
O5 NAG W . 8.30 15.69 -41.01
O6 NAG W . 6.46 18.11 -40.32
O7 NAG W . 12.92 16.90 -41.93
C1 NAG X . 48.13 25.81 -47.91
C2 NAG X . 47.22 25.91 -49.15
C3 NAG X . 48.03 25.70 -50.42
C4 NAG X . 49.21 26.67 -50.48
C5 NAG X . 50.06 26.53 -49.22
C6 NAG X . 51.18 27.54 -49.14
C7 NAG X . 44.90 25.20 -49.52
C8 NAG X . 43.90 24.08 -49.39
N2 NAG X . 46.14 24.94 -49.08
O3 NAG X . 47.20 25.89 -51.56
O4 NAG X . 50.02 26.40 -51.61
O5 NAG X . 49.24 26.74 -48.05
O6 NAG X . 51.40 28.17 -50.39
O7 NAG X . 44.60 26.28 -50.03
C1 NAG Y . 55.86 -3.85 -22.15
C2 NAG Y . 54.36 -3.68 -22.43
C3 NAG Y . 53.65 -5.04 -22.32
C4 NAG Y . 54.33 -6.08 -23.21
C5 NAG Y . 55.82 -6.14 -22.90
C6 NAG Y . 56.58 -7.06 -23.82
C7 NAG Y . 53.53 -1.44 -21.89
C8 NAG Y . 52.90 -0.57 -20.84
N2 NAG Y . 53.76 -2.72 -21.54
O3 NAG Y . 52.29 -4.88 -22.70
O4 NAG Y . 53.74 -7.35 -23.00
O5 NAG Y . 56.41 -4.84 -23.03
O6 NAG Y . 55.84 -8.23 -24.12
O7 NAG Y . 53.82 -1.01 -23.00
C1 NAG Z . 35.92 16.87 -30.02
C2 NAG Z . 34.73 17.36 -29.17
C3 NAG Z . 33.94 16.16 -28.65
C4 NAG Z . 33.52 15.24 -29.78
C5 NAG Z . 34.75 14.81 -30.58
C6 NAG Z . 34.41 13.97 -31.78
C7 NAG Z . 35.21 19.52 -28.12
C8 NAG Z . 35.72 20.22 -26.90
N2 NAG Z . 35.20 18.19 -28.07
O3 NAG Z . 32.78 16.63 -27.96
O4 NAG Z . 32.88 14.08 -29.26
O5 NAG Z . 35.44 15.98 -31.05
O6 NAG Z . 33.20 14.40 -32.39
O7 NAG Z . 34.83 20.14 -29.12
#